data_8K3X
#
_entry.id   8K3X
#
_cell.length_a   1.00
_cell.length_b   1.00
_cell.length_c   1.00
_cell.angle_alpha   90.00
_cell.angle_beta   90.00
_cell.angle_gamma   90.00
#
_symmetry.space_group_name_H-M   'P 1'
#
loop_
_entity.id
_entity.type
_entity.pdbx_description
1 polymer 'Chitin synthase 1'
2 non-polymer '(2S)-{[(2S,3S,4S)-2-amino-4-hydroxy-4-(5-hydroxypyridin-2-yl)-3-methylbutanoyl]amino}[(2R,3S,4R,5R)-5-(2,4-dioxo-3,4-dihydropyrimidin-1(2H)-yl)-3,4-dihydroxyoxolan-2-yl]acetic acid (non-preferred name)'
#
_entity_poly.entity_id   1
_entity_poly.type   'polypeptide(L)'
_entity_poly.pdbx_seq_one_letter_code
;MSDQNNRSRNEYHSNRKNEPSYELQNAHSGLFHSSNEELTNRNQRYTNQNASMGSFTPVQSLQFPEQSQQTNMLYNGDDG
NNNTINDNERDIYGGFVNHHRQRPPPATAEYNDVFNTNSQQLPSEHQYNNVPSYPLPSINVIQTTPELIHNGSQTMATPI
ERPFFNENDYYYNNRNSRTSPSIASSSDGYADQEARPILEQPNNNMNSGNIPQYHDQPFGYNNGYHGLQAKDYYDDPEGG
YIDQRGDDYQINSYLGRNGEMVDPYDYENSLRHMTPMERREYLHDDSRPVNDGKEELDSVKSGYSHRDLGEYDKDDFSRD
DEYDDLNTIDKLQFQANGVPASSSVSSIGSKESDIIVSNDNLTANRALKRSGTEIRKFKLWNGNFVFDSPISKTLLDQYA
TTTENANTLPNEFKFMRYQAVTCEPNQLAEKNFTVRQLKYLTPRETELMLVVTMYNEDHILLGRTLKGIMDNVKYMVKKK
NSSTWGPDAWKKIVVCIISDGRSKINERSLALLSSLGCYQDGFAKDEINEKKVAMHVYEHTTMINITNISESEVSLECNQ
GTVPIQLLFCLKEQNQKKINSHRWAFEGFAELLRPNIVTLLDAGTMPGKDSIYQLWREFRNPNVGGACGEIRTDLGKRFV
KLLNPLVASQNFEYKMSNILDKTTESNFGFITVLPGAFSAYRFEAVRGQPLQKYFYGEIMENEGFHFFSSNMYLAEDRIL
CFEVVTKKNCNWILKYCRSSYASTDVPERVPEFILQRRRWLNGSFFASVYSFCHFYRVWSSGHNIGRKLLLTVEFFYLFF
NTLISWFSLSSFFLVFRILTVSIALAYHSAFNVLSVIFLWLYGICTLSTFILSLGNKPKSTEKFYVLTCVIFAVMMIYMI
FCSIFMSVKSFQNILKNDTISFEGLITTEAFRDIVISLGSTYCLYLISSIIYLQPWHMLTSFIQYILLSPSYINVLNIYA
FCNVHDLSWGTKGAMANPLGKINTTEDGTFKMEVLVSSSEIQANYDKYLKVLNDFDPKSESRPTEPSYDEKKTGYYANVR
SLVIIFWVITNFIIVAVVLETGGIADYIAMKSISTDDTLETAKKAEIPLMTSKASIYFNVILWLVALSALIRFIGCSIYM
IVRFFKKVTFR
;
_entity_poly.pdbx_strand_id   A,B
#
loop_
_chem_comp.id
_chem_comp.type
_chem_comp.name
_chem_comp.formula
BGI non-polymer '(2S)-{[(2S,3S,4S)-2-amino-4-hydroxy-4-(5-hydroxypyridin-2-yl)-3-methylbutanoyl]amino}[(2R,3S,4R,5R)-5-(2,4-dioxo-3,4-dihydropyrimidin-1(2H)-yl)-3,4-dihydroxyoxolan-2-yl]acetic acid (non-preferred name)' 'C20 H25 N5 O10'
#
# COMPACT_ATOMS: atom_id res chain seq x y z
N ASN A 382 11.17 30.16 38.57
CA ASN A 382 11.73 30.90 37.43
C ASN A 382 10.82 30.82 36.21
N GLY A 383 9.52 30.85 36.44
CA GLY A 383 8.55 30.71 35.37
C GLY A 383 8.28 29.28 34.94
N ASN A 384 8.90 28.30 35.60
CA ASN A 384 8.75 26.90 35.26
C ASN A 384 8.20 26.15 36.46
N PHE A 385 7.51 25.04 36.17
CA PHE A 385 6.88 24.25 37.22
C PHE A 385 7.82 23.15 37.67
N VAL A 386 8.21 23.18 38.95
CA VAL A 386 8.97 22.12 39.59
C VAL A 386 8.24 21.73 40.86
N PHE A 387 8.53 20.52 41.33
CA PHE A 387 7.85 19.99 42.51
C PHE A 387 8.82 19.02 43.18
N ASP A 388 8.67 18.85 44.48
CA ASP A 388 9.62 18.06 45.26
C ASP A 388 8.86 17.27 46.33
N SER A 389 8.57 16.01 46.04
CA SER A 389 7.78 15.18 46.92
C SER A 389 8.67 14.33 47.81
N PRO A 390 8.17 13.90 48.95
CA PRO A 390 8.89 12.89 49.73
C PRO A 390 8.55 11.48 49.25
N ILE A 391 9.47 10.56 49.52
CA ILE A 391 9.29 9.16 49.18
C ILE A 391 8.56 8.45 50.31
N SER A 392 8.06 7.25 50.04
CA SER A 392 7.36 6.49 51.07
C SER A 392 8.32 6.15 52.21
N LYS A 393 7.77 6.16 53.43
CA LYS A 393 8.59 5.85 54.60
C LYS A 393 9.12 4.42 54.56
N THR A 394 8.50 3.55 53.78
CA THR A 394 9.02 2.20 53.62
C THR A 394 10.39 2.22 52.93
N LEU A 395 10.56 3.12 51.96
CA LEU A 395 11.90 3.34 51.41
C LEU A 395 12.84 3.89 52.46
N LEU A 396 12.38 4.83 53.29
CA LEU A 396 13.20 5.36 54.36
C LEU A 396 13.67 4.27 55.30
N ASP A 397 12.87 3.22 55.46
CA ASP A 397 13.24 2.11 56.34
C ASP A 397 14.53 1.44 55.87
N GLN A 398 14.67 1.24 54.56
CA GLN A 398 15.94 0.65 54.03
C GLN A 398 17.02 1.72 53.95
N TYR A 399 16.65 2.98 53.66
CA TYR A 399 17.66 4.02 53.50
C TYR A 399 18.39 4.28 54.81
N ALA A 400 17.67 4.25 55.93
CA ALA A 400 18.32 4.43 57.23
C ALA A 400 19.31 3.30 57.51
N THR A 401 18.93 2.07 57.19
CA THR A 401 19.81 0.92 57.40
C THR A 401 21.06 1.02 56.54
N LEU A 409 20.59 11.33 57.04
CA LEU A 409 20.16 11.10 55.66
C LEU A 409 20.04 12.44 54.93
N PRO A 410 20.70 12.55 53.79
CA PRO A 410 20.79 13.83 53.10
C PRO A 410 19.54 14.16 52.29
N ASN A 411 19.55 15.36 51.73
CA ASN A 411 18.37 15.85 50.96
C ASN A 411 18.36 15.22 49.58
N GLU A 412 19.47 14.62 49.18
CA GLU A 412 19.51 13.92 47.90
C GLU A 412 18.71 12.63 47.93
N PHE A 413 18.56 12.01 49.10
CA PHE A 413 18.05 10.65 49.18
C PHE A 413 16.59 10.61 49.57
N LYS A 414 16.13 11.54 50.42
CA LYS A 414 14.79 11.49 50.96
C LYS A 414 13.73 12.10 50.06
N PHE A 415 14.19 12.85 49.05
CA PHE A 415 13.23 13.63 48.22
C PHE A 415 13.43 13.35 46.73
N MET A 416 12.41 13.62 45.91
CA MET A 416 12.50 13.45 44.44
C MET A 416 12.12 14.79 43.81
N ARG A 417 12.58 15.06 42.59
CA ARG A 417 12.29 16.37 41.92
C ARG A 417 11.53 16.09 40.63
N TYR A 418 10.37 16.72 40.46
CA TYR A 418 9.64 16.55 39.19
C TYR A 418 9.63 17.87 38.43
N GLN A 419 10.62 18.09 37.58
CA GLN A 419 10.58 19.29 36.73
C GLN A 419 9.70 18.92 35.54
N ALA A 420 8.84 19.82 35.07
CA ALA A 420 8.07 19.44 33.88
C ALA A 420 8.54 20.28 32.70
N VAL A 421 9.14 19.66 31.69
CA VAL A 421 9.68 20.38 30.52
C VAL A 421 8.56 20.50 29.49
N THR A 422 8.44 21.67 28.84
CA THR A 422 7.39 21.90 27.83
C THR A 422 8.06 22.40 26.56
N CYS A 423 9.28 22.91 26.66
CA CYS A 423 10.05 23.50 25.57
C CYS A 423 10.58 22.39 24.66
N GLU A 424 11.36 22.81 23.67
CA GLU A 424 12.05 21.89 22.80
C GLU A 424 13.29 21.33 23.50
N PRO A 425 13.77 20.15 23.08
CA PRO A 425 14.94 19.58 23.74
C PRO A 425 16.17 20.47 23.67
N ASN A 426 16.28 21.33 22.66
CA ASN A 426 17.44 22.19 22.52
C ASN A 426 17.28 23.53 23.20
N GLN A 427 16.43 23.62 24.24
CA GLN A 427 16.21 24.88 24.93
C GLN A 427 16.26 24.73 26.44
N LEU A 428 16.61 23.55 26.98
CA LEU A 428 16.54 23.34 28.42
C LEU A 428 17.34 24.38 29.20
N ALA A 429 18.47 24.82 28.67
CA ALA A 429 19.34 25.71 29.42
C ALA A 429 18.76 27.11 29.53
N GLU A 430 18.41 27.72 28.39
CA GLU A 430 17.96 29.10 28.39
C GLU A 430 16.50 29.26 28.81
N LYS A 431 15.78 28.17 29.05
CA LYS A 431 14.45 28.23 29.63
C LYS A 431 14.48 28.04 31.15
N ASN A 432 15.66 28.12 31.76
CA ASN A 432 15.82 28.07 33.22
C ASN A 432 15.36 26.72 33.79
N PHE A 433 15.72 25.64 33.11
CA PHE A 433 15.56 24.28 33.61
C PHE A 433 16.91 23.78 34.11
N THR A 434 16.89 23.08 35.24
CA THR A 434 18.13 22.55 35.82
C THR A 434 17.92 21.09 36.18
N VAL A 435 18.98 20.49 36.72
CA VAL A 435 18.94 19.16 37.31
C VAL A 435 19.68 19.23 38.64
N ARG A 436 19.41 18.24 39.49
CA ARG A 436 19.92 18.27 40.85
C ARG A 436 21.44 18.33 40.90
N GLN A 437 22.13 17.88 39.85
CA GLN A 437 23.58 17.87 39.88
C GLN A 437 24.16 19.27 39.89
N LEU A 438 23.45 20.24 39.34
CA LEU A 438 23.94 21.62 39.28
C LEU A 438 23.50 22.47 40.46
N LYS A 439 22.79 21.89 41.43
CA LYS A 439 22.20 22.66 42.51
C LYS A 439 23.00 22.62 43.80
N TYR A 440 23.87 21.64 43.98
CA TYR A 440 24.54 21.47 45.26
C TYR A 440 25.49 22.63 45.53
N LEU A 441 26.13 22.59 46.70
CA LEU A 441 27.05 23.66 47.07
C LEU A 441 28.20 23.75 46.09
N THR A 442 28.77 22.62 45.71
CA THR A 442 29.71 22.53 44.60
C THR A 442 29.08 21.64 43.53
N PRO A 443 28.79 22.15 42.34
CA PRO A 443 28.09 21.34 41.34
C PRO A 443 28.90 20.11 40.97
N ARG A 444 28.19 19.00 40.76
CA ARG A 444 28.82 17.74 40.42
C ARG A 444 29.27 17.74 38.97
N GLU A 445 30.42 17.12 38.72
CA GLU A 445 31.05 17.09 37.41
C GLU A 445 30.94 15.66 36.89
N THR A 446 30.07 15.46 35.91
CA THR A 446 29.73 14.12 35.44
C THR A 446 30.80 13.55 34.51
N GLU A 447 31.13 12.28 34.73
CA GLU A 447 32.12 11.58 33.93
C GLU A 447 31.50 10.60 32.94
N LEU A 448 30.29 10.15 33.19
CA LEU A 448 29.68 9.12 32.36
C LEU A 448 28.17 9.30 32.40
N LEU A 450 24.70 7.57 30.93
CA LEU A 450 24.19 6.34 30.33
C LEU A 450 22.74 6.56 29.95
N VAL A 451 22.46 6.48 28.65
CA VAL A 451 21.07 6.74 28.20
C VAL A 451 20.46 5.39 27.87
N VAL A 452 19.29 5.09 28.45
CA VAL A 452 18.66 3.77 28.24
C VAL A 452 17.31 3.99 27.56
N THR A 453 17.27 3.94 26.23
CA THR A 453 16.02 4.13 25.47
C THR A 453 15.03 2.99 25.74
N MET A 454 13.76 3.31 25.94
CA MET A 454 12.70 2.27 26.14
C MET A 454 11.39 2.75 25.52
N TYR A 455 10.57 1.83 25.01
CA TYR A 455 9.28 2.15 24.40
C TYR A 455 8.13 1.44 25.09
N ASN A 456 8.08 0.11 25.03
CA ASN A 456 7.05 -0.66 25.70
C ASN A 456 7.59 -1.97 26.25
N GLU A 457 8.90 -2.05 26.50
CA GLU A 457 9.47 -3.27 27.05
C GLU A 457 8.88 -3.54 28.43
N ASP A 458 8.73 -4.81 28.76
CA ASP A 458 8.15 -5.16 30.05
C ASP A 458 9.20 -4.90 31.13
N HIS A 459 8.93 -5.37 32.34
CA HIS A 459 9.83 -5.07 33.44
C HIS A 459 11.02 -6.01 33.53
N ILE A 460 10.98 -7.16 32.86
CA ILE A 460 12.14 -8.05 32.87
C ILE A 460 13.28 -7.46 32.05
N LEU A 461 12.96 -6.93 30.87
CA LEU A 461 14.00 -6.35 30.02
C LEU A 461 14.64 -5.14 30.69
N LEU A 462 13.81 -4.25 31.21
CA LEU A 462 14.33 -3.08 31.91
C LEU A 462 15.10 -3.50 33.16
N GLY A 463 14.64 -4.55 33.83
CA GLY A 463 15.38 -5.05 34.97
C GLY A 463 16.76 -5.53 34.58
N ARG A 464 16.87 -6.22 33.46
CA ARG A 464 18.17 -6.70 33.00
C ARG A 464 19.11 -5.54 32.71
N THR A 465 18.61 -4.53 32.00
CA THR A 465 19.47 -3.39 31.69
C THR A 465 19.94 -2.68 32.96
N LEU A 466 19.02 -2.46 33.90
CA LEU A 466 19.38 -1.78 35.14
C LEU A 466 20.32 -2.64 35.98
N LYS A 467 20.14 -3.95 35.96
CA LYS A 467 21.03 -4.82 36.71
C LYS A 467 22.45 -4.72 36.19
N GLY A 468 22.61 -4.74 34.87
CA GLY A 468 23.94 -4.57 34.30
C GLY A 468 24.56 -3.24 34.68
N MET A 470 23.89 -1.27 37.30
CA MET A 470 24.24 -1.21 38.72
C MET A 470 25.44 -2.09 39.04
N ASP A 471 25.55 -3.25 38.40
CA ASP A 471 26.74 -4.06 38.61
C ASP A 471 27.99 -3.33 38.16
N ASN A 472 27.93 -2.67 37.01
CA ASN A 472 29.09 -1.93 36.55
C ASN A 472 29.43 -0.80 37.50
N VAL A 473 28.41 -0.08 37.98
CA VAL A 473 28.69 1.03 38.90
C VAL A 473 29.34 0.51 40.17
N LYS A 474 28.84 -0.61 40.71
CA LYS A 474 29.44 -1.18 41.91
C LYS A 474 30.89 -1.58 41.67
N TYR A 475 31.15 -2.23 40.54
CA TYR A 475 32.52 -2.55 40.17
C TYR A 475 33.38 -1.30 40.14
N MET A 476 32.82 -0.20 39.68
CA MET A 476 33.60 1.01 39.51
C MET A 476 33.82 1.75 40.83
N VAL A 477 33.00 1.51 41.83
CA VAL A 477 33.32 2.16 43.14
C VAL A 477 34.36 1.28 43.80
N LYS A 478 34.18 -0.05 43.78
CA LYS A 478 35.14 -0.88 44.49
C LYS A 478 36.52 -0.88 43.85
N LYS A 479 36.67 -0.30 42.66
CA LYS A 479 37.96 -0.18 42.01
C LYS A 479 38.91 0.65 42.88
N LYS A 480 40.04 0.06 43.28
CA LYS A 480 40.91 0.70 44.25
C LYS A 480 41.95 1.60 43.59
N ASN A 481 42.79 1.03 42.73
CA ASN A 481 43.96 1.75 42.22
C ASN A 481 43.59 2.43 40.90
N SER A 482 42.99 3.61 41.03
CA SER A 482 42.57 4.36 39.86
C SER A 482 42.54 5.85 40.21
N SER A 483 42.82 6.68 39.20
CA SER A 483 42.79 8.12 39.40
C SER A 483 41.42 8.73 39.16
N THR A 484 40.49 7.99 38.56
CA THR A 484 39.16 8.51 38.26
C THR A 484 38.07 7.93 39.15
N TRP A 485 38.16 6.66 39.50
CA TRP A 485 37.14 6.00 40.28
C TRP A 485 37.66 5.68 41.68
N GLY A 486 36.72 5.57 42.61
CA GLY A 486 37.06 5.35 44.00
C GLY A 486 35.82 5.14 44.85
N PRO A 487 35.96 5.39 46.15
CA PRO A 487 34.82 5.15 47.05
C PRO A 487 33.59 5.98 46.71
N ASP A 488 33.75 7.16 46.12
CA ASP A 488 32.64 8.03 45.77
C ASP A 488 32.50 8.18 44.26
N ALA A 489 32.68 7.09 43.52
CA ALA A 489 32.62 7.15 42.08
C ALA A 489 31.21 7.37 41.58
N TRP A 490 30.20 6.89 42.31
CA TRP A 490 28.83 6.99 41.85
C TRP A 490 28.38 8.41 41.62
N LYS A 491 29.04 9.39 42.24
CA LYS A 491 28.66 10.78 42.02
C LYS A 491 28.97 11.26 40.61
N LYS A 492 29.82 10.53 39.88
CA LYS A 492 30.25 10.92 38.54
C LYS A 492 29.50 10.18 37.46
N ILE A 493 28.48 9.40 37.81
CA ILE A 493 27.73 8.58 36.87
C ILE A 493 26.25 8.90 37.04
N VAL A 494 25.58 9.19 35.94
CA VAL A 494 24.16 9.51 35.95
C VAL A 494 23.46 8.61 34.95
N CYS A 496 20.34 8.07 32.78
CA CYS A 496 19.18 8.73 32.18
C CYS A 496 18.34 7.69 31.44
N ILE A 497 17.10 7.52 31.87
CA ILE A 497 16.19 6.55 31.29
C ILE A 497 15.12 7.29 30.53
N ILE A 498 15.19 7.29 29.21
CA ILE A 498 14.27 8.05 28.39
C ILE A 498 13.14 7.12 27.96
N SER A 499 12.00 7.23 28.63
CA SER A 499 10.82 6.51 28.19
C SER A 499 10.28 7.21 26.95
N ASP A 500 9.14 6.76 26.45
CA ASP A 500 8.64 7.37 25.23
C ASP A 500 7.12 7.19 25.20
N GLY A 501 6.42 8.18 25.76
CA GLY A 501 4.96 8.16 25.83
C GLY A 501 4.40 7.44 27.03
N ARG A 502 3.40 8.02 27.68
CA ARG A 502 2.76 7.37 28.81
C ARG A 502 1.81 6.25 28.39
N SER A 503 1.20 6.38 27.21
CA SER A 503 0.22 5.38 26.79
C SER A 503 0.89 4.02 26.52
N LYS A 504 2.06 4.03 25.91
CA LYS A 504 2.70 2.78 25.50
C LYS A 504 3.51 2.14 26.61
N ILE A 505 3.94 2.90 27.63
CA ILE A 505 4.81 2.34 28.64
C ILE A 505 4.11 1.22 29.38
N ASN A 506 4.84 0.13 29.60
CA ASN A 506 4.30 -0.99 30.36
C ASN A 506 4.29 -0.66 31.84
N GLU A 507 3.09 -0.53 32.41
CA GLU A 507 2.97 -0.10 33.80
C GLU A 507 3.61 -1.08 34.77
N ARG A 508 3.89 -2.31 34.35
CA ARG A 508 4.69 -3.19 35.18
C ARG A 508 6.14 -2.74 35.23
N SER A 509 6.58 -1.89 34.32
CA SER A 509 7.88 -1.26 34.44
C SER A 509 7.83 0.05 35.20
N LEU A 510 6.73 0.80 35.09
CA LEU A 510 6.52 1.92 36.01
C LEU A 510 6.48 1.42 37.44
N ALA A 511 5.99 0.21 37.66
CA ALA A 511 6.06 -0.40 38.98
C ALA A 511 7.49 -0.47 39.47
N LEU A 512 8.41 -0.94 38.62
CA LEU A 512 9.79 -1.08 39.02
C LEU A 512 10.45 0.27 39.23
N LEU A 513 10.15 1.23 38.35
CA LEU A 513 10.72 2.56 38.51
C LEU A 513 10.25 3.22 39.80
N SER A 514 9.00 2.97 40.18
CA SER A 514 8.51 3.48 41.46
C SER A 514 9.13 2.74 42.62
N SER A 515 9.34 1.43 42.48
CA SER A 515 9.99 0.68 43.54
C SER A 515 11.39 1.22 43.80
N LEU A 516 12.10 1.58 42.74
CA LEU A 516 13.41 2.23 42.92
C LEU A 516 13.27 3.58 43.60
N GLY A 517 12.16 4.27 43.37
CA GLY A 517 11.93 5.55 43.97
C GLY A 517 12.08 6.74 43.07
N CYS A 518 11.85 6.57 41.76
CA CYS A 518 12.10 7.63 40.79
C CYS A 518 10.83 8.01 40.04
N TYR A 519 9.66 7.70 40.60
CA TYR A 519 8.40 8.05 39.96
C TYR A 519 7.24 7.86 40.93
N GLN A 520 6.39 8.88 41.05
CA GLN A 520 5.19 8.79 41.87
C GLN A 520 4.03 9.35 41.09
N ASP A 521 2.97 8.57 40.98
CA ASP A 521 1.78 9.03 40.27
C ASP A 521 1.00 10.03 41.10
N GLY A 522 0.38 10.99 40.42
CA GLY A 522 -0.42 11.96 41.11
C GLY A 522 -0.19 13.39 40.66
N PHE A 523 1.04 13.73 40.30
CA PHE A 523 1.32 15.12 39.94
C PHE A 523 2.00 15.28 38.59
N ALA A 524 1.45 14.68 37.55
CA ALA A 524 1.77 15.07 36.19
C ALA A 524 0.79 16.16 35.75
N LYS A 525 1.28 17.10 34.95
CA LYS A 525 0.48 18.24 34.52
C LYS A 525 0.54 18.39 33.02
N ASP A 526 -0.56 18.05 32.36
CA ASP A 526 -0.61 17.89 30.92
C ASP A 526 -0.58 19.21 30.16
N GLU A 527 -0.65 20.33 30.87
CA GLU A 527 -0.42 21.64 30.28
C GLU A 527 -0.11 22.59 31.41
N ILE A 528 0.68 23.62 31.11
CA ILE A 528 1.01 24.63 32.10
C ILE A 528 1.00 25.99 31.41
N ASN A 529 -0.02 26.79 31.70
CA ASN A 529 -0.13 28.17 31.25
C ASN A 529 -0.07 28.26 29.72
N GLU A 530 -1.12 27.68 29.12
CA GLU A 530 -1.33 27.67 27.66
C GLU A 530 -0.14 27.08 26.90
N LYS A 531 0.70 26.29 27.57
CA LYS A 531 1.84 25.64 26.95
C LYS A 531 1.74 24.15 27.23
N LYS A 532 1.75 23.35 26.17
CA LYS A 532 1.64 21.90 26.32
C LYS A 532 2.92 21.34 26.92
N VAL A 533 2.77 20.51 27.96
CA VAL A 533 3.93 19.85 28.55
C VAL A 533 4.47 18.85 27.54
N ALA A 534 5.80 18.74 27.49
CA ALA A 534 6.43 17.79 26.59
C ALA A 534 7.23 16.71 27.29
N MET A 535 7.64 16.93 28.54
CA MET A 535 8.56 15.99 29.15
C MET A 535 8.28 15.97 30.64
N HIS A 536 8.23 14.79 31.23
CA HIS A 536 8.07 14.64 32.66
C HIS A 536 9.37 14.09 33.22
N VAL A 537 10.14 14.93 33.90
CA VAL A 537 11.49 14.60 34.32
C VAL A 537 11.46 14.35 35.81
N TYR A 538 11.57 13.09 36.21
CA TYR A 538 11.67 12.72 37.62
C TYR A 538 13.12 12.42 37.96
N GLU A 539 13.52 12.77 39.17
CA GLU A 539 14.91 12.54 39.54
C GLU A 539 15.00 12.18 41.01
N HIS A 540 16.00 11.35 41.30
CA HIS A 540 16.22 10.91 42.69
C HIS A 540 17.57 10.21 42.73
N THR A 541 17.86 9.54 43.84
CA THR A 541 19.17 8.90 43.98
C THR A 541 18.99 7.70 44.91
N THR A 542 18.76 6.54 44.31
CA THR A 542 18.30 5.38 45.06
C THR A 542 19.44 4.70 45.81
N MET A 543 19.06 3.74 46.64
CA MET A 543 19.98 2.88 47.38
C MET A 543 19.77 1.40 47.14
N ILE A 544 18.69 1.01 46.48
CA ILE A 544 18.37 -0.39 46.29
C ILE A 544 18.94 -0.84 44.96
N ASN A 545 19.34 -2.09 44.89
CA ASN A 545 19.92 -2.66 43.69
C ASN A 545 19.17 -3.92 43.29
N ILE A 546 19.06 -4.12 41.98
CA ILE A 546 18.56 -5.36 41.41
C ILE A 546 19.67 -6.40 41.51
N THR A 547 19.40 -7.51 42.18
CA THR A 547 20.43 -8.49 42.44
C THR A 547 20.17 -9.86 41.82
N ASN A 548 18.94 -10.14 41.42
CA ASN A 548 18.67 -11.38 40.72
C ASN A 548 17.42 -11.19 39.89
N ILE A 549 17.39 -11.86 38.74
CA ILE A 549 16.26 -11.77 37.82
C ILE A 549 15.89 -13.19 37.42
N SER A 550 14.80 -13.70 37.98
CA SER A 550 14.25 -14.95 37.50
C SER A 550 13.39 -14.66 36.28
N GLU A 551 12.75 -15.70 35.76
CA GLU A 551 11.82 -15.51 34.66
C GLU A 551 10.60 -14.70 35.07
N SER A 552 10.37 -14.53 36.36
CA SER A 552 9.14 -13.94 36.87
C SER A 552 9.34 -12.60 37.55
N GLU A 553 10.26 -12.50 38.50
CA GLU A 553 10.36 -11.33 39.37
C GLU A 553 11.76 -10.77 39.37
N VAL A 554 11.86 -9.48 39.69
CA VAL A 554 13.14 -8.81 39.88
C VAL A 554 13.33 -8.60 41.38
N SER A 555 14.51 -8.97 41.88
CA SER A 555 14.78 -8.95 43.31
C SER A 555 15.55 -7.68 43.64
N LEU A 556 14.96 -6.84 44.47
CA LEU A 556 15.60 -5.62 44.93
C LEU A 556 16.11 -5.81 46.35
N GLU A 557 17.22 -5.16 46.67
CA GLU A 557 17.65 -5.17 48.07
C GLU A 557 18.43 -3.91 48.41
N CYS A 558 18.48 -3.62 49.71
CA CYS A 558 19.17 -2.43 50.24
C CYS A 558 19.93 -2.85 51.49
N ASN A 559 21.24 -3.00 51.35
CA ASN A 559 22.12 -3.41 52.44
C ASN A 559 23.22 -2.38 52.63
N GLN A 560 24.24 -2.76 53.40
CA GLN A 560 25.47 -1.99 53.47
C GLN A 560 26.31 -2.16 52.22
N GLY A 561 26.00 -3.13 51.36
CA GLY A 561 26.80 -3.42 50.20
C GLY A 561 26.32 -2.80 48.90
N THR A 562 25.09 -2.29 48.88
CA THR A 562 24.59 -1.65 47.67
C THR A 562 25.25 -0.30 47.47
N VAL A 563 25.10 0.26 46.28
CA VAL A 563 25.70 1.56 45.99
C VAL A 563 24.65 2.50 45.45
N PRO A 564 24.74 3.80 45.73
CA PRO A 564 23.76 4.75 45.21
C PRO A 564 23.85 4.89 43.70
N ILE A 565 22.71 5.19 43.08
CA ILE A 565 22.59 5.38 41.65
C ILE A 565 21.84 6.68 41.42
N GLN A 566 22.39 7.57 40.58
CA GLN A 566 21.71 8.83 40.30
C GLN A 566 20.80 8.61 39.10
N LEU A 567 19.56 8.24 39.37
CA LEU A 567 18.59 7.99 38.34
C LEU A 567 18.01 9.29 37.82
N LEU A 568 17.59 9.27 36.56
CA LEU A 568 16.93 10.44 35.98
C LEU A 568 15.95 9.92 34.93
N PHE A 569 14.69 9.83 35.29
CA PHE A 569 13.67 9.21 34.46
C PHE A 569 12.95 10.27 33.66
N CYS A 570 13.08 10.21 32.33
CA CYS A 570 12.42 11.12 31.43
C CYS A 570 11.24 10.39 30.80
N LEU A 571 10.07 11.01 30.82
CA LEU A 571 8.85 10.42 30.27
C LEU A 571 8.23 11.38 29.27
N LYS A 572 8.32 11.02 27.99
CA LYS A 572 7.74 11.88 26.93
C LYS A 572 6.23 11.62 26.87
N GLU A 573 5.39 12.62 26.63
CA GLU A 573 3.95 12.30 26.69
C GLU A 573 3.55 11.60 25.39
N GLN A 574 4.42 11.61 24.37
CA GLN A 574 4.02 11.02 23.07
C GLN A 574 5.19 10.28 22.41
N ASN A 575 4.90 9.28 21.58
CA ASN A 575 5.96 8.55 20.82
C ASN A 575 6.46 9.44 19.68
N GLN A 576 7.75 9.79 19.70
CA GLN A 576 8.35 10.62 18.63
C GLN A 576 9.46 9.82 17.94
N LYS A 577 9.48 8.51 18.13
CA LYS A 577 10.48 7.62 17.48
C LYS A 577 11.82 7.72 18.24
N LYS A 578 12.78 6.82 17.98
CA LYS A 578 14.04 6.83 18.77
C LYS A 578 14.84 8.11 18.50
N ILE A 579 14.87 8.59 17.27
CA ILE A 579 15.73 9.76 16.93
C ILE A 579 15.42 10.91 17.89
N ASN A 580 14.16 11.11 18.26
CA ASN A 580 13.76 12.20 19.20
C ASN A 580 14.33 11.94 20.58
N SER A 581 14.25 10.70 21.04
CA SER A 581 14.78 10.35 22.37
C SER A 581 16.25 10.72 22.40
N HIS A 582 17.01 10.30 21.38
CA HIS A 582 18.45 10.63 21.33
C HIS A 582 18.56 12.14 21.24
N ARG A 583 17.60 12.78 20.59
CA ARG A 583 17.61 14.24 20.55
C ARG A 583 17.50 14.82 21.96
N TRP A 584 16.58 14.28 22.75
CA TRP A 584 16.44 14.72 24.14
C TRP A 584 17.70 14.42 24.94
N ALA A 585 18.30 13.25 24.70
CA ALA A 585 19.47 12.84 25.48
C ALA A 585 20.69 13.69 25.17
N PHE A 586 20.93 13.98 23.90
CA PHE A 586 22.16 14.65 23.47
C PHE A 586 22.00 16.16 23.45
N GLU A 587 20.96 16.68 22.81
CA GLU A 587 20.77 18.11 22.73
C GLU A 587 20.19 18.70 24.00
N GLY A 588 19.64 17.87 24.89
CA GLY A 588 19.03 18.36 26.10
C GLY A 588 19.91 18.16 27.31
N PHE A 589 19.66 17.10 28.05
CA PHE A 589 20.33 16.89 29.33
C PHE A 589 21.83 16.82 29.20
N ALA A 590 22.35 16.47 28.02
CA ALA A 590 23.79 16.38 27.88
C ALA A 590 24.43 17.76 27.83
N GLU A 591 23.69 18.77 27.38
CA GLU A 591 24.21 20.13 27.41
C GLU A 591 24.23 20.69 28.82
N LEU A 592 23.35 20.20 29.69
CA LEU A 592 23.34 20.66 31.07
C LEU A 592 24.41 19.95 31.89
N LEU A 593 24.45 18.61 31.78
CA LEU A 593 25.36 17.83 32.61
C LEU A 593 26.81 17.99 32.16
N ARG A 594 27.04 18.16 30.87
CA ARG A 594 28.37 18.21 30.27
C ARG A 594 29.15 16.95 30.62
N PRO A 595 28.69 15.77 30.21
CA PRO A 595 29.42 14.54 30.52
C PRO A 595 30.67 14.41 29.66
N ASN A 596 31.48 13.41 29.99
CA ASN A 596 32.67 13.13 29.21
C ASN A 596 32.39 12.09 28.13
N ILE A 597 31.73 11.00 28.49
CA ILE A 597 31.34 9.94 27.58
C ILE A 597 29.82 9.82 27.64
N VAL A 598 29.20 9.52 26.52
CA VAL A 598 27.77 9.25 26.46
C VAL A 598 27.60 7.84 25.94
N THR A 599 27.11 6.95 26.78
CA THR A 599 26.94 5.55 26.43
C THR A 599 25.48 5.28 26.13
N LEU A 600 25.21 4.73 24.95
CA LEU A 600 23.87 4.43 24.52
C LEU A 600 23.61 2.94 24.75
N LEU A 601 22.76 2.65 25.70
CA LEU A 601 22.21 1.33 25.94
C LEU A 601 20.83 1.28 25.30
N ASP A 602 20.18 0.13 25.43
CA ASP A 602 18.79 0.05 24.90
C ASP A 602 18.05 -1.02 25.71
N ALA A 603 16.89 -0.64 26.22
CA ALA A 603 16.21 -1.45 27.23
C ALA A 603 16.07 -2.89 26.74
N GLY A 604 16.55 -3.83 27.56
CA GLY A 604 16.64 -5.21 27.20
C GLY A 604 18.06 -5.69 27.02
N THR A 605 19.01 -4.79 26.84
CA THR A 605 20.40 -5.14 26.65
C THR A 605 21.12 -5.10 27.99
N MET A 606 21.84 -6.16 28.31
CA MET A 606 22.46 -6.29 29.62
C MET A 606 23.97 -6.29 29.51
N PRO A 607 24.64 -5.18 29.74
CA PRO A 607 26.10 -5.16 29.70
C PRO A 607 26.69 -6.06 30.76
N GLY A 608 27.89 -6.54 30.51
CA GLY A 608 28.52 -7.46 31.42
C GLY A 608 28.92 -6.78 32.71
N LYS A 609 29.52 -7.58 33.59
CA LYS A 609 29.91 -7.09 34.90
C LYS A 609 31.02 -6.04 34.82
N ASP A 610 31.77 -6.00 33.73
CA ASP A 610 32.83 -5.03 33.55
C ASP A 610 32.71 -4.23 32.27
N SER A 611 31.67 -4.50 31.46
CA SER A 611 31.66 -4.05 30.08
C SER A 611 31.68 -2.55 29.97
N ILE A 612 30.95 -1.84 30.81
CA ILE A 612 30.93 -0.38 30.72
C ILE A 612 32.28 0.18 31.12
N TYR A 613 32.93 -0.41 32.12
CA TYR A 613 34.27 0.02 32.49
C TYR A 613 35.27 -0.25 31.36
N GLN A 614 35.18 -1.42 30.74
CA GLN A 614 36.09 -1.74 29.63
C GLN A 614 35.85 -0.85 28.44
N LEU A 615 34.61 -0.40 28.23
CA LEU A 615 34.33 0.53 27.15
C LEU A 615 34.87 1.91 27.47
N TRP A 616 34.67 2.37 28.70
CA TRP A 616 35.24 3.65 29.10
C TRP A 616 36.75 3.67 29.01
N ARG A 617 37.40 2.51 29.20
CA ARG A 617 38.86 2.47 29.07
C ARG A 617 39.33 2.67 27.64
N GLU A 618 38.50 2.40 26.64
CA GLU A 618 38.91 2.65 25.27
C GLU A 618 39.17 4.12 25.01
N PHE A 619 38.56 5.00 25.80
CA PHE A 619 38.64 6.43 25.57
C PHE A 619 39.83 7.05 26.28
N ARG A 620 40.72 6.24 26.86
CA ARG A 620 41.99 6.75 27.34
C ARG A 620 42.80 7.35 26.21
N ASN A 621 42.72 6.74 25.04
CA ASN A 621 43.38 7.26 23.85
C ASN A 621 42.69 8.55 23.43
N PRO A 622 43.40 9.67 23.40
CA PRO A 622 42.72 10.95 23.14
C PRO A 622 42.26 11.11 21.71
N ASN A 623 42.39 10.08 20.89
CA ASN A 623 41.94 10.12 19.52
C ASN A 623 40.61 9.43 19.30
N VAL A 624 40.28 8.43 20.12
CA VAL A 624 39.05 7.68 19.91
C VAL A 624 37.85 8.60 20.10
N GLY A 625 36.89 8.49 19.19
CA GLY A 625 35.72 9.33 19.25
C GLY A 625 34.47 8.54 19.52
N GLY A 626 34.47 7.27 19.16
CA GLY A 626 33.37 6.37 19.46
C GLY A 626 33.93 5.00 19.71
N ALA A 627 33.09 4.12 20.23
CA ALA A 627 33.51 2.74 20.46
C ALA A 627 32.27 1.88 20.61
N CYS A 628 32.46 0.59 20.44
CA CYS A 628 31.38 -0.36 20.60
C CYS A 628 31.96 -1.68 21.09
N GLY A 629 31.09 -2.52 21.64
CA GLY A 629 31.48 -3.82 22.12
C GLY A 629 30.69 -4.93 21.43
N GLU A 630 31.02 -6.15 21.81
CA GLU A 630 30.34 -7.29 21.22
C GLU A 630 28.89 -7.36 21.70
N ILE A 631 28.00 -7.68 20.78
CA ILE A 631 26.60 -7.98 21.09
C ILE A 631 26.41 -9.48 20.96
N ARG A 632 25.96 -10.10 22.03
CA ARG A 632 25.76 -11.54 22.09
C ARG A 632 24.27 -11.83 22.16
N THR A 633 23.81 -12.79 21.38
CA THR A 633 22.43 -13.21 21.48
C THR A 633 22.19 -13.85 22.84
N ASP A 634 21.04 -13.51 23.44
CA ASP A 634 20.62 -14.13 24.68
C ASP A 634 20.03 -15.48 24.35
N LEU A 635 20.73 -16.54 24.79
CA LEU A 635 20.32 -17.92 24.49
C LEU A 635 19.57 -18.54 25.68
N GLY A 636 19.04 -17.71 26.58
CA GLY A 636 18.20 -18.23 27.68
C GLY A 636 18.96 -19.00 28.73
N LYS A 637 18.22 -19.64 29.66
CA LYS A 637 18.85 -20.50 30.69
C LYS A 637 19.19 -21.86 30.07
N ARG A 638 20.37 -22.39 30.36
CA ARG A 638 20.77 -23.70 29.83
C ARG A 638 20.72 -23.64 28.31
N PHE A 639 20.99 -22.47 27.73
CA PHE A 639 21.04 -22.34 26.26
C PHE A 639 19.83 -23.05 25.65
N VAL A 640 18.65 -22.85 26.22
CA VAL A 640 17.42 -23.56 25.74
C VAL A 640 16.73 -22.71 24.69
N LYS A 641 17.42 -21.74 24.09
CA LYS A 641 16.81 -20.95 22.99
C LYS A 641 17.66 -21.18 21.75
N LEU A 642 18.65 -22.07 21.85
CA LEU A 642 19.52 -22.40 20.70
C LEU A 642 18.81 -23.49 19.93
N LEU A 643 17.53 -23.73 20.25
CA LEU A 643 16.73 -24.74 19.53
C LEU A 643 16.02 -24.07 18.36
N ASN A 644 15.44 -22.89 18.58
CA ASN A 644 14.83 -22.15 17.46
C ASN A 644 15.87 -22.08 16.36
N PRO A 645 15.59 -22.47 15.11
CA PRO A 645 16.55 -22.31 14.04
C PRO A 645 16.73 -20.82 13.68
N LEU A 646 15.74 -19.97 13.96
CA LEU A 646 15.91 -18.55 13.70
C LEU A 646 16.74 -17.87 14.77
N VAL A 647 16.92 -18.48 15.93
CA VAL A 647 17.76 -17.91 16.98
C VAL A 647 19.18 -18.43 16.86
N ALA A 648 19.36 -19.70 16.55
CA ALA A 648 20.71 -20.21 16.31
C ALA A 648 21.34 -19.55 15.09
N SER A 649 20.55 -19.31 14.05
CA SER A 649 21.05 -18.58 12.89
C SER A 649 21.55 -17.22 13.29
N GLN A 650 20.79 -16.49 14.10
CA GLN A 650 21.19 -15.14 14.48
C GLN A 650 22.37 -15.17 15.42
N ASN A 651 22.47 -16.17 16.28
CA ASN A 651 23.66 -16.29 17.12
C ASN A 651 24.90 -16.44 16.27
N PHE A 652 24.88 -17.34 15.30
CA PHE A 652 26.04 -17.51 14.45
C PHE A 652 26.33 -16.25 13.64
N GLU A 653 25.30 -15.60 13.14
CA GLU A 653 25.50 -14.41 12.32
C GLU A 653 26.11 -13.28 13.13
N TYR A 654 25.61 -13.04 14.34
CA TYR A 654 26.19 -12.02 15.20
C TYR A 654 27.62 -12.36 15.53
N LYS A 655 27.90 -13.63 15.77
CA LYS A 655 29.21 -14.01 16.26
C LYS A 655 30.26 -13.83 15.17
N MET A 656 29.95 -14.25 13.94
CA MET A 656 30.86 -13.99 12.82
C MET A 656 30.92 -12.52 12.43
N SER A 657 29.85 -11.76 12.61
CA SER A 657 29.94 -10.34 12.37
C SER A 657 30.94 -9.69 13.30
N ASN A 658 30.93 -10.09 14.57
CA ASN A 658 31.89 -9.53 15.51
C ASN A 658 33.30 -10.01 15.22
N ILE A 659 33.48 -11.30 14.96
CA ILE A 659 34.84 -11.82 14.82
C ILE A 659 35.51 -11.27 13.56
N LEU A 660 34.82 -11.32 12.42
CA LEU A 660 35.44 -11.01 11.13
C LEU A 660 35.24 -9.57 10.70
N ASP A 661 34.00 -9.10 10.66
CA ASP A 661 33.73 -7.78 10.10
C ASP A 661 34.26 -6.67 10.99
N LYS A 662 33.96 -6.72 12.28
CA LYS A 662 34.20 -5.55 13.12
C LYS A 662 35.68 -5.38 13.45
N THR A 663 36.40 -6.47 13.68
CA THR A 663 37.84 -6.35 13.89
C THR A 663 38.53 -5.82 12.65
N THR A 664 38.16 -6.33 11.47
CA THR A 664 38.76 -5.85 10.24
C THR A 664 38.49 -4.37 10.03
N GLU A 665 37.27 -3.94 10.26
CA GLU A 665 36.97 -2.51 10.12
C GLU A 665 37.73 -1.69 11.14
N SER A 666 37.81 -2.16 12.38
CA SER A 666 38.50 -1.41 13.43
C SER A 666 40.00 -1.30 13.19
N ASN A 667 40.58 -2.20 12.41
CA ASN A 667 41.98 -2.03 12.05
C ASN A 667 42.19 -0.74 11.27
N PHE A 668 41.32 -0.47 10.30
CA PHE A 668 41.45 0.74 9.49
C PHE A 668 41.13 1.98 10.29
N GLY A 669 40.09 1.92 11.12
CA GLY A 669 39.77 3.02 12.00
C GLY A 669 38.39 3.59 11.77
N PHE A 670 37.51 2.83 11.15
CA PHE A 670 36.17 3.33 10.84
C PHE A 670 35.22 2.16 10.84
N ILE A 671 34.44 2.01 11.89
CA ILE A 671 33.45 0.96 11.99
C ILE A 671 32.15 1.46 11.40
N THR A 672 31.59 0.71 10.46
CA THR A 672 30.47 1.20 9.67
C THR A 672 29.27 1.52 10.54
N VAL A 673 28.92 0.61 11.44
CA VAL A 673 27.81 0.83 12.36
C VAL A 673 28.28 0.52 13.77
N LEU A 674 28.11 1.47 14.67
CA LEU A 674 28.22 1.19 16.09
C LEU A 674 26.83 0.85 16.60
N PRO A 675 26.58 -0.38 17.06
CA PRO A 675 25.21 -0.77 17.35
C PRO A 675 24.59 0.14 18.40
N GLY A 676 23.35 0.50 18.18
CA GLY A 676 22.69 1.37 19.12
C GLY A 676 22.31 0.71 20.41
N ALA A 677 22.45 -0.61 20.51
CA ALA A 677 22.14 -1.33 21.73
C ALA A 677 23.25 -1.23 22.76
N PHE A 678 24.48 -0.98 22.32
CA PHE A 678 25.59 -0.84 23.27
C PHE A 678 26.69 -0.06 22.54
N SER A 679 26.71 1.25 22.68
CA SER A 679 27.76 2.06 22.02
C SER A 679 28.17 3.20 22.93
N ALA A 680 29.28 3.84 22.62
CA ALA A 680 29.76 4.95 23.43
C ALA A 680 30.35 6.01 22.52
N TYR A 681 30.04 7.27 22.80
CA TYR A 681 30.58 8.39 22.04
C TYR A 681 31.21 9.39 22.99
N ARG A 682 32.42 9.84 22.67
CA ARG A 682 32.97 10.98 23.38
C ARG A 682 32.15 12.21 23.02
N PHE A 683 31.63 12.90 24.03
CA PHE A 683 30.65 13.96 23.77
C PHE A 683 31.22 15.06 22.90
N GLU A 684 32.47 15.46 23.14
CA GLU A 684 33.10 16.49 22.34
C GLU A 684 33.24 16.05 20.88
N ALA A 685 33.31 14.75 20.63
CA ALA A 685 33.51 14.27 19.27
C ALA A 685 32.27 14.49 18.41
N VAL A 686 31.10 14.26 18.97
CA VAL A 686 29.87 14.31 18.17
C VAL A 686 29.21 15.67 18.14
N ARG A 687 29.55 16.57 19.06
CA ARG A 687 28.92 17.89 19.06
C ARG A 687 29.23 18.63 17.77
N GLY A 688 28.23 19.29 17.22
CA GLY A 688 28.41 20.09 16.02
C GLY A 688 27.87 19.38 14.79
N GLN A 689 28.71 19.27 13.76
CA GLN A 689 28.30 18.69 12.49
C GLN A 689 27.68 17.30 12.60
N PRO A 690 28.25 16.35 13.35
CA PRO A 690 27.62 15.01 13.39
C PRO A 690 26.20 15.04 13.92
N LEU A 691 25.94 15.73 15.02
CA LEU A 691 24.60 15.78 15.56
C LEU A 691 23.66 16.56 14.65
N GLN A 692 24.16 17.61 14.00
CA GLN A 692 23.32 18.34 13.05
C GLN A 692 22.88 17.43 11.93
N LYS A 693 23.80 16.65 11.37
CA LYS A 693 23.43 15.78 10.26
C LYS A 693 22.54 14.64 10.73
N TYR A 694 22.74 14.17 11.95
CA TYR A 694 21.94 13.06 12.45
C TYR A 694 20.50 13.49 12.73
N PHE A 695 20.32 14.66 13.35
CA PHE A 695 18.99 15.05 13.80
C PHE A 695 18.18 15.79 12.76
N TYR A 696 18.82 16.59 11.91
CA TYR A 696 18.10 17.42 10.95
C TYR A 696 18.31 17.00 9.51
N GLY A 697 19.54 16.71 9.12
CA GLY A 697 19.83 16.27 7.78
C GLY A 697 20.68 17.29 7.03
N GLU A 698 20.85 17.03 5.74
CA GLU A 698 21.57 17.95 4.87
C GLU A 698 20.72 19.20 4.73
N ILE A 699 21.06 20.23 5.50
CA ILE A 699 20.19 21.41 5.59
C ILE A 699 20.13 22.12 4.24
N MET A 700 21.27 22.27 3.57
CA MET A 700 21.30 22.98 2.29
C MET A 700 20.43 22.22 1.28
N GLU A 701 19.28 22.81 0.94
CA GLU A 701 18.30 22.16 0.09
C GLU A 701 17.31 23.21 -0.39
N ASN A 702 16.78 22.99 -1.58
CA ASN A 702 15.76 23.87 -2.16
C ASN A 702 14.39 23.39 -1.71
N GLU A 703 13.33 23.90 -2.34
CA GLU A 703 12.00 23.42 -2.03
C GLU A 703 11.82 21.96 -2.44
N GLY A 704 12.45 21.56 -3.54
CA GLY A 704 12.28 20.22 -4.06
C GLY A 704 13.03 19.18 -3.27
N PHE A 705 12.98 17.95 -3.76
CA PHE A 705 13.59 16.81 -3.12
C PHE A 705 14.88 16.43 -3.85
N HIS A 706 15.90 16.04 -3.09
CA HIS A 706 17.13 15.51 -3.63
C HIS A 706 17.37 14.14 -3.03
N PHE A 707 18.20 13.34 -3.69
CA PHE A 707 18.35 11.95 -3.30
C PHE A 707 18.94 11.84 -1.90
N PHE A 708 20.19 12.28 -1.73
CA PHE A 708 20.86 12.10 -0.45
C PHE A 708 20.19 12.91 0.65
N SER A 709 19.92 14.19 0.39
CA SER A 709 19.36 15.05 1.42
C SER A 709 18.02 14.53 1.92
N SER A 710 17.17 14.02 1.04
CA SER A 710 15.83 13.63 1.43
C SER A 710 15.69 12.15 1.71
N ASN A 711 16.76 11.37 1.58
CA ASN A 711 16.72 9.97 1.93
C ASN A 711 17.66 9.56 3.04
N MET A 712 18.49 10.50 3.52
CA MET A 712 19.53 10.13 4.50
C MET A 712 18.89 9.73 5.83
N TYR A 713 17.62 10.01 6.04
CA TYR A 713 17.01 9.60 7.30
C TYR A 713 16.91 8.10 7.42
N LEU A 714 17.14 7.35 6.35
CA LEU A 714 17.03 5.89 6.38
C LEU A 714 18.26 5.23 6.95
N ALA A 715 19.32 5.99 7.20
CA ALA A 715 20.58 5.45 7.65
C ALA A 715 20.87 6.03 9.03
N GLU A 716 19.90 5.94 9.92
CA GLU A 716 19.77 6.93 11.00
C GLU A 716 21.04 7.05 11.83
N ASP A 717 21.43 5.99 12.51
CA ASP A 717 22.55 6.10 13.44
C ASP A 717 23.90 5.85 12.78
N ARG A 718 23.93 5.57 11.47
CA ARG A 718 25.16 5.37 10.75
C ARG A 718 25.73 6.66 10.20
N ILE A 719 25.00 7.75 10.24
CA ILE A 719 25.56 9.04 9.82
C ILE A 719 26.55 9.53 10.85
N LEU A 720 26.31 9.22 12.13
CA LEU A 720 27.18 9.67 13.19
C LEU A 720 28.60 9.17 13.00
N CYS A 721 28.75 7.89 12.64
CA CYS A 721 30.08 7.32 12.47
C CYS A 721 30.83 8.01 11.34
N PHE A 722 30.19 8.15 10.17
CA PHE A 722 30.83 8.75 9.03
C PHE A 722 31.21 10.19 9.32
N GLU A 723 30.34 10.93 9.99
CA GLU A 723 30.64 12.33 10.23
C GLU A 723 31.68 12.52 11.32
N VAL A 724 31.79 11.56 12.26
CA VAL A 724 32.83 11.68 13.27
C VAL A 724 34.19 11.40 12.67
N VAL A 725 34.30 10.32 11.91
CA VAL A 725 35.62 9.95 11.39
C VAL A 725 36.15 11.00 10.42
N THR A 726 35.30 11.52 9.55
CA THR A 726 35.69 12.50 8.54
C THR A 726 35.47 13.94 8.99
N LYS A 727 35.52 14.20 10.29
CA LYS A 727 35.27 15.55 10.78
C LYS A 727 36.41 16.48 10.37
N LYS A 728 36.06 17.74 10.13
CA LYS A 728 37.04 18.71 9.68
C LYS A 728 37.98 19.10 10.81
N ASN A 729 39.28 19.09 10.53
CA ASN A 729 40.32 19.52 11.45
C ASN A 729 40.32 18.71 12.75
N CYS A 730 39.77 17.50 12.71
CA CYS A 730 39.80 16.60 13.85
C CYS A 730 40.17 15.21 13.38
N ASN A 731 40.84 14.45 14.23
CA ASN A 731 41.36 13.15 13.88
C ASN A 731 40.72 12.04 14.69
N TRP A 732 39.40 12.11 14.88
CA TRP A 732 38.69 11.08 15.61
C TRP A 732 38.69 9.77 14.83
N ILE A 733 38.73 8.66 15.55
CA ILE A 733 38.58 7.34 14.96
C ILE A 733 37.62 6.55 15.81
N LEU A 734 37.10 5.47 15.24
CA LEU A 734 36.18 4.57 15.89
C LEU A 734 36.91 3.28 16.22
N LYS A 735 36.71 2.77 17.42
CA LYS A 735 37.43 1.60 17.88
C LYS A 735 36.46 0.53 18.31
N TYR A 736 36.87 -0.72 18.13
CA TYR A 736 36.08 -1.88 18.53
C TYR A 736 36.75 -2.53 19.72
N CYS A 737 36.00 -2.70 20.80
CA CYS A 737 36.52 -3.30 22.02
C CYS A 737 35.89 -4.67 22.18
N ARG A 738 36.71 -5.71 22.16
CA ARG A 738 36.20 -7.07 22.29
C ARG A 738 36.22 -7.58 23.72
N SER A 739 36.71 -6.78 24.65
CA SER A 739 36.71 -7.14 26.07
C SER A 739 35.40 -6.77 26.75
N SER A 740 34.49 -6.11 26.05
CA SER A 740 33.22 -5.68 26.62
C SER A 740 32.08 -6.23 25.78
N TYR A 741 31.16 -6.91 26.43
CA TYR A 741 30.07 -7.60 25.74
C TYR A 741 28.74 -7.16 26.33
N ALA A 742 27.68 -7.46 25.60
CA ALA A 742 26.32 -7.16 26.05
C ALA A 742 25.37 -8.12 25.39
N SER A 743 24.51 -8.76 26.16
CA SER A 743 23.64 -9.81 25.64
C SER A 743 22.24 -9.26 25.44
N THR A 744 21.79 -9.27 24.20
CA THR A 744 20.50 -8.71 23.81
C THR A 744 19.53 -9.82 23.42
N ASP A 745 18.27 -9.46 23.27
CA ASP A 745 17.22 -10.38 22.84
C ASP A 745 16.97 -10.22 21.36
N VAL A 746 16.70 -11.33 20.68
CA VAL A 746 16.56 -11.33 19.23
C VAL A 746 15.14 -11.70 18.85
N PRO A 747 14.65 -11.31 17.68
CA PRO A 747 13.34 -11.78 17.24
C PRO A 747 13.32 -13.28 17.04
N GLU A 748 12.16 -13.87 17.31
CA GLU A 748 12.02 -15.31 17.32
C GLU A 748 10.97 -15.83 16.37
N ARG A 749 10.20 -14.96 15.73
CA ARG A 749 9.22 -15.36 14.74
C ARG A 749 9.53 -14.66 13.44
N VAL A 750 9.23 -15.34 12.33
CA VAL A 750 9.65 -14.86 11.03
C VAL A 750 9.13 -13.46 10.71
N PRO A 751 7.86 -13.11 10.96
CA PRO A 751 7.44 -11.74 10.64
C PRO A 751 8.19 -10.66 11.39
N GLU A 752 8.42 -10.85 12.69
CA GLU A 752 9.15 -9.85 13.46
C GLU A 752 10.59 -9.73 12.98
N PHE A 753 11.20 -10.86 12.64
CA PHE A 753 12.56 -10.87 12.11
C PHE A 753 12.65 -10.15 10.78
N ILE A 754 11.70 -10.39 9.88
CA ILE A 754 11.70 -9.71 8.59
C ILE A 754 11.54 -8.22 8.76
N LEU A 755 10.62 -7.81 9.63
CA LEU A 755 10.43 -6.38 9.83
C LEU A 755 11.65 -5.74 10.46
N GLN A 756 12.37 -6.47 11.31
CA GLN A 756 13.58 -5.90 11.90
C GLN A 756 14.65 -5.72 10.86
N ARG A 757 14.90 -6.74 10.03
CA ARG A 757 15.99 -6.63 9.06
C ARG A 757 15.64 -5.70 7.91
N ARG A 758 14.37 -5.40 7.70
CA ARG A 758 14.02 -4.38 6.72
C ARG A 758 14.67 -3.05 7.03
N ARG A 759 14.81 -2.72 8.32
CA ARG A 759 15.48 -1.48 8.70
C ARG A 759 16.97 -1.57 8.47
N TRP A 760 17.59 -2.67 8.89
CA TRP A 760 19.03 -2.80 8.81
C TRP A 760 19.52 -2.79 7.38
N LEU A 761 18.85 -3.53 6.49
CA LEU A 761 19.34 -3.63 5.13
C LEU A 761 19.24 -2.31 4.39
N ASN A 762 18.10 -1.63 4.52
CA ASN A 762 17.96 -0.31 3.91
C ASN A 762 18.95 0.68 4.50
N GLY A 763 19.11 0.67 5.81
CA GLY A 763 20.06 1.57 6.43
C GLY A 763 21.47 1.34 5.93
N SER A 764 21.90 0.07 5.89
CA SER A 764 23.26 -0.21 5.46
C SER A 764 23.47 0.12 4.00
N PHE A 765 22.48 -0.17 3.14
CA PHE A 765 22.62 0.13 1.73
C PHE A 765 22.72 1.64 1.49
N PHE A 766 21.82 2.42 2.10
CA PHE A 766 21.88 3.86 1.89
C PHE A 766 23.13 4.47 2.53
N ALA A 767 23.54 3.95 3.69
CA ALA A 767 24.74 4.47 4.32
C ALA A 767 25.98 4.17 3.49
N SER A 768 26.06 2.98 2.89
CA SER A 768 27.22 2.67 2.07
C SER A 768 27.24 3.49 0.80
N VAL A 769 26.08 3.70 0.19
CA VAL A 769 26.04 4.56 -1.00
C VAL A 769 26.46 5.98 -0.64
N TYR A 770 25.99 6.49 0.50
CA TYR A 770 26.38 7.82 0.92
C TYR A 770 27.87 7.90 1.23
N SER A 771 28.42 6.87 1.86
CA SER A 771 29.83 6.88 2.20
C SER A 771 30.71 6.83 0.97
N PHE A 772 30.32 6.04 -0.03
CA PHE A 772 31.14 5.96 -1.23
C PHE A 772 31.01 7.22 -2.08
N CYS A 773 29.80 7.75 -2.21
CA CYS A 773 29.62 8.95 -3.02
C CYS A 773 30.19 10.20 -2.36
N HIS A 774 30.60 10.12 -1.10
CA HIS A 774 31.14 11.26 -0.39
C HIS A 774 32.46 10.92 0.28
N PHE A 775 33.26 10.04 -0.32
CA PHE A 775 34.45 9.62 0.39
C PHE A 775 35.58 10.63 0.28
N TYR A 776 35.49 11.59 -0.65
CA TYR A 776 36.52 12.61 -0.72
C TYR A 776 36.65 13.39 0.57
N ARG A 777 35.59 13.40 1.39
CA ARG A 777 35.66 14.10 2.66
C ARG A 777 36.76 13.56 3.55
N VAL A 778 37.13 12.29 3.36
CA VAL A 778 38.21 11.72 4.16
C VAL A 778 39.46 12.56 4.01
N TRP A 779 39.71 13.05 2.79
CA TRP A 779 40.92 13.81 2.54
C TRP A 779 40.82 15.27 2.94
N SER A 780 39.65 15.73 3.37
CA SER A 780 39.51 17.07 3.91
C SER A 780 39.58 17.10 5.43
N SER A 781 39.77 15.96 6.08
CA SER A 781 39.77 15.87 7.53
C SER A 781 41.17 16.14 8.06
N GLY A 782 41.39 15.86 9.33
CA GLY A 782 42.63 16.16 9.99
C GLY A 782 43.60 15.01 10.18
N HIS A 783 43.27 13.82 9.70
CA HIS A 783 44.14 12.68 9.89
C HIS A 783 45.46 12.87 9.16
N ASN A 784 46.47 12.12 9.57
CA ASN A 784 47.71 12.12 8.82
C ASN A 784 47.55 11.31 7.53
N ILE A 785 48.55 11.38 6.67
CA ILE A 785 48.41 10.83 5.33
C ILE A 785 48.27 9.31 5.38
N GLY A 786 48.96 8.66 6.30
CA GLY A 786 48.83 7.21 6.41
C GLY A 786 47.42 6.79 6.74
N ARG A 787 46.80 7.45 7.72
CA ARG A 787 45.44 7.11 8.08
C ARG A 787 44.49 7.42 6.94
N LYS A 788 44.74 8.51 6.21
CA LYS A 788 43.87 8.81 5.08
C LYS A 788 43.95 7.73 4.01
N LEU A 789 45.15 7.22 3.73
CA LEU A 789 45.27 6.15 2.75
C LEU A 789 44.57 4.89 3.24
N LEU A 790 44.72 4.57 4.52
CA LEU A 790 44.05 3.39 5.06
C LEU A 790 42.54 3.53 4.95
N LEU A 791 42.01 4.71 5.25
CA LEU A 791 40.58 4.92 5.16
C LEU A 791 40.10 4.82 3.72
N THR A 792 40.87 5.33 2.76
CA THR A 792 40.48 5.19 1.36
C THR A 792 40.43 3.73 0.95
N VAL A 793 41.44 2.95 1.33
CA VAL A 793 41.43 1.53 1.01
C VAL A 793 40.21 0.85 1.61
N GLU A 794 39.90 1.19 2.86
CA GLU A 794 38.75 0.57 3.51
C GLU A 794 37.45 0.94 2.82
N PHE A 795 37.32 2.19 2.38
CA PHE A 795 36.10 2.59 1.69
C PHE A 795 35.93 1.83 0.39
N PHE A 796 37.02 1.64 -0.34
CA PHE A 796 36.90 0.87 -1.57
C PHE A 796 36.54 -0.59 -1.28
N TYR A 797 37.12 -1.16 -0.23
CA TYR A 797 36.77 -2.54 0.12
C TYR A 797 35.31 -2.65 0.54
N LEU A 798 34.80 -1.66 1.26
CA LEU A 798 33.40 -1.70 1.69
C LEU A 798 32.45 -1.56 0.51
N PHE A 799 32.81 -0.75 -0.48
CA PHE A 799 31.97 -0.69 -1.67
C PHE A 799 32.03 -1.99 -2.46
N PHE A 800 33.20 -2.62 -2.52
CA PHE A 800 33.27 -3.93 -3.15
C PHE A 800 32.32 -4.91 -2.48
N ASN A 801 32.26 -4.88 -1.14
CA ASN A 801 31.34 -5.74 -0.42
C ASN A 801 29.88 -5.39 -0.71
N THR A 802 29.53 -4.11 -0.76
CA THR A 802 28.14 -3.78 -1.01
C THR A 802 27.72 -4.14 -2.43
N LEU A 803 28.66 -4.10 -3.38
CA LEU A 803 28.35 -4.53 -4.73
C LEU A 803 28.11 -6.03 -4.80
N ILE A 804 28.97 -6.80 -4.14
CA ILE A 804 28.77 -8.24 -4.07
C ILE A 804 27.41 -8.55 -3.47
N SER A 805 27.01 -7.80 -2.44
CA SER A 805 25.71 -8.05 -1.82
C SER A 805 24.55 -7.59 -2.69
N TRP A 806 24.75 -6.61 -3.55
CA TRP A 806 23.68 -6.20 -4.47
C TRP A 806 23.44 -7.24 -5.55
N PHE A 807 24.48 -7.96 -5.96
CA PHE A 807 24.28 -8.96 -7.02
C PHE A 807 24.02 -10.36 -6.50
N SER A 808 23.59 -10.50 -5.24
CA SER A 808 23.42 -11.81 -4.66
C SER A 808 22.17 -12.52 -5.13
N LEU A 809 21.11 -11.78 -5.46
CA LEU A 809 19.90 -12.40 -5.97
C LEU A 809 20.19 -13.24 -7.20
N SER A 810 21.05 -12.76 -8.06
CA SER A 810 21.44 -13.49 -9.27
C SER A 810 22.55 -14.47 -9.02
N SER A 811 23.49 -14.17 -8.12
CA SER A 811 24.54 -15.13 -7.83
C SER A 811 23.97 -16.44 -7.28
N PHE A 812 22.99 -16.34 -6.39
CA PHE A 812 22.41 -17.56 -5.83
C PHE A 812 21.70 -18.39 -6.89
N PHE A 813 20.86 -17.77 -7.71
CA PHE A 813 20.17 -18.52 -8.73
C PHE A 813 21.14 -19.13 -9.72
N LEU A 814 22.17 -18.39 -10.10
CA LEU A 814 23.10 -18.93 -11.09
C LEU A 814 23.87 -20.11 -10.54
N VAL A 815 24.33 -20.04 -9.29
CA VAL A 815 25.03 -21.18 -8.72
C VAL A 815 24.09 -22.38 -8.66
N PHE A 816 22.86 -22.16 -8.20
CA PHE A 816 21.86 -23.20 -8.09
C PHE A 816 21.60 -23.88 -9.43
N ARG A 817 21.29 -23.11 -10.46
CA ARG A 817 20.89 -23.71 -11.76
C ARG A 817 22.07 -24.32 -12.49
N ILE A 818 23.25 -23.70 -12.42
CA ILE A 818 24.40 -24.30 -13.05
C ILE A 818 24.71 -25.64 -12.42
N LEU A 819 24.67 -25.71 -11.09
CA LEU A 819 24.99 -26.95 -10.41
C LEU A 819 23.96 -28.04 -10.68
N THR A 820 22.67 -27.69 -10.61
CA THR A 820 21.62 -28.68 -10.76
C THR A 820 21.52 -29.22 -12.18
N VAL A 821 21.75 -28.37 -13.19
CA VAL A 821 21.77 -28.87 -14.57
C VAL A 821 23.02 -29.69 -14.82
N SER A 822 24.16 -29.27 -14.28
CA SER A 822 25.40 -29.98 -14.54
C SER A 822 25.35 -31.40 -14.00
N ILE A 823 24.80 -31.59 -12.80
CA ILE A 823 24.76 -32.95 -12.27
C ILE A 823 23.88 -33.84 -13.14
N ALA A 824 22.77 -33.32 -13.64
CA ALA A 824 21.88 -34.11 -14.48
C ALA A 824 22.55 -34.47 -15.81
N LEU A 825 23.23 -33.51 -16.42
CA LEU A 825 23.98 -33.80 -17.63
C LEU A 825 25.07 -34.83 -17.36
N ALA A 826 25.59 -34.87 -16.14
CA ALA A 826 26.64 -35.83 -15.85
C ALA A 826 26.09 -37.23 -15.63
N TYR A 827 24.94 -37.38 -14.96
CA TYR A 827 24.54 -38.71 -14.52
C TYR A 827 23.12 -39.15 -14.87
N HIS A 828 22.24 -38.26 -15.32
CA HIS A 828 21.03 -38.64 -16.04
C HIS A 828 19.96 -39.34 -15.21
N SER A 829 20.26 -39.72 -13.97
CA SER A 829 19.43 -40.76 -13.38
C SER A 829 18.05 -40.25 -13.02
N ALA A 830 17.97 -39.40 -12.02
CA ALA A 830 16.73 -38.79 -11.62
C ALA A 830 16.93 -37.30 -11.38
N PHE A 831 18.06 -36.75 -11.82
CA PHE A 831 18.36 -35.35 -11.65
C PHE A 831 17.70 -34.48 -12.71
N ASN A 832 17.20 -35.07 -13.80
CA ASN A 832 16.42 -34.30 -14.75
C ASN A 832 15.15 -33.77 -14.09
N VAL A 833 14.38 -34.67 -13.48
CA VAL A 833 13.12 -34.29 -12.89
C VAL A 833 13.34 -33.35 -11.73
N LEU A 834 14.35 -33.60 -10.90
CA LEU A 834 14.63 -32.68 -9.80
C LEU A 834 15.07 -31.33 -10.31
N SER A 835 15.81 -31.28 -11.42
CA SER A 835 16.19 -29.99 -11.97
C SER A 835 14.96 -29.17 -12.33
N VAL A 836 14.02 -29.78 -13.05
CA VAL A 836 12.81 -29.05 -13.43
C VAL A 836 11.99 -28.67 -12.20
N ILE A 837 11.83 -29.61 -11.26
CA ILE A 837 11.00 -29.36 -10.09
C ILE A 837 11.55 -28.20 -9.28
N PHE A 838 12.87 -28.18 -9.06
CA PHE A 838 13.44 -27.13 -8.22
C PHE A 838 13.46 -25.80 -8.93
N LEU A 839 13.62 -25.79 -10.26
CA LEU A 839 13.44 -24.53 -10.96
C LEU A 839 12.05 -23.98 -10.72
N TRP A 840 11.03 -24.83 -10.80
CA TRP A 840 9.67 -24.32 -10.64
C TRP A 840 9.39 -23.88 -9.21
N LEU A 841 9.92 -24.60 -8.21
CA LEU A 841 9.73 -24.19 -6.82
C LEU A 841 10.39 -22.85 -6.55
N TYR A 842 11.62 -22.66 -7.02
CA TYR A 842 12.29 -21.37 -6.87
C TYR A 842 11.46 -20.27 -7.50
N GLY A 843 10.99 -20.49 -8.73
CA GLY A 843 10.24 -19.46 -9.40
C GLY A 843 8.98 -19.07 -8.66
N ILE A 844 8.23 -20.05 -8.16
CA ILE A 844 6.98 -19.76 -7.48
C ILE A 844 7.24 -19.02 -6.17
N CYS A 845 8.25 -19.44 -5.41
CA CYS A 845 8.53 -18.76 -4.13
C CYS A 845 9.03 -17.33 -4.35
N THR A 846 9.84 -17.09 -5.39
CA THR A 846 10.30 -15.74 -5.64
C THR A 846 9.17 -14.83 -6.15
N LEU A 847 8.32 -15.35 -7.05
CA LEU A 847 7.16 -14.58 -7.47
C LEU A 847 6.28 -14.22 -6.28
N SER A 848 6.01 -15.17 -5.41
CA SER A 848 5.15 -14.87 -4.28
C SER A 848 5.82 -13.92 -3.30
N THR A 849 7.14 -13.97 -3.17
CA THR A 849 7.78 -13.02 -2.25
C THR A 849 7.70 -11.59 -2.79
N PHE A 850 7.96 -11.37 -4.08
CA PHE A 850 7.68 -10.04 -4.63
C PHE A 850 6.23 -9.62 -4.42
N ILE A 851 5.27 -10.48 -4.75
CA ILE A 851 3.88 -10.02 -4.69
C ILE A 851 3.46 -9.73 -3.27
N LEU A 852 3.79 -10.61 -2.33
CA LEU A 852 3.39 -10.42 -0.95
C LEU A 852 4.13 -9.27 -0.28
N SER A 853 5.38 -9.02 -0.65
CA SER A 853 6.07 -7.92 -0.01
C SER A 853 5.67 -6.58 -0.60
N LEU A 854 5.33 -6.53 -1.89
CA LEU A 854 4.90 -5.28 -2.48
C LEU A 854 3.48 -4.93 -2.07
N GLY A 855 2.62 -5.92 -1.88
CA GLY A 855 1.23 -5.60 -1.57
C GLY A 855 0.80 -5.80 -0.13
N ASN A 856 1.25 -6.87 0.49
CA ASN A 856 0.73 -7.34 1.76
C ASN A 856 1.68 -6.97 2.90
N LYS A 857 1.42 -7.52 4.08
CA LYS A 857 2.26 -7.31 5.26
C LYS A 857 2.66 -8.66 5.85
N PRO A 858 3.84 -8.75 6.47
CA PRO A 858 4.30 -10.05 6.96
C PRO A 858 3.43 -10.64 8.05
N LYS A 859 2.75 -9.82 8.84
CA LYS A 859 1.91 -10.34 9.91
C LYS A 859 0.67 -11.03 9.35
N SER A 860 0.12 -10.51 8.26
CA SER A 860 -1.07 -11.10 7.65
C SER A 860 -0.80 -12.52 7.17
N THR A 861 0.38 -12.76 6.60
CA THR A 861 0.73 -14.04 6.00
C THR A 861 2.05 -14.52 6.60
N GLU A 862 1.97 -15.29 7.68
CA GLU A 862 3.14 -15.85 8.31
C GLU A 862 3.37 -17.30 7.93
N LYS A 863 2.28 -18.06 7.75
CA LYS A 863 2.41 -19.43 7.29
C LYS A 863 3.18 -19.49 5.99
N PHE A 864 2.92 -18.56 5.09
CA PHE A 864 3.61 -18.58 3.81
C PHE A 864 5.10 -18.33 3.97
N TYR A 865 5.49 -17.39 4.82
CA TYR A 865 6.90 -17.09 4.97
C TYR A 865 7.64 -18.26 5.62
N VAL A 866 7.01 -18.92 6.58
CA VAL A 866 7.62 -20.12 7.14
C VAL A 866 7.78 -21.19 6.07
N LEU A 867 6.76 -21.35 5.22
CA LEU A 867 6.85 -22.35 4.15
C LEU A 867 7.94 -21.98 3.15
N THR A 868 8.08 -20.71 2.82
CA THR A 868 9.15 -20.26 1.93
C THR A 868 10.51 -20.57 2.50
N CYS A 869 10.72 -20.29 3.77
CA CYS A 869 12.01 -20.59 4.39
C CYS A 869 12.29 -22.09 4.36
N VAL A 870 11.26 -22.91 4.57
CA VAL A 870 11.47 -24.35 4.51
C VAL A 870 11.84 -24.79 3.10
N ILE A 871 11.17 -24.23 2.09
CA ILE A 871 11.46 -24.59 0.70
C ILE A 871 12.90 -24.26 0.37
N PHE A 872 13.35 -23.08 0.75
CA PHE A 872 14.73 -22.69 0.44
C PHE A 872 15.74 -23.52 1.22
N ALA A 873 15.41 -23.92 2.45
CA ALA A 873 16.30 -24.83 3.17
C ALA A 873 16.46 -26.15 2.44
N VAL A 874 15.36 -26.71 1.93
CA VAL A 874 15.46 -27.96 1.18
C VAL A 874 16.28 -27.76 -0.08
N MET A 875 16.09 -26.63 -0.76
CA MET A 875 16.90 -26.34 -1.94
C MET A 875 18.40 -26.32 -1.60
N MET A 876 18.76 -25.68 -0.49
CA MET A 876 20.16 -25.62 -0.11
C MET A 876 20.70 -27.00 0.21
N ILE A 877 19.90 -27.83 0.88
CA ILE A 877 20.33 -29.21 1.14
C ILE A 877 20.61 -29.93 -0.17
N TYR A 878 19.73 -29.74 -1.16
CA TYR A 878 19.94 -30.39 -2.45
C TYR A 878 21.23 -29.90 -3.12
N MET A 879 21.57 -28.64 -2.87
CA MET A 879 22.76 -28.02 -3.50
C MET A 879 23.98 -28.66 -2.89
N ILE A 880 23.94 -28.91 -1.59
CA ILE A 880 25.06 -29.53 -0.89
C ILE A 880 25.23 -30.97 -1.33
N PHE A 881 24.11 -31.71 -1.46
CA PHE A 881 24.19 -33.07 -1.97
C PHE A 881 24.80 -33.11 -3.36
N CYS A 882 24.38 -32.20 -4.24
CA CYS A 882 24.90 -32.22 -5.60
C CYS A 882 26.40 -31.97 -5.62
N SER A 883 26.87 -30.99 -4.84
CA SER A 883 28.30 -30.70 -4.82
C SER A 883 29.10 -31.88 -4.28
N ILE A 884 28.64 -32.48 -3.18
CA ILE A 884 29.36 -33.63 -2.62
C ILE A 884 29.39 -34.79 -3.61
N PHE A 885 28.26 -35.06 -4.26
CA PHE A 885 28.20 -36.15 -5.24
C PHE A 885 29.17 -35.91 -6.38
N MET A 886 29.13 -34.70 -6.96
CA MET A 886 30.02 -34.40 -8.07
C MET A 886 31.47 -34.52 -7.67
N SER A 887 31.83 -34.01 -6.48
CA SER A 887 33.22 -34.05 -6.07
C SER A 887 33.69 -35.47 -5.79
N VAL A 888 32.84 -36.29 -5.16
CA VAL A 888 33.22 -37.67 -4.89
C VAL A 888 33.45 -38.41 -6.20
N LYS A 889 32.54 -38.25 -7.15
CA LYS A 889 32.71 -38.92 -8.43
C LYS A 889 33.93 -38.40 -9.17
N SER A 890 34.21 -37.10 -9.08
CA SER A 890 35.37 -36.54 -9.76
C SER A 890 36.67 -37.07 -9.16
N PHE A 891 36.73 -37.19 -7.83
CA PHE A 891 37.91 -37.76 -7.20
C PHE A 891 38.09 -39.21 -7.59
N GLN A 892 37.00 -39.97 -7.67
CA GLN A 892 37.14 -41.35 -8.12
C GLN A 892 37.59 -41.42 -9.58
N ASN A 893 37.10 -40.51 -10.42
CA ASN A 893 37.52 -40.48 -11.82
C ASN A 893 39.00 -40.17 -11.95
N ARG A 912 35.83 -30.09 -8.38
CA ARG A 912 37.22 -30.30 -7.87
C ARG A 912 37.70 -29.02 -7.18
N ASP A 913 37.53 -27.87 -7.83
CA ASP A 913 37.90 -26.57 -7.22
C ASP A 913 36.74 -26.12 -6.32
N ILE A 914 35.61 -26.84 -6.39
CA ILE A 914 34.42 -26.51 -5.54
C ILE A 914 34.73 -26.93 -4.11
N VAL A 915 35.87 -27.61 -3.90
CA VAL A 915 36.25 -28.11 -2.55
C VAL A 915 37.51 -27.39 -2.08
N ILE A 916 38.28 -26.82 -3.00
CA ILE A 916 39.55 -26.13 -2.64
C ILE A 916 39.21 -24.70 -2.25
N SER A 917 38.05 -24.21 -2.70
CA SER A 917 37.62 -22.83 -2.38
C SER A 917 36.63 -22.87 -1.22
N LEU A 918 35.62 -23.72 -1.29
CA LEU A 918 34.58 -23.72 -0.23
C LEU A 918 35.15 -24.31 1.05
N GLY A 919 36.07 -25.26 0.92
CA GLY A 919 36.74 -25.82 2.11
C GLY A 919 37.60 -24.78 2.79
N SER A 920 38.27 -23.94 2.00
CA SER A 920 39.08 -22.85 2.58
C SER A 920 38.17 -21.90 3.36
N THR A 921 37.00 -21.57 2.83
CA THR A 921 36.11 -20.59 3.50
C THR A 921 35.70 -21.15 4.87
N TYR A 922 35.42 -22.44 4.96
CA TYR A 922 35.10 -23.02 6.29
C TYR A 922 36.40 -23.15 7.09
N CYS A 923 37.49 -23.61 6.48
CA CYS A 923 38.67 -23.70 7.32
C CYS A 923 39.10 -22.33 7.83
N LEU A 924 38.95 -21.30 7.02
CA LEU A 924 39.30 -19.96 7.49
C LEU A 924 38.31 -19.43 8.50
N TYR A 925 37.02 -19.71 8.34
CA TYR A 925 36.05 -19.36 9.39
C TYR A 925 36.44 -20.02 10.70
N LEU A 926 36.75 -21.32 10.65
CA LEU A 926 37.09 -22.06 11.86
C LEU A 926 38.36 -21.53 12.50
N ILE A 927 39.37 -21.20 11.69
CA ILE A 927 40.63 -20.73 12.26
C ILE A 927 40.44 -19.34 12.87
N SER A 928 39.64 -18.48 12.25
CA SER A 928 39.36 -17.18 12.85
C SER A 928 38.64 -17.34 14.19
N SER A 929 37.66 -18.24 14.24
CA SER A 929 37.00 -18.49 15.52
C SER A 929 37.98 -18.98 16.58
N ILE A 930 38.92 -19.85 16.18
CA ILE A 930 39.91 -20.34 17.14
C ILE A 930 40.82 -19.22 17.62
N ILE A 931 41.26 -18.35 16.70
CA ILE A 931 42.09 -17.22 17.10
C ILE A 931 41.35 -16.34 18.09
N TYR A 932 40.06 -16.13 17.87
CA TYR A 932 39.26 -15.27 18.74
C TYR A 932 38.98 -15.89 20.09
N LEU A 933 39.37 -17.14 20.33
CA LEU A 933 39.16 -17.83 21.60
C LEU A 933 37.69 -17.91 21.96
N GLN A 934 36.83 -18.15 20.97
CA GLN A 934 35.39 -18.29 21.20
C GLN A 934 34.79 -19.11 20.07
N PRO A 935 35.09 -20.41 20.03
CA PRO A 935 34.69 -21.26 18.89
C PRO A 935 33.42 -22.06 19.06
N TRP A 936 32.73 -21.95 20.21
CA TRP A 936 31.68 -22.90 20.53
C TRP A 936 30.45 -22.74 19.66
N HIS A 937 30.35 -21.66 18.89
CA HIS A 937 29.28 -21.47 17.93
C HIS A 937 29.54 -22.17 16.61
N MET A 938 30.76 -22.68 16.41
CA MET A 938 31.14 -23.26 15.09
C MET A 938 30.60 -24.68 14.94
N LEU A 939 29.84 -25.17 15.91
CA LEU A 939 29.19 -26.46 15.81
C LEU A 939 27.75 -26.46 16.31
N THR A 940 27.46 -25.69 17.36
CA THR A 940 26.09 -25.68 17.88
C THR A 940 25.12 -25.03 16.90
N SER A 941 25.61 -24.14 16.05
CA SER A 941 24.71 -23.29 15.28
C SER A 941 25.14 -23.08 13.84
N PHE A 942 26.09 -23.85 13.31
CA PHE A 942 26.52 -23.65 11.94
C PHE A 942 25.50 -24.17 10.95
N ILE A 943 24.92 -25.34 11.22
CA ILE A 943 23.99 -25.96 10.29
C ILE A 943 22.77 -25.09 10.09
N GLN A 944 22.23 -24.51 11.17
CA GLN A 944 21.07 -23.66 11.04
C GLN A 944 21.36 -22.44 10.18
N TYR A 945 22.54 -21.85 10.34
CA TYR A 945 22.89 -20.72 9.51
C TYR A 945 22.99 -21.13 8.04
N ILE A 946 23.62 -22.29 7.77
CA ILE A 946 23.74 -22.73 6.39
C ILE A 946 22.37 -22.94 5.77
N LEU A 947 21.46 -23.53 6.54
CA LEU A 947 20.14 -23.87 5.99
C LEU A 947 19.28 -22.61 5.92
N LEU A 948 19.43 -21.67 6.84
CA LEU A 948 18.53 -20.49 6.83
C LEU A 948 19.24 -19.37 6.08
N SER A 949 20.19 -19.72 5.22
CA SER A 949 20.98 -18.70 4.48
C SER A 949 20.41 -18.46 3.09
N PRO A 950 19.84 -19.45 2.39
CA PRO A 950 19.22 -19.18 1.10
C PRO A 950 18.05 -18.23 1.31
N SER A 951 17.58 -18.05 2.55
CA SER A 951 16.40 -17.20 2.88
C SER A 951 16.85 -15.80 3.26
N TYR A 952 18.08 -15.65 3.70
CA TYR A 952 18.63 -14.32 4.02
C TYR A 952 18.98 -13.65 2.70
N ILE A 953 19.24 -14.46 1.66
CA ILE A 953 19.52 -13.87 0.36
C ILE A 953 18.24 -13.53 -0.38
N ASN A 954 17.21 -14.35 -0.25
CA ASN A 954 16.06 -14.28 -1.15
C ASN A 954 14.79 -13.73 -0.53
N VAL A 955 14.63 -13.78 0.78
CA VAL A 955 13.40 -13.30 1.43
C VAL A 955 13.62 -11.96 2.11
N LEU A 956 14.72 -11.81 2.84
CA LEU A 956 14.96 -10.54 3.52
C LEU A 956 15.36 -9.45 2.54
N ASN A 957 16.08 -9.80 1.48
CA ASN A 957 16.49 -8.79 0.52
C ASN A 957 15.33 -8.31 -0.33
N ILE A 958 14.50 -9.25 -0.79
CA ILE A 958 13.34 -8.88 -1.58
C ILE A 958 12.41 -8.00 -0.77
N TYR A 959 12.14 -8.40 0.47
CA TYR A 959 11.28 -7.59 1.32
C TYR A 959 11.93 -6.25 1.64
N ALA A 960 13.25 -6.23 1.79
CA ALA A 960 13.93 -4.98 2.14
C ALA A 960 13.84 -3.97 1.02
N PHE A 961 14.14 -4.37 -0.21
CA PHE A 961 14.05 -3.43 -1.32
C PHE A 961 12.63 -3.15 -1.76
N CYS A 962 11.69 -4.03 -1.51
CA CYS A 962 10.32 -3.74 -1.92
C CYS A 962 9.59 -2.85 -0.93
N ASN A 963 10.19 -2.51 0.20
CA ASN A 963 9.56 -1.71 1.24
C ASN A 963 10.50 -0.64 1.75
N VAL A 964 11.09 0.14 0.84
CA VAL A 964 12.16 1.05 1.22
C VAL A 964 11.66 2.11 2.19
N HIS A 965 10.53 2.76 1.89
CA HIS A 965 10.22 4.01 2.57
C HIS A 965 9.02 3.97 3.50
N ASP A 966 8.25 2.89 3.56
CA ASP A 966 7.10 2.81 4.47
C ASP A 966 6.08 3.91 4.17
N LEU A 967 5.46 3.78 3.00
CA LEU A 967 4.57 4.81 2.47
C LEU A 967 3.25 4.83 3.22
N SER A 968 2.57 5.97 3.15
CA SER A 968 1.24 6.13 3.73
C SER A 968 0.51 7.15 2.87
N TRP A 969 -0.35 6.66 1.97
CA TRP A 969 -0.95 7.54 0.97
C TRP A 969 -1.99 8.45 1.61
N ASN A 977 -19.16 24.44 6.82
CA ASN A 977 -19.31 25.01 8.15
C ASN A 977 -20.48 24.33 8.86
N PRO A 978 -20.48 24.28 10.18
CA PRO A 978 -21.74 23.99 10.90
C PRO A 978 -22.59 25.24 10.95
N LEU A 979 -23.67 25.26 10.18
CA LEU A 979 -24.39 26.50 9.89
C LEU A 979 -25.81 26.51 10.46
N GLY A 980 -26.10 25.70 11.46
CA GLY A 980 -27.42 25.73 12.06
C GLY A 980 -27.51 24.78 13.23
N LYS A 981 -28.66 24.84 13.90
CA LYS A 981 -29.04 23.93 14.99
C LYS A 981 -30.46 24.27 15.41
N ILE A 982 -31.25 23.29 15.84
CA ILE A 982 -32.60 23.57 16.31
C ILE A 982 -32.87 22.72 17.55
N ASN A 983 -33.14 23.39 18.67
CA ASN A 983 -33.57 22.76 19.91
C ASN A 983 -34.93 23.35 20.28
N THR A 984 -35.90 22.47 20.52
CA THR A 984 -37.25 22.89 20.88
C THR A 984 -37.72 22.11 22.10
N THR A 985 -38.87 22.53 22.63
CA THR A 985 -39.45 21.91 23.81
C THR A 985 -40.26 20.67 23.38
N GLU A 986 -40.97 20.07 24.34
CA GLU A 986 -41.78 18.91 24.03
C GLU A 986 -42.88 19.25 23.02
N ASP A 987 -43.47 20.44 23.15
CA ASP A 987 -44.44 20.89 22.16
C ASP A 987 -43.80 21.05 20.79
N GLY A 988 -42.60 21.59 20.73
CA GLY A 988 -41.90 21.80 19.48
C GLY A 988 -42.14 23.17 18.87
N THR A 989 -41.92 24.22 19.65
CA THR A 989 -42.07 25.59 19.17
C THR A 989 -40.82 26.38 19.50
N PHE A 990 -40.39 27.19 18.54
CA PHE A 990 -39.19 28.01 18.69
C PHE A 990 -39.18 28.99 17.52
N LYS A 991 -38.23 29.91 17.52
CA LYS A 991 -38.10 30.83 16.40
C LYS A 991 -36.69 31.38 16.36
N MET A 992 -36.21 31.64 15.14
CA MET A 992 -34.98 32.40 14.92
C MET A 992 -35.19 33.39 13.80
N GLU A 993 -34.14 34.11 13.42
CA GLU A 993 -34.24 35.10 12.37
C GLU A 993 -34.37 34.44 11.00
N VAL A 994 -35.27 34.96 10.19
CA VAL A 994 -35.53 34.47 8.85
C VAL A 994 -35.35 35.61 7.87
N LEU A 995 -34.73 35.33 6.73
CA LEU A 995 -34.48 36.37 5.75
C LEU A 995 -35.79 36.71 5.07
N VAL A 996 -36.65 37.47 5.76
CA VAL A 996 -37.98 37.78 5.27
C VAL A 996 -37.92 38.75 4.10
N SER A 997 -37.04 39.74 4.18
CA SER A 997 -37.00 40.83 3.21
C SER A 997 -36.77 40.29 1.80
N SER A 998 -37.76 40.49 0.94
CA SER A 998 -37.68 39.95 -0.42
C SER A 998 -36.53 40.56 -1.20
N SER A 999 -36.08 41.75 -0.82
CA SER A 999 -34.93 42.35 -1.49
C SER A 999 -33.68 41.52 -1.27
N GLU A 1000 -33.52 40.95 -0.08
CA GLU A 1000 -32.36 40.08 0.17
C GLU A 1000 -32.50 38.74 -0.52
N ILE A 1001 -33.72 38.23 -0.68
CA ILE A 1001 -33.93 37.04 -1.51
C ILE A 1001 -33.47 37.31 -2.93
N GLN A 1002 -33.92 38.42 -3.52
CA GLN A 1002 -33.47 38.77 -4.86
C GLN A 1002 -31.97 38.98 -4.91
N ALA A 1003 -31.37 39.49 -3.82
CA ALA A 1003 -29.93 39.67 -3.78
C ALA A 1003 -29.20 38.34 -3.86
N ASN A 1004 -29.65 37.35 -3.09
CA ASN A 1004 -29.02 36.03 -3.14
C ASN A 1004 -29.21 35.38 -4.51
N TYR A 1005 -30.41 35.53 -5.07
CA TYR A 1005 -30.68 34.97 -6.38
C TYR A 1005 -29.78 35.59 -7.44
N ASP A 1006 -29.57 36.90 -7.38
CA ASP A 1006 -28.65 37.55 -8.31
C ASP A 1006 -27.21 37.12 -8.04
N LYS A 1007 -26.88 36.82 -6.78
CA LYS A 1007 -25.54 36.35 -6.46
C LYS A 1007 -25.24 35.02 -7.16
N TYR A 1008 -26.14 34.06 -7.04
CA TYR A 1008 -26.00 32.82 -7.82
C TYR A 1008 -26.10 33.04 -9.34
N LEU A 1009 -26.93 33.98 -9.80
CA LEU A 1009 -26.94 34.23 -11.24
C LEU A 1009 -25.58 34.70 -11.72
N LYS A 1010 -24.94 35.60 -10.98
CA LYS A 1010 -23.59 36.04 -11.34
C LYS A 1010 -22.56 34.93 -11.15
N VAL A 1011 -22.76 34.06 -10.16
CA VAL A 1011 -21.87 32.90 -9.99
C VAL A 1011 -21.92 32.03 -11.23
N LEU A 1012 -23.12 31.81 -11.77
CA LEU A 1012 -23.24 31.12 -13.05
C LEU A 1012 -22.60 31.93 -14.17
N ASN A 1013 -22.70 33.26 -14.10
CA ASN A 1013 -22.17 34.12 -15.16
C ASN A 1013 -20.65 34.26 -15.14
N ASP A 1014 -19.96 33.80 -14.09
CA ASP A 1014 -18.52 34.02 -13.99
C ASP A 1014 -17.69 32.91 -14.62
N PHE A 1015 -18.23 32.20 -15.60
CA PHE A 1015 -17.50 31.10 -16.22
C PHE A 1015 -16.24 31.58 -16.92
N GLU A 1025 -0.98 22.26 -6.47
CA GLU A 1025 -0.67 20.92 -6.01
C GLU A 1025 -1.14 20.73 -4.57
N PRO A 1026 -1.62 19.53 -4.26
CA PRO A 1026 -2.09 19.27 -2.89
C PRO A 1026 -0.96 19.21 -1.87
N SER A 1027 -1.31 18.76 -0.66
CA SER A 1027 -0.47 18.85 0.53
C SER A 1027 0.99 18.49 0.26
N TYR A 1028 1.89 19.20 0.93
CA TYR A 1028 3.30 18.81 0.90
C TYR A 1028 3.49 17.37 1.33
N ASP A 1029 2.63 16.88 2.24
CA ASP A 1029 2.71 15.48 2.64
C ASP A 1029 2.43 14.56 1.46
N GLU A 1030 1.42 14.89 0.64
CA GLU A 1030 1.12 14.02 -0.49
C GLU A 1030 2.21 14.09 -1.56
N LYS A 1031 2.78 15.26 -1.78
CA LYS A 1031 3.89 15.36 -2.73
C LYS A 1031 5.11 14.59 -2.23
N LYS A 1032 5.38 14.66 -0.93
CA LYS A 1032 6.48 13.89 -0.37
C LYS A 1032 6.24 12.40 -0.47
N THR A 1033 5.01 11.96 -0.23
CA THR A 1033 4.68 10.55 -0.41
C THR A 1033 4.82 10.12 -1.86
N GLY A 1034 4.45 10.99 -2.79
CA GLY A 1034 4.66 10.68 -4.20
C GLY A 1034 6.12 10.47 -4.52
N TYR A 1035 6.98 11.37 -4.04
CA TYR A 1035 8.41 11.21 -4.30
C TYR A 1035 8.95 9.94 -3.66
N TYR A 1036 8.54 9.67 -2.43
CA TYR A 1036 9.04 8.49 -1.74
C TYR A 1036 8.63 7.21 -2.47
N ALA A 1037 7.38 7.14 -2.93
CA ALA A 1037 6.95 5.96 -3.65
C ALA A 1037 7.52 5.89 -5.05
N ASN A 1038 8.03 6.95 -5.63
CA ASN A 1038 8.63 6.80 -6.99
C ASN A 1038 10.09 6.35 -6.85
N VAL A 1039 10.70 6.55 -5.67
CA VAL A 1039 12.10 6.12 -5.44
C VAL A 1039 12.10 4.66 -4.98
N ARG A 1040 11.07 4.18 -4.27
CA ARG A 1040 11.01 2.75 -3.93
C ARG A 1040 10.73 1.93 -5.18
N SER A 1041 10.14 2.52 -6.21
CA SER A 1041 9.73 1.75 -7.41
C SER A 1041 10.83 1.79 -8.46
N LEU A 1042 11.82 2.65 -8.27
CA LEU A 1042 12.96 2.71 -9.21
C LEU A 1042 14.09 1.84 -8.68
N VAL A 1043 14.14 1.58 -7.36
CA VAL A 1043 15.21 0.72 -6.90
C VAL A 1043 14.90 -0.74 -7.17
N ILE A 1044 13.65 -1.15 -7.07
CA ILE A 1044 13.27 -2.53 -7.37
C ILE A 1044 13.52 -2.85 -8.83
N ILE A 1045 13.12 -1.95 -9.72
CA ILE A 1045 13.25 -2.20 -11.15
C ILE A 1045 14.72 -2.32 -11.52
N TRP A 1047 17.25 -3.06 -9.51
CA TRP A 1047 17.80 -4.25 -8.89
C TRP A 1047 17.49 -5.49 -9.71
N VAL A 1048 16.21 -5.68 -10.06
CA VAL A 1048 15.80 -6.87 -10.79
C VAL A 1048 16.43 -6.91 -12.18
N ILE A 1049 16.43 -5.78 -12.88
CA ILE A 1049 16.95 -5.79 -14.25
C ILE A 1049 18.45 -6.02 -14.26
N THR A 1050 19.20 -5.38 -13.36
CA THR A 1050 20.64 -5.57 -13.38
C THR A 1050 21.06 -6.94 -12.89
N ASN A 1051 20.24 -7.61 -12.08
CA ASN A 1051 20.57 -9.01 -11.81
C ASN A 1051 20.22 -9.91 -12.98
N PHE A 1052 19.08 -9.66 -13.63
CA PHE A 1052 18.73 -10.50 -14.75
C PHE A 1052 19.70 -10.32 -15.91
N ILE A 1053 20.35 -9.17 -16.02
CA ILE A 1053 21.34 -9.01 -17.07
C ILE A 1053 22.46 -10.02 -16.90
N ILE A 1054 22.92 -10.20 -15.66
CA ILE A 1054 23.96 -11.19 -15.38
C ILE A 1054 23.47 -12.59 -15.69
N VAL A 1055 22.24 -12.91 -15.26
CA VAL A 1055 21.70 -14.25 -15.52
C VAL A 1055 21.63 -14.52 -17.02
N ALA A 1056 21.15 -13.54 -17.79
CA ALA A 1056 21.01 -13.70 -19.23
C ALA A 1056 22.36 -13.84 -19.92
N VAL A 1057 23.35 -13.05 -19.50
CA VAL A 1057 24.66 -13.13 -20.13
C VAL A 1057 25.28 -14.50 -19.88
N VAL A 1058 25.14 -15.03 -18.66
CA VAL A 1058 25.83 -16.27 -18.33
C VAL A 1058 25.08 -17.49 -18.89
N LEU A 1059 23.80 -17.61 -18.59
CA LEU A 1059 23.03 -18.78 -19.00
C LEU A 1059 22.51 -18.70 -20.43
N GLU A 1060 22.60 -17.53 -21.06
CA GLU A 1060 22.08 -17.32 -22.41
C GLU A 1060 20.57 -17.46 -22.45
N THR A 1061 19.91 -16.86 -21.47
CA THR A 1061 18.47 -16.74 -21.43
C THR A 1061 18.10 -15.46 -22.18
N GLY A 1062 16.85 -15.03 -22.09
CA GLY A 1062 16.48 -13.78 -22.71
C GLY A 1062 16.49 -13.78 -24.21
N GLY A 1063 16.53 -14.95 -24.84
CA GLY A 1063 16.56 -15.02 -26.28
C GLY A 1063 17.91 -14.85 -26.90
N ILE A 1064 18.98 -14.75 -26.10
CA ILE A 1064 20.30 -14.56 -26.67
C ILE A 1064 20.78 -15.82 -27.37
N ALA A 1065 20.53 -16.99 -26.77
CA ALA A 1065 20.95 -18.23 -27.41
C ALA A 1065 20.21 -18.44 -28.72
N ASP A 1066 18.93 -18.10 -28.76
CA ASP A 1066 18.18 -18.15 -30.02
C ASP A 1066 18.80 -17.21 -31.03
N TYR A 1067 19.18 -16.01 -30.61
CA TYR A 1067 19.80 -15.06 -31.51
C TYR A 1067 21.08 -15.61 -32.10
N ILE A 1068 21.91 -16.24 -31.29
CA ILE A 1068 23.15 -16.82 -31.78
C ILE A 1068 22.85 -17.95 -32.76
N ALA A 1069 21.85 -18.77 -32.45
CA ALA A 1069 21.51 -19.87 -33.35
C ALA A 1069 21.04 -19.34 -34.70
N MET A 1070 20.21 -18.30 -34.68
CA MET A 1070 19.71 -17.77 -35.94
C MET A 1070 20.84 -17.13 -36.74
N LYS A 1071 21.79 -16.48 -36.07
CA LYS A 1071 22.96 -15.97 -36.78
C LYS A 1071 23.74 -17.11 -37.44
N SER A 1072 23.93 -18.21 -36.72
CA SER A 1072 24.65 -19.35 -37.29
C SER A 1072 23.93 -19.89 -38.52
N ILE A 1073 22.60 -19.92 -38.47
CA ILE A 1073 21.84 -20.36 -39.65
C ILE A 1073 22.00 -19.37 -40.79
N SER A 1074 22.10 -18.07 -40.49
CA SER A 1074 22.09 -17.06 -41.54
C SER A 1074 23.26 -17.22 -42.51
N THR A 1075 24.39 -17.74 -42.03
CA THR A 1075 25.56 -17.93 -42.87
C THR A 1075 25.32 -19.00 -43.93
N ALA A 1085 20.19 -24.82 -37.35
CA ALA A 1085 21.12 -25.06 -36.25
C ALA A 1085 20.37 -25.20 -34.93
N GLU A 1086 21.11 -25.56 -33.88
CA GLU A 1086 20.51 -25.97 -32.63
C GLU A 1086 21.20 -25.28 -31.47
N ILE A 1087 20.47 -25.14 -30.37
CA ILE A 1087 20.93 -24.46 -29.16
C ILE A 1087 21.68 -25.46 -28.29
N PRO A 1088 22.76 -25.05 -27.63
CA PRO A 1088 23.44 -25.96 -26.70
C PRO A 1088 22.83 -25.94 -25.31
N LEU A 1089 22.95 -27.08 -24.64
CA LEU A 1089 22.38 -27.23 -23.30
C LEU A 1089 23.11 -26.35 -22.29
N MET A 1090 24.40 -26.61 -22.08
CA MET A 1090 25.21 -25.86 -21.14
C MET A 1090 26.49 -25.43 -21.83
N THR A 1091 26.84 -24.16 -21.60
CA THR A 1091 28.00 -23.55 -22.30
C THR A 1091 29.22 -23.41 -21.42
N SER A 1092 30.23 -22.69 -21.90
CA SER A 1092 31.46 -22.51 -21.15
C SER A 1092 31.44 -21.25 -20.28
N LYS A 1093 30.58 -20.28 -20.59
CA LYS A 1093 30.41 -19.14 -19.69
C LYS A 1093 29.97 -19.60 -18.31
N ALA A 1094 29.18 -20.67 -18.23
CA ALA A 1094 28.76 -21.17 -16.94
C ALA A 1094 29.95 -21.63 -16.11
N SER A 1095 30.85 -22.39 -16.72
CA SER A 1095 32.04 -22.82 -15.99
C SER A 1095 32.89 -21.64 -15.55
N ILE A 1096 33.11 -20.68 -16.44
CA ILE A 1096 33.95 -19.55 -16.09
C ILE A 1096 33.35 -18.76 -14.94
N TYR A 1097 32.05 -18.47 -15.02
CA TYR A 1097 31.38 -17.75 -13.95
C TYR A 1097 31.39 -18.51 -12.64
N PHE A 1098 31.17 -19.81 -12.70
CA PHE A 1098 31.00 -20.57 -11.48
C PHE A 1098 32.34 -20.78 -10.81
N ASN A 1099 33.44 -20.61 -11.56
CA ASN A 1099 34.75 -20.47 -10.91
C ASN A 1099 34.92 -19.08 -10.31
N VAL A 1100 34.52 -18.04 -11.03
CA VAL A 1100 34.71 -16.67 -10.53
C VAL A 1100 34.02 -16.47 -9.19
N ILE A 1101 32.79 -16.98 -9.03
CA ILE A 1101 32.08 -16.78 -7.77
C ILE A 1101 32.76 -17.49 -6.62
N LEU A 1102 33.16 -18.75 -6.82
CA LEU A 1102 33.79 -19.47 -5.72
C LEU A 1102 35.08 -18.80 -5.28
N TRP A 1103 35.90 -18.37 -6.24
CA TRP A 1103 37.14 -17.73 -5.82
C TRP A 1103 36.92 -16.33 -5.28
N LEU A 1104 35.89 -15.63 -5.75
CA LEU A 1104 35.60 -14.31 -5.22
C LEU A 1104 34.97 -14.36 -3.84
N VAL A 1105 34.40 -15.50 -3.44
CA VAL A 1105 33.93 -15.64 -2.06
C VAL A 1105 35.01 -16.24 -1.17
N ALA A 1106 35.99 -16.92 -1.74
CA ALA A 1106 37.14 -17.30 -0.93
C ALA A 1106 38.03 -16.10 -0.63
N LEU A 1107 38.13 -15.16 -1.56
CA LEU A 1107 39.00 -14.01 -1.36
C LEU A 1107 38.55 -13.15 -0.18
N SER A 1108 37.25 -12.92 -0.04
CA SER A 1108 36.78 -12.08 1.06
C SER A 1108 37.04 -12.75 2.40
N ALA A 1109 36.85 -14.06 2.47
CA ALA A 1109 37.17 -14.79 3.69
C ALA A 1109 38.65 -14.67 4.02
N LEU A 1110 39.51 -14.72 2.99
CA LEU A 1110 40.94 -14.56 3.24
C LEU A 1110 41.25 -13.18 3.79
N ILE A 1111 40.69 -12.14 3.19
CA ILE A 1111 40.96 -10.78 3.65
C ILE A 1111 40.49 -10.59 5.09
N ARG A 1112 39.31 -11.09 5.41
CA ARG A 1112 38.79 -10.89 6.76
C ARG A 1112 39.55 -11.74 7.77
N PHE A 1113 40.05 -12.91 7.38
CA PHE A 1113 40.90 -13.67 8.29
C PHE A 1113 42.18 -12.91 8.60
N ILE A 1114 42.78 -12.32 7.57
CA ILE A 1114 44.00 -11.54 7.82
C ILE A 1114 43.70 -10.37 8.73
N GLY A 1115 42.56 -9.71 8.53
CA GLY A 1115 42.19 -8.59 9.39
C GLY A 1115 41.99 -8.98 10.84
N CYS A 1116 41.28 -10.07 11.07
CA CYS A 1116 41.07 -10.55 12.44
C CYS A 1116 42.39 -10.92 13.09
N SER A 1117 43.28 -11.56 12.34
CA SER A 1117 44.59 -11.92 12.88
C SER A 1117 45.39 -10.69 13.27
N ILE A 1118 45.40 -9.66 12.41
CA ILE A 1118 46.11 -8.43 12.74
C ILE A 1118 45.53 -7.83 14.02
N TYR A 1119 44.21 -7.79 14.13
CA TYR A 1119 43.58 -7.21 15.31
C TYR A 1119 44.02 -7.92 16.58
N MET A 1120 43.92 -9.25 16.59
CA MET A 1120 44.28 -10.00 17.78
C MET A 1120 45.76 -9.81 18.12
N ILE A 1121 46.62 -9.81 17.11
CA ILE A 1121 48.06 -9.71 17.35
C ILE A 1121 48.42 -8.35 17.95
N VAL A 1122 47.88 -7.28 17.37
CA VAL A 1122 48.15 -5.94 17.87
C VAL A 1122 47.63 -5.79 19.30
N ARG A 1123 46.42 -6.28 19.55
CA ARG A 1123 45.88 -6.21 20.90
C ARG A 1123 46.78 -6.96 21.87
N PHE A 1124 47.31 -8.11 21.46
CA PHE A 1124 48.16 -8.89 22.33
C PHE A 1124 49.47 -8.16 22.64
N PHE A 1125 50.12 -7.55 21.65
CA PHE A 1125 51.33 -6.79 21.95
C PHE A 1125 51.05 -5.60 22.87
N LYS A 1126 49.97 -4.86 22.61
CA LYS A 1126 49.68 -3.72 23.47
C LYS A 1126 49.37 -4.17 24.90
N LYS A 1127 48.68 -5.31 25.04
CA LYS A 1127 48.40 -5.83 26.38
C LYS A 1127 49.68 -6.30 27.07
N VAL A 1128 50.58 -6.95 26.32
CA VAL A 1128 51.84 -7.41 26.91
C VAL A 1128 52.65 -6.22 27.39
N ASN B 382 -45.48 17.04 12.65
CA ASN B 382 -45.54 15.64 13.08
C ASN B 382 -44.22 15.19 13.70
N GLY B 383 -43.58 16.07 14.45
CA GLY B 383 -42.29 15.79 15.03
C GLY B 383 -41.12 15.96 14.09
N ASN B 384 -41.36 16.40 12.85
CA ASN B 384 -40.32 16.57 11.86
C ASN B 384 -40.29 18.02 11.41
N PHE B 385 -39.13 18.47 10.95
CA PHE B 385 -38.93 19.85 10.54
C PHE B 385 -39.19 19.98 9.04
N VAL B 386 -40.20 20.77 8.69
CA VAL B 386 -40.47 21.13 7.31
C VAL B 386 -40.57 22.65 7.23
N PHE B 387 -40.37 23.18 6.03
CA PHE B 387 -40.38 24.62 5.83
C PHE B 387 -40.86 24.89 4.42
N ASP B 388 -41.44 26.04 4.18
CA ASP B 388 -42.06 26.35 2.90
C ASP B 388 -41.81 27.82 2.56
N SER B 389 -40.79 28.07 1.75
CA SER B 389 -40.39 29.43 1.40
C SER B 389 -41.01 29.87 0.10
N PRO B 390 -41.14 31.16 -0.13
CA PRO B 390 -41.51 31.65 -1.46
C PRO B 390 -40.27 31.81 -2.32
N ILE B 391 -40.50 31.76 -3.64
CA ILE B 391 -39.44 31.95 -4.62
C ILE B 391 -39.28 33.44 -4.91
N SER B 392 -38.19 33.81 -5.57
CA SER B 392 -37.96 35.20 -5.91
C SER B 392 -39.04 35.68 -6.88
N LYS B 393 -39.44 36.94 -6.73
CA LYS B 393 -40.46 37.51 -7.61
C LYS B 393 -40.00 37.56 -9.06
N THR B 394 -38.69 37.51 -9.30
CA THR B 394 -38.20 37.43 -10.67
C THR B 394 -38.64 36.14 -11.35
N LEU B 395 -38.65 35.04 -10.59
CA LEU B 395 -39.25 33.81 -11.11
C LEU B 395 -40.74 33.99 -11.36
N LEU B 396 -41.44 34.66 -10.44
CA LEU B 396 -42.86 34.92 -10.62
C LEU B 396 -43.12 35.70 -11.90
N ASP B 397 -42.16 36.54 -12.31
CA ASP B 397 -42.33 37.32 -13.52
C ASP B 397 -42.47 36.42 -14.75
N GLN B 398 -41.69 35.35 -14.82
CA GLN B 398 -41.83 34.39 -15.96
C GLN B 398 -43.00 33.45 -15.70
N TYR B 399 -43.28 33.10 -14.44
CA TYR B 399 -44.35 32.16 -14.16
C TYR B 399 -45.70 32.73 -14.54
N ALA B 400 -45.91 34.02 -14.30
CA ALA B 400 -47.16 34.65 -14.70
C ALA B 400 -47.34 34.62 -16.22
N THR B 401 -46.26 34.90 -16.95
CA THR B 401 -46.32 34.88 -18.41
C THR B 401 -46.62 33.48 -18.93
N LEU B 409 -52.11 31.48 -10.42
CA LEU B 409 -50.91 30.67 -10.16
C LEU B 409 -51.11 29.81 -8.93
N PRO B 410 -50.90 28.50 -9.07
CA PRO B 410 -51.23 27.57 -7.99
C PRO B 410 -50.17 27.54 -6.90
N ASN B 411 -50.47 26.76 -5.86
CA ASN B 411 -49.57 26.68 -4.68
C ASN B 411 -48.41 25.74 -5.01
N GLU B 412 -48.53 24.97 -6.07
CA GLU B 412 -47.42 24.12 -6.50
C GLU B 412 -46.27 24.92 -7.07
N PHE B 413 -46.55 26.08 -7.64
CA PHE B 413 -45.57 26.78 -8.46
C PHE B 413 -44.88 27.90 -7.70
N LYS B 414 -45.59 28.58 -6.80
CA LYS B 414 -45.07 29.77 -6.14
C LYS B 414 -44.22 29.47 -4.91
N PHE B 415 -44.31 28.23 -4.43
CA PHE B 415 -43.64 27.88 -3.16
C PHE B 415 -42.74 26.66 -3.30
N MET B 416 -41.79 26.50 -2.38
CA MET B 416 -40.88 25.32 -2.37
C MET B 416 -40.98 24.67 -0.99
N ARG B 417 -40.68 23.38 -0.87
CA ARG B 417 -40.81 22.67 0.43
C ARG B 417 -39.44 22.13 0.83
N TYR B 418 -38.97 22.47 2.02
CA TYR B 418 -37.68 21.90 2.47
C TYR B 418 -37.93 20.96 3.65
N GLN B 419 -38.15 19.68 3.36
CA GLN B 419 -38.27 18.70 4.47
C GLN B 419 -36.83 18.34 4.83
N ALA B 420 -36.51 18.20 6.11
CA ALA B 420 -35.13 17.77 6.42
C ALA B 420 -35.18 16.37 6.98
N VAL B 421 -34.61 15.41 6.26
CA VAL B 421 -34.63 13.98 6.70
C VAL B 421 -33.41 13.74 7.58
N THR B 422 -33.56 12.99 8.67
CA THR B 422 -32.45 12.70 9.61
C THR B 422 -32.38 11.19 9.78
N CYS B 423 -33.45 10.47 9.47
CA CYS B 423 -33.58 9.03 9.65
C CYS B 423 -32.78 8.30 8.59
N GLU B 424 -32.90 6.98 8.60
CA GLU B 424 -32.32 6.14 7.57
C GLU B 424 -33.18 6.17 6.31
N PRO B 425 -32.60 5.88 5.15
CA PRO B 425 -33.41 5.92 3.92
C PRO B 425 -34.58 4.96 3.95
N ASN B 426 -34.50 3.87 4.71
CA ASN B 426 -35.58 2.89 4.75
C ASN B 426 -36.60 3.19 5.84
N GLN B 427 -36.74 4.44 6.25
CA GLN B 427 -37.69 4.80 7.30
C GLN B 427 -38.54 6.02 6.97
N LEU B 428 -38.43 6.55 5.74
CA LEU B 428 -39.13 7.78 5.41
C LEU B 428 -40.62 7.70 5.68
N ALA B 429 -41.24 6.55 5.46
CA ALA B 429 -42.68 6.44 5.58
C ALA B 429 -43.14 6.49 7.03
N GLU B 430 -42.57 5.61 7.87
CA GLU B 430 -43.03 5.50 9.24
C GLU B 430 -42.48 6.59 10.16
N LYS B 431 -41.60 7.45 9.66
CA LYS B 431 -41.18 8.63 10.40
C LYS B 431 -41.98 9.87 10.04
N ASN B 432 -43.10 9.69 9.33
CA ASN B 432 -44.02 10.78 9.00
C ASN B 432 -43.37 11.84 8.11
N PHE B 433 -42.62 11.37 7.11
CA PHE B 433 -42.10 12.22 6.05
C PHE B 433 -42.94 12.01 4.80
N THR B 434 -43.23 13.09 4.09
CA THR B 434 -44.03 13.02 2.88
C THR B 434 -43.36 13.80 1.77
N VAL B 435 -44.01 13.79 0.60
CA VAL B 435 -43.62 14.64 -0.52
C VAL B 435 -44.89 15.28 -1.07
N ARG B 436 -44.70 16.35 -1.83
CA ARG B 436 -45.83 17.15 -2.28
C ARG B 436 -46.81 16.35 -3.12
N GLN B 437 -46.37 15.25 -3.73
CA GLN B 437 -47.27 14.48 -4.58
C GLN B 437 -48.38 13.81 -3.79
N LEU B 438 -48.14 13.50 -2.51
CA LEU B 438 -49.13 12.84 -1.68
C LEU B 438 -50.01 13.79 -0.89
N LYS B 439 -49.84 15.11 -1.09
CA LYS B 439 -50.53 16.09 -0.27
C LYS B 439 -51.75 16.69 -0.93
N TYR B 440 -51.87 16.61 -2.25
CA TYR B 440 -52.93 17.31 -2.94
C TYR B 440 -54.29 16.70 -2.59
N LEU B 441 -55.35 17.30 -3.15
CA LEU B 441 -56.70 16.82 -2.86
C LEU B 441 -56.86 15.37 -3.31
N THR B 442 -56.38 15.05 -4.51
CA THR B 442 -56.26 13.69 -4.97
C THR B 442 -54.78 13.42 -5.19
N PRO B 443 -54.17 12.49 -4.44
CA PRO B 443 -52.72 12.27 -4.56
C PRO B 443 -52.33 11.86 -5.97
N ARG B 444 -51.20 12.37 -6.43
CA ARG B 444 -50.71 12.08 -7.77
C ARG B 444 -50.12 10.68 -7.83
N GLU B 445 -50.35 10.02 -8.97
CA GLU B 445 -49.94 8.64 -9.18
C GLU B 445 -48.81 8.65 -10.20
N THR B 446 -47.59 8.38 -9.74
CA THR B 446 -46.40 8.56 -10.56
C THR B 446 -46.21 7.38 -11.51
N GLU B 447 -45.85 7.70 -12.75
CA GLU B 447 -45.61 6.70 -13.78
C GLU B 447 -44.13 6.51 -14.08
N LEU B 448 -43.30 7.49 -13.77
CA LEU B 448 -41.90 7.43 -14.14
C LEU B 448 -41.10 8.23 -13.14
N LEU B 450 -37.20 9.41 -12.35
CA LEU B 450 -35.89 9.53 -12.96
C LEU B 450 -34.89 9.96 -11.90
N VAL B 451 -33.92 9.11 -11.63
CA VAL B 451 -32.94 9.43 -10.56
C VAL B 451 -31.66 9.86 -11.25
N VAL B 452 -31.13 11.03 -10.90
CA VAL B 452 -29.91 11.55 -11.57
C VAL B 452 -28.82 11.69 -10.53
N THR B 453 -27.98 10.67 -10.37
CA THR B 453 -26.87 10.70 -9.39
C THR B 453 -25.83 11.75 -9.78
N MET B 454 -25.34 12.53 -8.82
CA MET B 454 -24.26 13.53 -9.08
C MET B 454 -23.35 13.62 -7.84
N TYR B 455 -22.07 13.90 -8.05
CA TYR B 455 -21.09 14.05 -6.96
C TYR B 455 -20.42 15.41 -6.97
N ASN B 456 -19.65 15.73 -8.01
CA ASN B 456 -19.01 17.03 -8.13
C ASN B 456 -18.97 17.51 -9.57
N GLU B 457 -19.89 17.00 -10.40
CA GLU B 457 -19.96 17.42 -11.81
C GLU B 457 -20.19 18.94 -11.84
N ASP B 458 -19.64 19.62 -12.85
CA ASP B 458 -19.86 21.05 -12.97
C ASP B 458 -21.26 21.27 -13.51
N HIS B 459 -21.57 22.50 -13.90
CA HIS B 459 -22.93 22.80 -14.31
C HIS B 459 -23.20 22.47 -15.77
N ILE B 460 -22.16 22.26 -16.59
CA ILE B 460 -22.41 21.86 -17.98
C ILE B 460 -22.93 20.43 -18.04
N LEU B 461 -22.32 19.52 -17.27
CA LEU B 461 -22.77 18.13 -17.30
C LEU B 461 -24.19 18.01 -16.78
N LEU B 462 -24.47 18.65 -15.64
CA LEU B 462 -25.82 18.61 -15.10
C LEU B 462 -26.80 19.30 -16.04
N GLY B 463 -26.36 20.36 -16.71
CA GLY B 463 -27.22 20.98 -17.70
C GLY B 463 -27.57 20.05 -18.83
N ARG B 464 -26.60 19.27 -19.29
CA ARG B 464 -26.87 18.32 -20.37
C ARG B 464 -27.89 17.27 -19.94
N THR B 465 -27.70 16.71 -18.74
CA THR B 465 -28.65 15.71 -18.27
C THR B 465 -30.05 16.29 -18.15
N LEU B 466 -30.17 17.47 -17.56
CA LEU B 466 -31.48 18.08 -17.39
C LEU B 466 -32.09 18.46 -18.73
N LYS B 467 -31.27 18.89 -19.69
CA LYS B 467 -31.80 19.22 -21.00
C LYS B 467 -32.40 18.00 -21.67
N GLY B 468 -31.71 16.87 -21.60
CA GLY B 468 -32.28 15.66 -22.15
C GLY B 468 -33.57 15.27 -21.47
N MET B 470 -35.76 17.21 -19.87
CA MET B 470 -36.85 18.13 -20.19
C MET B 470 -37.30 17.96 -21.63
N ASP B 471 -36.38 17.69 -22.56
CA ASP B 471 -36.80 17.42 -23.93
C ASP B 471 -37.69 16.19 -23.99
N ASN B 472 -37.31 15.14 -23.27
CA ASN B 472 -38.14 13.94 -23.28
C ASN B 472 -39.50 14.22 -22.68
N VAL B 473 -39.56 14.97 -21.59
CA VAL B 473 -40.85 15.27 -20.98
C VAL B 473 -41.72 16.06 -21.93
N LYS B 474 -41.14 17.04 -22.62
CA LYS B 474 -41.91 17.82 -23.59
C LYS B 474 -42.43 16.95 -24.70
N TYR B 475 -41.59 16.06 -25.23
CA TYR B 475 -42.03 15.11 -26.24
C TYR B 475 -43.21 14.29 -25.72
N MET B 476 -43.17 13.94 -24.45
CA MET B 476 -44.19 13.08 -23.90
C MET B 476 -45.49 13.80 -23.60
N VAL B 477 -45.46 15.12 -23.47
CA VAL B 477 -46.76 15.82 -23.29
C VAL B 477 -47.33 16.01 -24.69
N LYS B 478 -46.50 16.43 -25.65
CA LYS B 478 -47.05 16.68 -26.97
C LYS B 478 -47.52 15.41 -27.67
N LYS B 479 -47.21 14.24 -27.14
CA LYS B 479 -47.69 12.98 -27.71
C LYS B 479 -49.21 12.95 -27.70
N LYS B 480 -49.82 12.80 -28.87
CA LYS B 480 -51.27 12.92 -28.98
C LYS B 480 -51.99 11.60 -28.77
N ASN B 481 -51.69 10.61 -29.60
CA ASN B 481 -52.47 9.37 -29.63
C ASN B 481 -51.84 8.35 -28.69
N SER B 482 -52.17 8.48 -27.41
CA SER B 482 -51.64 7.58 -26.40
C SER B 482 -52.60 7.49 -25.24
N SER B 483 -52.62 6.33 -24.59
CA SER B 483 -53.49 6.11 -23.44
C SER B 483 -52.84 6.52 -22.12
N THR B 484 -51.52 6.75 -22.11
CA THR B 484 -50.81 7.09 -20.89
C THR B 484 -50.37 8.55 -20.84
N TRP B 485 -49.96 9.11 -21.96
CA TRP B 485 -49.45 10.47 -22.01
C TRP B 485 -50.42 11.37 -22.75
N GLY B 486 -50.34 12.66 -22.43
CA GLY B 486 -51.24 13.63 -22.99
C GLY B 486 -50.88 15.03 -22.56
N PRO B 487 -51.86 15.94 -22.61
CA PRO B 487 -51.58 17.34 -22.26
C PRO B 487 -51.06 17.52 -20.84
N ASP B 488 -51.45 16.66 -19.91
CA ASP B 488 -51.02 16.76 -18.51
C ASP B 488 -50.13 15.59 -18.11
N ALA B 489 -49.24 15.20 -19.01
CA ALA B 489 -48.37 14.06 -18.73
C ALA B 489 -47.33 14.38 -17.66
N TRP B 490 -46.90 15.63 -17.57
CA TRP B 490 -45.84 16.00 -16.64
C TRP B 490 -46.19 15.69 -15.20
N LYS B 491 -47.47 15.56 -14.87
CA LYS B 491 -47.86 15.24 -13.50
C LYS B 491 -47.47 13.83 -13.12
N LYS B 492 -47.16 12.97 -14.09
CA LYS B 492 -46.84 11.58 -13.85
C LYS B 492 -45.36 11.31 -13.87
N ILE B 493 -44.53 12.35 -13.97
CA ILE B 493 -43.08 12.22 -14.07
C ILE B 493 -42.45 13.08 -12.98
N VAL B 494 -41.56 12.51 -12.20
CA VAL B 494 -40.86 13.21 -11.13
C VAL B 494 -39.37 13.02 -11.32
N CYS B 496 -35.90 13.14 -9.69
CA CYS B 496 -35.20 13.12 -8.40
C CYS B 496 -33.71 13.26 -8.65
N ILE B 497 -33.11 14.33 -8.13
CA ILE B 497 -31.69 14.61 -8.32
C ILE B 497 -30.99 14.41 -7.00
N ILE B 498 -30.25 13.31 -6.86
CA ILE B 498 -29.61 12.96 -5.61
C ILE B 498 -28.19 13.48 -5.65
N SER B 499 -27.94 14.61 -5.01
CA SER B 499 -26.58 15.09 -4.84
C SER B 499 -25.88 14.22 -3.81
N ASP B 500 -24.67 14.57 -3.45
CA ASP B 500 -23.97 13.70 -2.50
C ASP B 500 -22.93 14.56 -1.77
N GLY B 501 -23.35 15.13 -0.63
CA GLY B 501 -22.49 15.98 0.17
C GLY B 501 -22.48 17.43 -0.25
N ARG B 502 -22.57 18.35 0.72
CA ARG B 502 -22.49 19.77 0.40
C ARG B 502 -21.08 20.23 0.11
N SER B 503 -20.07 19.60 0.72
CA SER B 503 -18.71 20.06 0.53
C SER B 503 -18.23 19.84 -0.91
N LYS B 504 -18.58 18.70 -1.50
CA LYS B 504 -18.08 18.35 -2.81
C LYS B 504 -18.88 18.97 -3.95
N ILE B 505 -20.14 19.33 -3.72
CA ILE B 505 -20.98 19.81 -4.81
C ILE B 505 -20.39 21.07 -5.40
N ASN B 506 -20.39 21.14 -6.74
CA ASN B 506 -19.91 22.32 -7.44
C ASN B 506 -20.95 23.42 -7.35
N GLU B 507 -20.63 24.51 -6.64
CA GLU B 507 -21.60 25.56 -6.41
C GLU B 507 -22.05 26.24 -7.70
N ARG B 508 -21.30 26.07 -8.79
CA ARG B 508 -21.83 26.51 -10.07
C ARG B 508 -22.98 25.65 -10.55
N SER B 509 -23.15 24.45 -9.99
CA SER B 509 -24.35 23.68 -10.26
C SER B 509 -25.47 23.98 -9.27
N LEU B 510 -25.13 24.30 -8.02
CA LEU B 510 -26.14 24.86 -7.11
C LEU B 510 -26.70 26.15 -7.68
N ALA B 511 -25.89 26.90 -8.41
CA ALA B 511 -26.38 28.08 -9.11
C ALA B 511 -27.50 27.70 -10.07
N LEU B 512 -27.31 26.64 -10.85
CA LEU B 512 -28.32 26.25 -11.82
C LEU B 512 -29.55 25.70 -11.13
N LEU B 513 -29.37 24.92 -10.07
CA LEU B 513 -30.51 24.38 -9.34
C LEU B 513 -31.33 25.49 -8.72
N SER B 514 -30.66 26.55 -8.24
CA SER B 514 -31.39 27.70 -7.72
C SER B 514 -32.07 28.49 -8.84
N SER B 515 -31.41 28.59 -9.99
CA SER B 515 -32.04 29.27 -11.12
C SER B 515 -33.33 28.57 -11.52
N LEU B 516 -33.33 27.24 -11.49
CA LEU B 516 -34.57 26.51 -11.74
C LEU B 516 -35.60 26.78 -10.67
N GLY B 517 -35.16 27.02 -9.44
CA GLY B 517 -36.06 27.30 -8.35
C GLY B 517 -36.24 26.19 -7.36
N CYS B 518 -35.25 25.32 -7.20
CA CYS B 518 -35.39 24.13 -6.35
C CYS B 518 -34.37 24.13 -5.22
N TYR B 519 -33.83 25.30 -4.87
CA TYR B 519 -32.87 25.39 -3.78
C TYR B 519 -32.64 26.84 -3.39
N GLN B 520 -32.73 27.14 -2.10
CA GLN B 520 -32.45 28.47 -1.58
C GLN B 520 -31.57 28.33 -0.35
N ASP B 521 -30.44 29.04 -0.36
CA ASP B 521 -29.55 29.00 0.78
C ASP B 521 -30.10 29.83 1.93
N GLY B 522 -29.83 29.38 3.15
CA GLY B 522 -30.27 30.11 4.32
C GLY B 522 -30.89 29.26 5.39
N PHE B 523 -31.62 28.21 5.01
CA PHE B 523 -32.31 27.42 6.00
C PHE B 523 -32.02 25.92 5.93
N ALA B 524 -30.74 25.56 5.89
CA ALA B 524 -30.33 24.20 6.21
C ALA B 524 -30.07 24.10 7.70
N LYS B 525 -30.39 22.94 8.28
CA LYS B 525 -30.27 22.76 9.73
C LYS B 525 -29.49 21.49 10.02
N ASP B 526 -28.24 21.64 10.46
CA ASP B 526 -27.28 20.57 10.55
C ASP B 526 -27.55 19.61 11.70
N GLU B 527 -28.53 19.92 12.55
CA GLU B 527 -29.02 18.98 13.55
C GLU B 527 -30.38 19.47 13.99
N ILE B 528 -31.22 18.54 14.41
CA ILE B 528 -32.55 18.87 14.90
C ILE B 528 -32.85 17.98 16.10
N ASN B 529 -32.84 18.57 17.30
CA ASN B 529 -33.23 17.91 18.54
C ASN B 529 -32.41 16.64 18.77
N GLU B 530 -31.11 16.87 18.98
CA GLU B 530 -30.11 15.83 19.29
C GLU B 530 -30.08 14.72 18.23
N LYS B 531 -30.57 15.01 17.03
CA LYS B 531 -30.56 14.07 15.92
C LYS B 531 -29.86 14.73 14.74
N LYS B 532 -28.81 14.08 14.23
CA LYS B 532 -28.07 14.64 13.12
C LYS B 532 -28.90 14.57 11.84
N VAL B 533 -28.99 15.69 11.13
CA VAL B 533 -29.69 15.69 9.85
C VAL B 533 -28.90 14.85 8.85
N ALA B 534 -29.61 14.12 8.01
CA ALA B 534 -28.95 13.29 7.00
C ALA B 534 -29.28 13.70 5.58
N MET B 535 -30.38 14.40 5.34
CA MET B 535 -30.80 14.62 3.98
C MET B 535 -31.50 15.97 3.93
N HIS B 536 -31.19 16.78 2.93
CA HIS B 536 -31.87 18.05 2.71
C HIS B 536 -32.69 17.93 1.44
N VAL B 537 -34.00 17.83 1.59
CA VAL B 537 -34.90 17.52 0.49
C VAL B 537 -35.63 18.79 0.10
N TYR B 538 -35.26 19.37 -1.04
CA TYR B 538 -35.95 20.53 -1.57
C TYR B 538 -36.88 20.09 -2.69
N GLU B 539 -38.03 20.73 -2.81
CA GLU B 539 -38.96 20.33 -3.83
C GLU B 539 -39.69 21.55 -4.38
N HIS B 540 -40.04 21.44 -5.65
CA HIS B 540 -40.74 22.54 -6.34
C HIS B 540 -41.23 22.02 -7.68
N THR B 541 -41.69 22.92 -8.53
CA THR B 541 -42.25 22.48 -9.82
C THR B 541 -42.05 23.63 -10.81
N THR B 542 -40.93 23.57 -11.54
CA THR B 542 -40.48 24.73 -12.30
C THR B 542 -41.26 24.87 -13.60
N MET B 543 -41.01 26.00 -14.29
CA MET B 543 -41.55 26.30 -15.59
C MET B 543 -40.49 26.61 -16.64
N ILE B 544 -39.24 26.77 -16.25
CA ILE B 544 -38.19 27.15 -17.17
C ILE B 544 -37.50 25.90 -17.66
N ASN B 545 -37.04 25.96 -18.90
CA ASN B 545 -36.39 24.83 -19.55
C ASN B 545 -35.03 25.24 -20.07
N ILE B 546 -34.08 24.31 -20.00
CA ILE B 546 -32.78 24.47 -20.64
C ILE B 546 -32.96 24.19 -22.13
N THR B 547 -32.60 25.17 -22.96
CA THR B 547 -32.87 25.07 -24.38
C THR B 547 -31.62 25.06 -25.25
N ASN B 548 -30.48 25.49 -24.72
CA ASN B 548 -29.24 25.40 -25.47
C ASN B 548 -28.09 25.37 -24.48
N ILE B 549 -27.04 24.66 -24.85
CA ILE B 549 -25.86 24.51 -24.00
C ILE B 549 -24.65 24.77 -24.89
N SER B 550 -24.05 25.94 -24.74
CA SER B 550 -22.77 26.18 -25.37
C SER B 550 -21.66 25.60 -24.49
N GLU B 551 -20.42 25.81 -24.88
CA GLU B 551 -19.30 25.39 -24.04
C GLU B 551 -19.23 26.18 -22.74
N SER B 552 -19.96 27.28 -22.64
CA SER B 552 -19.82 28.21 -21.53
C SER B 552 -21.06 28.30 -20.65
N GLU B 553 -22.23 28.53 -21.23
CA GLU B 553 -23.42 28.86 -20.46
C GLU B 553 -24.57 27.95 -20.82
N VAL B 554 -25.51 27.81 -19.88
CA VAL B 554 -26.75 27.09 -20.10
C VAL B 554 -27.86 28.12 -20.24
N SER B 555 -28.68 27.98 -21.28
CA SER B 555 -29.70 28.96 -21.60
C SER B 555 -31.03 28.48 -21.07
N LEU B 556 -31.61 29.25 -20.17
CA LEU B 556 -32.92 28.95 -19.61
C LEU B 556 -33.97 29.85 -20.23
N GLU B 557 -35.18 29.32 -20.41
CA GLU B 557 -36.26 30.20 -20.85
C GLU B 557 -37.61 29.72 -20.32
N CYS B 558 -38.56 30.65 -20.28
CA CYS B 558 -39.91 30.39 -19.79
C CYS B 558 -40.89 31.08 -20.74
N ASN B 559 -41.54 30.30 -21.60
CA ASN B 559 -42.49 30.79 -22.58
C ASN B 559 -43.82 30.07 -22.41
N GLN B 560 -44.69 30.23 -23.40
CA GLN B 560 -45.88 29.41 -23.50
C GLN B 560 -45.56 27.99 -23.95
N GLY B 561 -44.35 27.74 -24.44
CA GLY B 561 -44.01 26.44 -24.98
C GLY B 561 -43.28 25.52 -24.04
N THR B 562 -42.79 26.04 -22.92
CA THR B 562 -42.10 25.19 -21.95
C THR B 562 -43.12 24.31 -21.21
N VAL B 563 -42.61 23.30 -20.51
CA VAL B 563 -43.50 22.41 -19.77
C VAL B 563 -43.04 22.31 -18.32
N PRO B 564 -43.96 22.14 -17.37
CA PRO B 564 -43.55 22.02 -15.97
C PRO B 564 -42.79 20.74 -15.70
N ILE B 565 -41.90 20.80 -14.73
CA ILE B 565 -41.09 19.66 -14.32
C ILE B 565 -41.19 19.55 -12.80
N GLN B 566 -41.50 18.36 -12.30
CA GLN B 566 -41.57 18.17 -10.85
C GLN B 566 -40.20 17.78 -10.34
N LEU B 567 -39.41 18.77 -9.96
CA LEU B 567 -38.07 18.54 -9.47
C LEU B 567 -38.10 18.11 -8.02
N LEU B 568 -37.09 17.34 -7.62
CA LEU B 568 -36.97 16.93 -6.22
C LEU B 568 -35.49 16.76 -5.95
N PHE B 569 -34.88 17.77 -5.34
CA PHE B 569 -33.45 17.83 -5.14
C PHE B 569 -33.10 17.30 -3.76
N CYS B 570 -32.36 16.21 -3.71
CA CYS B 570 -31.90 15.60 -2.47
C CYS B 570 -30.43 15.93 -2.30
N LEU B 571 -30.06 16.42 -1.13
CA LEU B 571 -28.68 16.81 -0.84
C LEU B 571 -28.23 16.10 0.43
N LYS B 572 -27.33 15.13 0.26
CA LYS B 572 -26.81 14.39 1.42
C LYS B 572 -25.72 15.23 2.10
N GLU B 573 -25.61 15.24 3.42
CA GLU B 573 -24.59 16.15 3.99
C GLU B 573 -23.21 15.51 3.82
N GLN B 574 -23.14 14.24 3.45
CA GLN B 574 -21.82 13.56 3.39
C GLN B 574 -21.74 12.59 2.21
N ASN B 575 -20.54 12.34 1.68
CA ASN B 575 -20.36 11.35 0.59
C ASN B 575 -20.47 9.93 1.16
N GLN B 576 -21.44 9.16 0.69
CA GLN B 576 -21.62 7.77 1.16
C GLN B 576 -21.46 6.81 -0.02
N LYS B 577 -20.89 7.29 -1.12
CA LYS B 577 -20.64 6.46 -2.33
C LYS B 577 -21.95 6.32 -3.12
N LYS B 578 -21.91 5.82 -4.36
CA LYS B 578 -23.15 5.74 -5.18
C LYS B 578 -24.16 4.77 -4.57
N ILE B 579 -23.70 3.64 -4.04
CA ILE B 579 -24.65 2.59 -3.55
C ILE B 579 -25.63 3.23 -2.57
N ASN B 580 -25.20 4.16 -1.74
CA ASN B 580 -26.09 4.84 -0.75
C ASN B 580 -27.11 5.70 -1.48
N SER B 581 -26.67 6.44 -2.49
CA SER B 581 -27.59 7.30 -3.24
C SER B 581 -28.70 6.42 -3.81
N HIS B 582 -28.34 5.31 -4.44
CA HIS B 582 -29.36 4.39 -5.00
C HIS B 582 -30.18 3.86 -3.83
N ARG B 583 -29.55 3.71 -2.67
CA ARG B 583 -30.31 3.30 -1.49
C ARG B 583 -31.38 4.33 -1.15
N TRP B 584 -31.00 5.60 -1.15
CA TRP B 584 -31.96 6.67 -0.92
C TRP B 584 -33.04 6.69 -1.99
N ALA B 585 -32.65 6.47 -3.24
CA ALA B 585 -33.61 6.57 -4.35
C ALA B 585 -34.62 5.44 -4.33
N PHE B 586 -34.16 4.21 -4.07
CA PHE B 586 -35.01 3.03 -4.17
C PHE B 586 -35.71 2.69 -2.86
N GLU B 587 -34.97 2.63 -1.76
CA GLU B 587 -35.58 2.29 -0.48
C GLU B 587 -36.27 3.48 0.16
N GLY B 588 -36.03 4.68 -0.32
CA GLY B 588 -36.63 5.87 0.27
C GLY B 588 -37.77 6.41 -0.56
N PHE B 589 -37.49 7.42 -1.37
CA PHE B 589 -38.54 8.12 -2.09
C PHE B 589 -39.34 7.19 -3.00
N ALA B 590 -38.78 6.07 -3.42
CA ALA B 590 -39.52 5.19 -4.31
C ALA B 590 -40.62 4.46 -3.56
N GLU B 591 -40.44 4.24 -2.25
CA GLU B 591 -41.49 3.62 -1.45
C GLU B 591 -42.64 4.59 -1.20
N LEU B 592 -42.36 5.89 -1.20
CA LEU B 592 -43.40 6.87 -1.02
C LEU B 592 -44.16 7.12 -2.32
N LEU B 593 -43.42 7.37 -3.40
CA LEU B 593 -44.05 7.73 -4.67
C LEU B 593 -44.75 6.54 -5.31
N ARG B 594 -44.21 5.34 -5.13
CA ARG B 594 -44.69 4.12 -5.78
C ARG B 594 -44.71 4.30 -7.30
N PRO B 595 -43.56 4.52 -7.93
CA PRO B 595 -43.53 4.69 -9.38
C PRO B 595 -43.71 3.37 -10.09
N ASN B 596 -43.87 3.44 -11.41
CA ASN B 596 -43.98 2.24 -12.21
C ASN B 596 -42.62 1.80 -12.75
N ILE B 597 -41.86 2.74 -13.29
CA ILE B 597 -40.52 2.51 -13.81
C ILE B 597 -39.57 3.41 -13.04
N VAL B 598 -38.37 2.93 -12.77
CA VAL B 598 -37.33 3.74 -12.16
C VAL B 598 -36.16 3.78 -13.13
N THR B 599 -35.88 4.96 -13.68
CA THR B 599 -34.83 5.13 -14.66
C THR B 599 -33.61 5.75 -14.00
N LEU B 600 -32.48 5.10 -14.13
CA LEU B 600 -31.23 5.57 -13.54
C LEU B 600 -30.43 6.27 -14.63
N LEU B 601 -30.32 7.59 -14.50
CA LEU B 601 -29.42 8.41 -15.28
C LEU B 601 -28.19 8.67 -14.44
N ASP B 602 -27.29 9.48 -14.99
CA ASP B 602 -26.00 9.76 -14.33
C ASP B 602 -25.57 11.15 -14.78
N ALA B 603 -25.32 12.06 -13.84
CA ALA B 603 -25.05 13.43 -14.25
C ALA B 603 -23.93 13.50 -15.26
N GLY B 604 -24.21 14.13 -16.39
CA GLY B 604 -23.31 14.15 -17.52
C GLY B 604 -23.80 13.36 -18.70
N THR B 605 -24.76 12.46 -18.49
CA THR B 605 -25.31 11.63 -19.55
C THR B 605 -26.56 12.30 -20.11
N MET B 606 -26.62 12.44 -21.43
CA MET B 606 -27.70 13.18 -22.06
C MET B 606 -28.56 12.26 -22.92
N PRO B 607 -29.70 11.79 -22.43
CA PRO B 607 -30.57 10.95 -23.25
C PRO B 607 -31.07 11.71 -24.46
N GLY B 608 -31.39 10.97 -25.51
CA GLY B 608 -31.83 11.59 -26.73
C GLY B 608 -33.19 12.24 -26.59
N LYS B 609 -33.65 12.81 -27.69
CA LYS B 609 -34.92 13.52 -27.71
C LYS B 609 -36.11 12.58 -27.48
N ASP B 610 -35.94 11.28 -27.73
CA ASP B 610 -37.00 10.31 -27.53
C ASP B 610 -36.58 9.15 -26.65
N SER B 611 -35.34 9.14 -26.16
CA SER B 611 -34.75 7.93 -25.62
C SER B 611 -35.50 7.43 -24.39
N ILE B 612 -35.93 8.33 -23.52
CA ILE B 612 -36.64 7.89 -22.33
C ILE B 612 -38.00 7.32 -22.69
N TYR B 613 -38.67 7.92 -23.68
CA TYR B 613 -39.93 7.37 -24.15
C TYR B 613 -39.73 6.00 -24.79
N GLN B 614 -38.68 5.84 -25.61
CA GLN B 614 -38.41 4.56 -26.24
C GLN B 614 -38.03 3.50 -25.22
N LEU B 615 -37.40 3.90 -24.12
CA LEU B 615 -37.08 2.96 -23.06
C LEU B 615 -38.34 2.56 -22.31
N TRP B 616 -39.19 3.52 -21.98
CA TRP B 616 -40.44 3.21 -21.31
C TRP B 616 -41.32 2.31 -22.18
N ARG B 617 -41.21 2.40 -23.51
CA ARG B 617 -42.00 1.51 -24.35
C ARG B 617 -41.55 0.05 -24.28
N GLU B 618 -40.31 -0.21 -23.88
CA GLU B 618 -39.88 -1.60 -23.73
C GLU B 618 -40.67 -2.33 -22.67
N PHE B 619 -41.23 -1.60 -21.71
CA PHE B 619 -41.91 -2.18 -20.58
C PHE B 619 -43.38 -2.43 -20.85
N ARG B 620 -43.83 -2.24 -22.09
CA ARG B 620 -45.16 -2.69 -22.48
C ARG B 620 -45.29 -4.19 -22.31
N ASN B 621 -44.24 -4.92 -22.60
CA ASN B 621 -44.20 -6.36 -22.41
C ASN B 621 -44.23 -6.66 -20.91
N PRO B 622 -45.23 -7.36 -20.41
CA PRO B 622 -45.36 -7.52 -18.96
C PRO B 622 -44.31 -8.44 -18.36
N ASN B 623 -43.36 -8.91 -19.17
CA ASN B 623 -42.30 -9.77 -18.68
C ASN B 623 -41.00 -9.03 -18.46
N VAL B 624 -40.75 -7.95 -19.18
CA VAL B 624 -39.49 -7.24 -19.05
C VAL B 624 -39.35 -6.68 -17.64
N GLY B 625 -38.17 -6.84 -17.05
CA GLY B 625 -37.94 -6.37 -15.71
C GLY B 625 -36.92 -5.26 -15.66
N GLY B 626 -36.03 -5.22 -16.65
CA GLY B 626 -35.07 -4.16 -16.78
C GLY B 626 -34.82 -3.92 -18.24
N ALA B 627 -34.16 -2.81 -18.53
CA ALA B 627 -33.81 -2.49 -19.91
C ALA B 627 -32.69 -1.47 -19.91
N CYS B 628 -32.01 -1.38 -21.05
CA CYS B 628 -30.95 -0.42 -21.22
C CYS B 628 -30.89 -0.01 -22.68
N GLY B 629 -30.25 1.13 -22.93
CA GLY B 629 -30.08 1.63 -24.27
C GLY B 629 -28.60 1.80 -24.61
N GLU B 630 -28.37 2.24 -25.83
CA GLU B 630 -27.01 2.44 -26.29
C GLU B 630 -26.37 3.62 -25.58
N ILE B 631 -25.11 3.47 -25.19
CA ILE B 631 -24.29 4.56 -24.67
C ILE B 631 -23.29 4.94 -25.75
N ARG B 632 -23.33 6.21 -26.14
CA ARG B 632 -22.48 6.74 -27.20
C ARG B 632 -21.46 7.69 -26.59
N THR B 633 -20.21 7.55 -26.99
CA THR B 633 -19.20 8.51 -26.55
C THR B 633 -19.52 9.89 -27.10
N ASP B 634 -19.36 10.90 -26.25
CA ASP B 634 -19.51 12.28 -26.67
C ASP B 634 -18.23 12.69 -27.37
N LEU B 635 -18.36 12.93 -28.69
CA LEU B 635 -17.19 13.28 -29.53
C LEU B 635 -17.12 14.79 -29.76
N GLY B 636 -17.76 15.58 -28.91
CA GLY B 636 -17.63 17.05 -28.98
C GLY B 636 -18.29 17.67 -30.19
N LYS B 637 -18.06 18.97 -30.40
CA LYS B 637 -18.60 19.68 -31.59
C LYS B 637 -17.71 19.35 -32.79
N ARG B 638 -18.32 19.08 -33.94
CA ARG B 638 -17.54 18.77 -35.17
C ARG B 638 -16.65 17.58 -34.88
N PHE B 639 -17.10 16.67 -34.02
CA PHE B 639 -16.33 15.43 -33.75
C PHE B 639 -14.86 15.79 -33.54
N VAL B 640 -14.58 16.84 -32.77
CA VAL B 640 -13.18 17.31 -32.58
C VAL B 640 -12.58 16.63 -31.35
N LYS B 641 -13.17 15.53 -30.89
CA LYS B 641 -12.57 14.78 -29.76
C LYS B 641 -12.23 13.38 -30.27
N LEU B 642 -12.42 13.15 -31.56
CA LEU B 642 -12.10 11.85 -32.18
C LEU B 642 -10.62 11.91 -32.55
N LEU B 643 -9.92 12.92 -32.04
CA LEU B 643 -8.46 13.05 -32.31
C LEU B 643 -7.70 12.33 -31.19
N ASN B 644 -8.10 12.52 -29.94
CA ASN B 644 -7.45 11.76 -28.84
C ASN B 644 -7.49 10.30 -29.24
N PRO B 645 -6.37 9.57 -29.23
CA PRO B 645 -6.41 8.14 -29.51
C PRO B 645 -7.09 7.38 -28.37
N LEU B 646 -7.10 7.92 -27.15
CA LEU B 646 -7.82 7.26 -26.06
C LEU B 646 -9.31 7.48 -26.13
N VAL B 647 -9.78 8.46 -26.89
CA VAL B 647 -11.21 8.68 -27.05
C VAL B 647 -11.75 7.95 -28.27
N ALA B 648 -10.98 7.94 -29.37
CA ALA B 648 -11.39 7.13 -30.52
C ALA B 648 -11.41 5.65 -30.18
N SER B 649 -10.44 5.20 -29.40
CA SER B 649 -10.45 3.81 -28.94
C SER B 649 -11.72 3.49 -28.19
N GLN B 650 -12.10 4.37 -27.26
CA GLN B 650 -13.29 4.12 -26.46
C GLN B 650 -14.55 4.22 -27.28
N ASN B 651 -14.59 5.11 -28.27
CA ASN B 651 -15.74 5.15 -29.16
C ASN B 651 -15.92 3.84 -29.88
N PHE B 652 -14.85 3.31 -30.47
CA PHE B 652 -14.96 2.03 -31.15
C PHE B 652 -15.34 0.92 -30.20
N GLU B 653 -14.76 0.91 -29.01
CA GLU B 653 -15.03 -0.16 -28.05
C GLU B 653 -16.47 -0.14 -27.61
N TYR B 654 -17.01 1.04 -27.29
CA TYR B 654 -18.42 1.14 -26.91
C TYR B 654 -19.30 0.70 -28.05
N LYS B 655 -18.94 1.07 -29.27
CA LYS B 655 -19.82 0.85 -30.40
C LYS B 655 -19.91 -0.64 -30.72
N MET B 656 -18.77 -1.35 -30.71
CA MET B 656 -18.81 -2.80 -30.87
C MET B 656 -19.40 -3.53 -29.67
N SER B 657 -19.24 -3.00 -28.46
CA SER B 657 -19.92 -3.61 -27.33
C SER B 657 -21.42 -3.57 -27.52
N ASN B 658 -21.95 -2.45 -28.00
CA ASN B 658 -23.39 -2.38 -28.23
C ASN B 658 -23.81 -3.26 -29.38
N ILE B 659 -23.10 -3.23 -30.50
CA ILE B 659 -23.55 -3.95 -31.68
C ILE B 659 -23.51 -5.46 -31.46
N LEU B 660 -22.40 -5.97 -30.95
CA LEU B 660 -22.18 -7.42 -30.88
C LEU B 660 -22.57 -8.03 -29.55
N ASP B 661 -22.04 -7.51 -28.44
CA ASP B 661 -22.25 -8.15 -27.15
C ASP B 661 -23.69 -8.02 -26.68
N LYS B 662 -24.23 -6.81 -26.71
CA LYS B 662 -25.50 -6.58 -26.04
C LYS B 662 -26.67 -7.16 -26.78
N THR B 663 -26.67 -7.10 -28.12
CA THR B 663 -27.73 -7.74 -28.87
C THR B 663 -27.71 -9.25 -28.68
N THR B 664 -26.53 -9.85 -28.71
CA THR B 664 -26.40 -11.28 -28.51
C THR B 664 -26.91 -11.70 -27.13
N GLU B 665 -26.53 -10.95 -26.11
CA GLU B 665 -27.02 -11.26 -24.77
C GLU B 665 -28.53 -11.09 -24.69
N SER B 666 -29.06 -10.02 -25.27
CA SER B 666 -30.49 -9.75 -25.20
C SER B 666 -31.32 -10.78 -25.94
N ASN B 667 -30.73 -11.50 -26.90
CA ASN B 667 -31.47 -12.59 -27.52
C ASN B 667 -31.82 -13.66 -26.50
N PHE B 668 -30.86 -14.02 -25.65
CA PHE B 668 -31.11 -15.05 -24.64
C PHE B 668 -32.05 -14.56 -23.56
N GLY B 669 -31.87 -13.32 -23.13
CA GLY B 669 -32.78 -12.73 -22.17
C GLY B 669 -32.11 -12.32 -20.88
N PHE B 670 -30.80 -12.12 -20.90
CA PHE B 670 -30.07 -11.76 -19.69
C PHE B 670 -28.87 -10.95 -20.10
N ILE B 671 -28.94 -9.64 -19.90
CA ILE B 671 -27.83 -8.74 -20.20
C ILE B 671 -26.96 -8.65 -18.96
N THR B 672 -25.66 -8.88 -19.12
CA THR B 672 -24.78 -9.03 -17.97
C THR B 672 -24.73 -7.75 -17.14
N VAL B 673 -24.57 -6.61 -17.79
CA VAL B 673 -24.56 -5.33 -17.09
C VAL B 673 -25.51 -4.39 -17.81
N LEU B 674 -26.44 -3.83 -17.06
CA LEU B 674 -27.18 -2.69 -17.55
C LEU B 674 -26.46 -1.43 -17.09
N PRO B 675 -25.94 -0.61 -17.99
CA PRO B 675 -25.07 0.48 -17.56
C PRO B 675 -25.79 1.41 -16.61
N GLY B 676 -25.09 1.83 -15.58
CA GLY B 676 -25.71 2.71 -14.61
C GLY B 676 -25.90 4.12 -15.10
N ALA B 677 -25.34 4.45 -16.26
CA ALA B 677 -25.48 5.78 -16.83
C ALA B 677 -26.82 5.97 -17.52
N PHE B 678 -27.45 4.89 -17.97
CA PHE B 678 -28.75 4.99 -18.62
C PHE B 678 -29.40 3.61 -18.53
N SER B 679 -30.20 3.38 -17.50
CA SER B 679 -30.87 2.06 -17.36
C SER B 679 -32.26 2.28 -16.79
N ALA B 680 -33.10 1.26 -16.88
CA ALA B 680 -34.46 1.35 -16.37
C ALA B 680 -34.84 0.04 -15.73
N TYR B 681 -35.49 0.09 -14.58
CA TYR B 681 -35.97 -1.09 -13.88
C TYR B 681 -37.45 -0.95 -13.57
N ARG B 682 -38.22 -1.97 -13.85
CA ARG B 682 -39.59 -2.01 -13.35
C ARG B 682 -39.53 -2.16 -11.84
N PHE B 683 -40.18 -1.26 -11.11
CA PHE B 683 -39.98 -1.20 -9.66
C PHE B 683 -40.40 -2.49 -8.99
N GLU B 684 -41.51 -3.07 -9.42
CA GLU B 684 -41.96 -4.33 -8.83
C GLU B 684 -40.97 -5.46 -9.07
N ALA B 685 -40.17 -5.36 -10.13
CA ALA B 685 -39.23 -6.43 -10.46
C ALA B 685 -38.09 -6.49 -9.45
N VAL B 686 -37.58 -5.34 -9.03
CA VAL B 686 -36.40 -5.32 -8.19
C VAL B 686 -36.69 -5.33 -6.69
N ARG B 687 -37.93 -5.02 -6.29
CA ARG B 687 -38.23 -5.02 -4.87
C ARG B 687 -38.07 -6.42 -4.27
N GLY B 688 -37.47 -6.47 -3.10
CA GLY B 688 -37.31 -7.73 -2.39
C GLY B 688 -35.87 -8.24 -2.49
N GLN B 689 -35.72 -9.48 -2.93
CA GLN B 689 -34.41 -10.11 -2.98
C GLN B 689 -33.36 -9.33 -3.76
N PRO B 690 -33.64 -8.80 -4.96
CA PRO B 690 -32.58 -8.08 -5.68
C PRO B 690 -32.03 -6.90 -4.92
N LEU B 691 -32.90 -6.06 -4.36
CA LEU B 691 -32.42 -4.90 -3.62
C LEU B 691 -31.74 -5.31 -2.32
N GLN B 692 -32.21 -6.37 -1.67
CA GLN B 692 -31.53 -6.86 -0.48
C GLN B 692 -30.11 -7.28 -0.81
N LYS B 693 -29.93 -8.03 -1.89
CA LYS B 693 -28.59 -8.47 -2.24
C LYS B 693 -27.73 -7.33 -2.71
N TYR B 694 -28.31 -6.33 -3.37
CA TYR B 694 -27.52 -5.21 -3.86
C TYR B 694 -27.06 -4.33 -2.72
N PHE B 695 -27.92 -4.03 -1.76
CA PHE B 695 -27.59 -3.04 -0.74
C PHE B 695 -26.87 -3.62 0.46
N TYR B 696 -27.19 -4.85 0.85
CA TYR B 696 -26.62 -5.44 2.06
C TYR B 696 -25.69 -6.60 1.79
N GLY B 697 -26.05 -7.50 0.90
CA GLY B 697 -25.20 -8.62 0.56
C GLY B 697 -25.81 -9.93 1.00
N GLU B 698 -25.01 -10.99 0.85
CA GLU B 698 -25.43 -12.31 1.30
C GLU B 698 -25.49 -12.28 2.82
N ILE B 699 -26.70 -12.12 3.36
CA ILE B 699 -26.85 -11.90 4.79
C ILE B 699 -26.40 -13.11 5.58
N MET B 700 -26.77 -14.30 5.13
CA MET B 700 -26.41 -15.52 5.86
C MET B 700 -24.89 -15.65 5.89
N GLU B 701 -24.31 -15.46 7.07
CA GLU B 701 -22.86 -15.43 7.22
C GLU B 701 -22.53 -15.54 8.70
N ASN B 702 -21.39 -16.15 8.99
CA ASN B 702 -20.90 -16.27 10.36
C ASN B 702 -20.07 -15.04 10.69
N GLU B 703 -19.33 -15.09 11.80
CA GLU B 703 -18.44 -13.99 12.15
C GLU B 703 -17.32 -13.85 11.12
N GLY B 704 -16.84 -14.96 10.59
CA GLY B 704 -15.72 -14.94 9.67
C GLY B 704 -16.10 -14.45 8.29
N PHE B 705 -15.11 -14.50 7.40
CA PHE B 705 -15.25 -14.03 6.03
C PHE B 705 -15.41 -15.21 5.08
N HIS B 706 -16.27 -15.06 4.09
CA HIS B 706 -16.42 -16.03 3.02
C HIS B 706 -16.19 -15.34 1.69
N PHE B 707 -15.88 -16.11 0.66
CA PHE B 707 -15.47 -15.51 -0.60
C PHE B 707 -16.59 -14.68 -1.21
N PHE B 708 -17.69 -15.34 -1.59
CA PHE B 708 -18.76 -14.65 -2.30
C PHE B 708 -19.42 -13.61 -1.40
N SER B 709 -19.77 -14.01 -0.18
CA SER B 709 -20.50 -13.11 0.69
C SER B 709 -19.72 -11.85 0.98
N SER B 710 -18.41 -11.95 1.18
CA SER B 710 -17.61 -10.81 1.59
C SER B 710 -16.91 -10.12 0.43
N ASN B 711 -17.08 -10.61 -0.80
CA ASN B 711 -16.51 -9.94 -1.96
C ASN B 711 -17.53 -9.47 -2.98
N MET B 712 -18.80 -9.78 -2.75
CA MET B 712 -19.81 -9.48 -3.79
C MET B 712 -20.00 -7.96 -3.92
N TYR B 713 -19.50 -7.17 -2.98
CA TYR B 713 -19.66 -5.74 -3.13
C TYR B 713 -18.87 -5.18 -4.30
N LEU B 714 -17.97 -5.98 -4.89
CA LEU B 714 -17.16 -5.51 -6.01
C LEU B 714 -17.89 -5.56 -7.33
N ALA B 715 -19.09 -6.13 -7.36
CA ALA B 715 -19.84 -6.32 -8.58
C ALA B 715 -21.12 -5.55 -8.47
N GLU B 716 -21.01 -4.27 -8.09
CA GLU B 716 -22.09 -3.60 -7.37
C GLU B 716 -23.43 -3.66 -8.11
N ASP B 717 -23.50 -3.06 -9.29
CA ASP B 717 -24.79 -2.97 -9.96
C ASP B 717 -25.09 -4.17 -10.85
N ARG B 718 -24.18 -5.14 -10.91
CA ARG B 718 -24.41 -6.34 -11.69
C ARG B 718 -25.11 -7.43 -10.91
N ILE B 719 -25.27 -7.27 -9.60
CA ILE B 719 -26.05 -8.25 -8.84
C ILE B 719 -27.52 -8.09 -9.15
N LEU B 720 -27.95 -6.87 -9.44
CA LEU B 720 -29.36 -6.62 -9.72
C LEU B 720 -29.84 -7.42 -10.92
N CYS B 721 -29.04 -7.45 -11.98
CA CYS B 721 -29.44 -8.17 -13.19
C CYS B 721 -29.60 -9.66 -12.90
N PHE B 722 -28.59 -10.26 -12.27
CA PHE B 722 -28.64 -11.69 -12.01
C PHE B 722 -29.80 -12.04 -11.10
N GLU B 723 -30.06 -11.21 -10.08
CA GLU B 723 -31.13 -11.55 -9.16
C GLU B 723 -32.50 -11.30 -9.77
N VAL B 724 -32.61 -10.37 -10.71
CA VAL B 724 -33.90 -10.15 -11.36
C VAL B 724 -34.23 -11.30 -12.28
N VAL B 725 -33.27 -11.71 -13.12
CA VAL B 725 -33.56 -12.73 -14.11
C VAL B 725 -33.88 -14.07 -13.44
N THR B 726 -33.12 -14.43 -12.41
CA THR B 726 -33.29 -15.70 -11.72
C THR B 726 -34.18 -15.59 -10.49
N LYS B 727 -35.13 -14.66 -10.47
CA LYS B 727 -35.98 -14.49 -9.30
C LYS B 727 -36.91 -15.67 -9.15
N LYS B 728 -37.23 -16.00 -7.91
CA LYS B 728 -38.07 -17.16 -7.63
C LYS B 728 -39.52 -16.86 -8.01
N ASN B 729 -40.14 -17.80 -8.72
CA ASN B 729 -41.55 -17.72 -9.10
C ASN B 729 -41.88 -16.49 -9.93
N CYS B 730 -40.89 -15.92 -10.58
CA CYS B 730 -41.09 -14.78 -11.47
C CYS B 730 -40.30 -15.00 -12.74
N ASN B 731 -40.81 -14.49 -13.85
CA ASN B 731 -40.23 -14.73 -15.17
C ASN B 731 -39.73 -13.43 -15.80
N TRP B 732 -39.08 -12.59 -15.01
CA TRP B 732 -38.53 -11.35 -15.53
C TRP B 732 -37.37 -11.63 -16.46
N ILE B 733 -37.24 -10.79 -17.50
CA ILE B 733 -36.10 -10.84 -18.39
C ILE B 733 -35.59 -9.43 -18.60
N LEU B 734 -34.37 -9.33 -19.08
CA LEU B 734 -33.72 -8.07 -19.36
C LEU B 734 -33.66 -7.88 -20.86
N LYS B 735 -33.98 -6.68 -21.33
CA LYS B 735 -34.08 -6.40 -22.74
C LYS B 735 -33.17 -5.25 -23.12
N TYR B 736 -32.64 -5.30 -24.33
CA TYR B 736 -31.78 -4.24 -24.86
C TYR B 736 -32.54 -3.49 -25.93
N CYS B 737 -32.64 -2.18 -25.79
CA CYS B 737 -33.34 -1.33 -26.73
C CYS B 737 -32.33 -0.50 -27.50
N ARG B 738 -32.27 -0.71 -28.81
CA ARG B 738 -31.32 0.03 -29.63
C ARG B 738 -31.90 1.29 -30.23
N SER B 739 -33.18 1.56 -30.01
CA SER B 739 -33.81 2.77 -30.47
C SER B 739 -33.62 3.94 -29.52
N SER B 740 -33.01 3.72 -28.37
CA SER B 740 -32.80 4.74 -27.36
C SER B 740 -31.32 4.85 -27.04
N TYR B 741 -30.78 6.04 -27.14
CA TYR B 741 -29.35 6.26 -26.98
C TYR B 741 -29.11 7.35 -25.95
N ALA B 742 -27.88 7.42 -25.47
CA ALA B 742 -27.48 8.45 -24.51
C ALA B 742 -26.00 8.69 -24.66
N SER B 743 -25.59 9.94 -24.78
CA SER B 743 -24.20 10.27 -25.05
C SER B 743 -23.52 10.74 -23.78
N THR B 744 -22.51 9.99 -23.35
CA THR B 744 -21.80 10.25 -22.12
C THR B 744 -20.38 10.75 -22.41
N ASP B 745 -19.72 11.23 -21.36
CA ASP B 745 -18.35 11.70 -21.45
C ASP B 745 -17.39 10.62 -20.98
N VAL B 746 -16.24 10.52 -21.62
CA VAL B 746 -15.31 9.43 -21.34
C VAL B 746 -14.02 10.00 -20.78
N PRO B 747 -13.25 9.24 -20.03
CA PRO B 747 -11.93 9.73 -19.59
C PRO B 747 -11.01 9.97 -20.77
N GLU B 748 -10.15 10.96 -20.61
CA GLU B 748 -9.31 11.43 -21.69
C GLU B 748 -7.83 11.37 -21.38
N ARG B 749 -7.45 11.07 -20.15
CA ARG B 749 -6.05 10.92 -19.77
C ARG B 749 -5.85 9.53 -19.22
N VAL B 750 -4.64 9.00 -19.45
CA VAL B 750 -4.38 7.59 -19.13
C VAL B 750 -4.63 7.27 -17.66
N PRO B 751 -4.19 8.07 -16.68
CA PRO B 751 -4.47 7.70 -15.28
C PRO B 751 -5.96 7.59 -14.95
N GLU B 752 -6.75 8.55 -15.40
CA GLU B 752 -8.19 8.51 -15.12
C GLU B 752 -8.84 7.31 -15.79
N PHE B 753 -8.42 7.00 -17.00
CA PHE B 753 -8.91 5.83 -17.73
C PHE B 753 -8.57 4.53 -17.02
N ILE B 754 -7.32 4.40 -16.55
CA ILE B 754 -6.93 3.20 -15.84
C ILE B 754 -7.73 3.04 -14.56
N LEU B 755 -7.90 4.13 -13.81
CA LEU B 755 -8.66 4.02 -12.57
C LEU B 755 -10.11 3.69 -12.84
N GLN B 756 -10.67 4.16 -13.96
CA GLN B 756 -12.04 3.82 -14.28
C GLN B 756 -12.19 2.35 -14.61
N ARG B 757 -11.31 1.83 -15.47
CA ARG B 757 -11.46 0.43 -15.87
C ARG B 757 -11.06 -0.54 -14.77
N ARG B 758 -10.32 -0.09 -13.76
CA ARG B 758 -10.07 -0.95 -12.62
C ARG B 758 -11.36 -1.39 -11.96
N ARG B 759 -12.37 -0.53 -11.94
CA ARG B 759 -13.66 -0.91 -11.37
C ARG B 759 -14.40 -1.88 -12.28
N TRP B 760 -14.43 -1.59 -13.57
CA TRP B 760 -15.20 -2.42 -14.50
C TRP B 760 -14.64 -3.83 -14.58
N LEU B 761 -13.33 -3.97 -14.68
CA LEU B 761 -12.76 -5.31 -14.87
C LEU B 761 -12.97 -6.17 -13.63
N ASN B 762 -12.72 -5.64 -12.45
CA ASN B 762 -12.97 -6.39 -11.22
C ASN B 762 -14.45 -6.71 -11.07
N GLY B 763 -15.32 -5.75 -11.35
CA GLY B 763 -16.74 -6.01 -11.26
C GLY B 763 -17.17 -7.12 -12.19
N SER B 764 -16.73 -7.07 -13.44
CA SER B 764 -17.16 -8.07 -14.40
C SER B 764 -16.60 -9.44 -14.06
N PHE B 765 -15.35 -9.50 -13.61
CA PHE B 765 -14.76 -10.78 -13.26
C PHE B 765 -15.47 -11.42 -12.07
N PHE B 766 -15.70 -10.64 -11.00
CA PHE B 766 -16.38 -11.22 -9.85
C PHE B 766 -17.83 -11.54 -10.16
N ALA B 767 -18.50 -10.72 -10.97
CA ALA B 767 -19.88 -11.01 -11.33
C ALA B 767 -19.98 -12.26 -12.17
N SER B 768 -19.04 -12.47 -13.10
CA SER B 768 -19.10 -13.68 -13.91
C SER B 768 -18.79 -14.92 -13.09
N VAL B 769 -17.84 -14.82 -12.17
CA VAL B 769 -17.57 -15.96 -11.29
C VAL B 769 -18.79 -16.28 -10.44
N TYR B 770 -19.45 -15.25 -9.91
CA TYR B 770 -20.65 -15.48 -9.11
C TYR B 770 -21.78 -16.06 -9.94
N SER B 771 -21.93 -15.59 -11.19
CA SER B 771 -23.01 -16.09 -12.03
C SER B 771 -22.77 -17.54 -12.40
N PHE B 772 -21.54 -17.93 -12.68
CA PHE B 772 -21.29 -19.31 -13.07
C PHE B 772 -21.36 -20.24 -11.87
N CYS B 773 -20.83 -19.82 -10.72
CA CYS B 773 -20.88 -20.67 -9.54
C CYS B 773 -22.28 -20.78 -8.95
N HIS B 774 -23.24 -19.99 -9.43
CA HIS B 774 -24.59 -20.01 -8.91
C HIS B 774 -25.61 -20.11 -10.02
N PHE B 775 -25.28 -20.79 -11.11
CA PHE B 775 -26.20 -20.78 -12.24
C PHE B 775 -27.36 -21.73 -12.06
N TYR B 776 -27.26 -22.67 -11.11
CA TYR B 776 -28.39 -23.57 -10.87
C TYR B 776 -29.64 -22.80 -10.49
N ARG B 777 -29.49 -21.58 -9.97
CA ARG B 777 -30.65 -20.78 -9.61
C ARG B 777 -31.55 -20.54 -10.81
N VAL B 778 -30.99 -20.56 -12.02
CA VAL B 778 -31.82 -20.37 -13.20
C VAL B 778 -32.93 -21.40 -13.23
N TRP B 779 -32.64 -22.63 -12.81
CA TRP B 779 -33.62 -23.69 -12.86
C TRP B 779 -34.58 -23.68 -11.68
N SER B 780 -34.36 -22.82 -10.70
CA SER B 780 -35.31 -22.66 -9.60
C SER B 780 -36.26 -21.50 -9.83
N SER B 781 -36.14 -20.79 -10.94
CA SER B 781 -36.96 -19.62 -11.20
C SER B 781 -38.27 -20.03 -11.86
N GLY B 782 -39.00 -19.05 -12.38
CA GLY B 782 -40.31 -19.29 -12.94
C GLY B 782 -40.40 -19.37 -14.45
N HIS B 783 -39.28 -19.27 -15.16
CA HIS B 783 -39.32 -19.29 -16.61
C HIS B 783 -39.79 -20.65 -17.11
N ASN B 784 -40.25 -20.68 -18.36
CA ASN B 784 -40.56 -21.96 -18.98
C ASN B 784 -39.27 -22.68 -19.36
N ILE B 785 -39.41 -23.94 -19.77
CA ILE B 785 -38.23 -24.78 -19.96
C ILE B 785 -37.38 -24.28 -21.11
N GLY B 786 -38.00 -23.75 -22.15
CA GLY B 786 -37.21 -23.22 -23.26
C GLY B 786 -36.32 -22.07 -22.83
N ARG B 787 -36.88 -21.13 -22.07
CA ARG B 787 -36.09 -20.01 -21.61
C ARG B 787 -34.99 -20.47 -20.66
N LYS B 788 -35.28 -21.47 -19.83
CA LYS B 788 -34.26 -21.99 -18.93
C LYS B 788 -33.10 -22.60 -19.71
N LEU B 789 -33.39 -23.35 -20.77
CA LEU B 789 -32.32 -23.91 -21.57
C LEU B 789 -31.51 -22.81 -22.26
N LEU B 790 -32.19 -21.79 -22.77
CA LEU B 790 -31.48 -20.69 -23.40
C LEU B 790 -30.57 -19.99 -22.41
N LEU B 791 -31.05 -19.76 -21.20
CA LEU B 791 -30.23 -19.10 -20.18
C LEU B 791 -29.04 -19.96 -19.80
N THR B 792 -29.23 -21.29 -19.71
CA THR B 792 -28.09 -22.15 -19.41
C THR B 792 -27.03 -22.08 -20.50
N VAL B 793 -27.45 -22.12 -21.76
CA VAL B 793 -26.50 -22.00 -22.86
C VAL B 793 -25.77 -20.68 -22.80
N GLU B 794 -26.49 -19.60 -22.50
CA GLU B 794 -25.85 -18.29 -22.43
C GLU B 794 -24.84 -18.24 -21.29
N PHE B 795 -25.17 -18.84 -20.15
CA PHE B 795 -24.23 -18.82 -19.03
C PHE B 795 -22.96 -19.56 -19.37
N PHE B 796 -23.08 -20.70 -20.06
CA PHE B 796 -21.88 -21.41 -20.45
C PHE B 796 -21.07 -20.60 -21.45
N TYR B 797 -21.72 -19.93 -22.39
CA TYR B 797 -20.99 -19.11 -23.34
C TYR B 797 -20.28 -17.95 -22.65
N LEU B 798 -20.93 -17.35 -21.65
CA LEU B 798 -20.31 -16.24 -20.94
C LEU B 798 -19.12 -16.69 -20.12
N PHE B 799 -19.18 -17.89 -19.54
CA PHE B 799 -17.99 -18.39 -18.86
C PHE B 799 -16.88 -18.72 -19.83
N PHE B 800 -17.21 -19.24 -21.01
CA PHE B 800 -16.19 -19.44 -22.02
C PHE B 800 -15.49 -18.13 -22.34
N ASN B 801 -16.26 -17.05 -22.47
CA ASN B 801 -15.67 -15.74 -22.73
C ASN B 801 -14.79 -15.26 -21.58
N THR B 802 -15.23 -15.45 -20.33
CA THR B 802 -14.41 -14.97 -19.22
C THR B 802 -13.13 -15.78 -19.09
N LEU B 803 -13.16 -17.06 -19.47
CA LEU B 803 -11.94 -17.86 -19.46
C LEU B 803 -10.97 -17.39 -20.52
N ILE B 804 -11.47 -17.13 -21.73
CA ILE B 804 -10.62 -16.59 -22.78
C ILE B 804 -9.98 -15.30 -22.32
N SER B 805 -10.74 -14.45 -21.64
CA SER B 805 -10.19 -13.18 -21.16
C SER B 805 -9.22 -13.36 -20.02
N TRP B 806 -9.35 -14.42 -19.22
CA TRP B 806 -8.38 -14.66 -18.16
C TRP B 806 -7.04 -15.12 -18.71
N PHE B 807 -7.04 -15.83 -19.83
CA PHE B 807 -5.77 -16.30 -20.38
C PHE B 807 -5.18 -15.38 -21.44
N SER B 808 -5.58 -14.11 -21.46
CA SER B 808 -5.13 -13.22 -22.51
C SER B 808 -3.71 -12.73 -22.30
N LEU B 809 -3.27 -12.60 -21.05
CA LEU B 809 -1.90 -12.18 -20.77
C LEU B 809 -0.90 -13.10 -21.46
N SER B 810 -1.17 -14.39 -21.46
CA SER B 810 -0.31 -15.37 -22.11
C SER B 810 -0.61 -15.52 -23.58
N SER B 811 -1.88 -15.40 -23.99
CA SER B 811 -2.17 -15.49 -25.41
C SER B 811 -1.46 -14.41 -26.20
N PHE B 812 -1.43 -13.18 -25.68
CA PHE B 812 -0.77 -12.10 -26.41
C PHE B 812 0.72 -12.35 -26.54
N PHE B 813 1.39 -12.71 -25.43
CA PHE B 813 2.83 -12.95 -25.51
C PHE B 813 3.14 -14.11 -26.43
N LEU B 814 2.34 -15.17 -26.37
CA LEU B 814 2.64 -16.32 -27.20
C LEU B 814 2.48 -15.99 -28.68
N VAL B 815 1.43 -15.27 -29.05
CA VAL B 815 1.27 -14.90 -30.45
C VAL B 815 2.44 -14.04 -30.89
N PHE B 816 2.79 -13.05 -30.06
CA PHE B 816 3.90 -12.14 -30.34
C PHE B 816 5.21 -12.89 -30.56
N ARG B 817 5.59 -13.75 -29.62
CA ARG B 817 6.93 -14.40 -29.70
C ARG B 817 6.95 -15.48 -30.77
N ILE B 818 5.87 -16.22 -30.96
CA ILE B 818 5.87 -17.21 -32.03
C ILE B 818 6.02 -16.52 -33.37
N LEU B 819 5.29 -15.42 -33.59
CA LEU B 819 5.35 -14.73 -34.86
C LEU B 819 6.72 -14.11 -35.10
N THR B 820 7.27 -13.44 -34.09
CA THR B 820 8.53 -12.72 -34.28
C THR B 820 9.71 -13.66 -34.46
N VAL B 821 9.72 -14.81 -33.78
CA VAL B 821 10.78 -15.79 -34.00
C VAL B 821 10.61 -16.47 -35.36
N SER B 822 9.37 -16.77 -35.74
CA SER B 822 9.14 -17.47 -36.99
C SER B 822 9.62 -16.65 -38.18
N ILE B 823 9.35 -15.34 -38.17
CA ILE B 823 9.78 -14.54 -39.31
C ILE B 823 11.31 -14.52 -39.42
N ALA B 824 12.00 -14.45 -38.28
CA ALA B 824 13.45 -14.43 -38.31
C ALA B 824 14.01 -15.75 -38.80
N LEU B 825 13.45 -16.87 -38.33
CA LEU B 825 13.86 -18.17 -38.85
C LEU B 825 13.59 -18.29 -40.33
N ALA B 826 12.59 -17.58 -40.83
CA ALA B 826 12.27 -17.67 -42.25
C ALA B 826 13.23 -16.83 -43.09
N TYR B 827 13.61 -15.64 -42.64
CA TYR B 827 14.30 -14.71 -43.53
C TYR B 827 15.61 -14.11 -43.03
N HIS B 828 15.93 -14.22 -41.75
CA HIS B 828 17.30 -14.03 -41.27
C HIS B 828 17.82 -12.60 -41.33
N SER B 829 17.11 -11.68 -41.97
CA SER B 829 17.82 -10.50 -42.40
C SER B 829 18.19 -9.58 -41.24
N ALA B 830 17.18 -8.96 -40.65
CA ALA B 830 17.38 -8.11 -39.49
C ALA B 830 16.32 -8.43 -38.45
N PHE B 831 15.61 -9.53 -38.58
CA PHE B 831 14.58 -9.92 -37.66
C PHE B 831 15.14 -10.64 -36.44
N ASN B 832 16.41 -11.07 -36.48
CA ASN B 832 17.03 -11.61 -35.28
C ASN B 832 17.13 -10.53 -34.21
N VAL B 833 17.71 -9.39 -34.57
CA VAL B 833 17.93 -8.33 -33.62
C VAL B 833 16.61 -7.76 -33.14
N LEU B 834 15.65 -7.59 -34.04
CA LEU B 834 14.34 -7.10 -33.61
C LEU B 834 13.64 -8.10 -32.70
N SER B 835 13.83 -9.40 -32.93
CA SER B 835 13.23 -10.38 -32.04
C SER B 835 13.76 -10.21 -30.62
N VAL B 836 15.08 -10.11 -30.49
CA VAL B 836 15.65 -9.94 -29.15
C VAL B 836 15.23 -8.60 -28.53
N ILE B 837 15.26 -7.54 -29.32
CA ILE B 837 14.95 -6.21 -28.79
C ILE B 837 13.52 -6.17 -28.29
N PHE B 838 12.58 -6.71 -29.06
CA PHE B 838 11.19 -6.63 -28.64
C PHE B 838 10.89 -7.55 -27.48
N LEU B 839 11.56 -8.70 -27.40
CA LEU B 839 11.41 -9.49 -26.19
C LEU B 839 11.83 -8.67 -24.97
N TRP B 840 12.94 -7.96 -25.06
CA TRP B 840 13.41 -7.22 -23.89
C TRP B 840 12.50 -6.04 -23.57
N LEU B 841 11.98 -5.35 -24.58
CA LEU B 841 11.04 -4.25 -24.33
C LEU B 841 9.76 -4.74 -23.65
N TYR B 842 9.20 -5.84 -24.15
CA TYR B 842 8.03 -6.41 -23.52
C TYR B 842 8.31 -6.75 -22.07
N GLY B 843 9.44 -7.41 -21.81
CA GLY B 843 9.75 -7.80 -20.46
C GLY B 843 9.87 -6.63 -19.52
N ILE B 844 10.55 -5.57 -19.95
CA ILE B 844 10.75 -4.41 -19.08
C ILE B 844 9.44 -3.70 -18.81
N CYS B 845 8.58 -3.54 -19.83
CA CYS B 845 7.31 -2.86 -19.61
C CYS B 845 6.37 -3.67 -18.72
N THR B 846 6.37 -5.00 -18.85
CA THR B 846 5.52 -5.81 -17.98
C THR B 846 6.02 -5.82 -16.54
N LEU B 847 7.34 -5.95 -16.35
CA LEU B 847 7.89 -5.84 -15.01
C LEU B 847 7.53 -4.51 -14.36
N SER B 848 7.68 -3.43 -15.10
CA SER B 848 7.38 -2.13 -14.51
C SER B 848 5.90 -1.97 -14.25
N THR B 849 5.04 -2.56 -15.07
CA THR B 849 3.61 -2.43 -14.80
C THR B 849 3.21 -3.19 -13.53
N PHE B 850 3.70 -4.41 -13.33
CA PHE B 850 3.49 -5.04 -12.01
C PHE B 850 4.03 -4.19 -10.87
N ILE B 851 5.25 -3.71 -10.97
CA ILE B 851 5.83 -3.03 -9.81
C ILE B 851 5.08 -1.73 -9.52
N LEU B 852 4.79 -0.94 -10.55
CA LEU B 852 4.13 0.33 -10.35
C LEU B 852 2.67 0.16 -9.94
N SER B 853 2.00 -0.88 -10.40
CA SER B 853 0.61 -1.03 -10.00
C SER B 853 0.49 -1.63 -8.60
N LEU B 854 1.43 -2.49 -8.20
CA LEU B 854 1.39 -3.04 -6.87
C LEU B 854 1.81 -2.03 -5.82
N GLY B 855 2.75 -1.16 -6.14
CA GLY B 855 3.25 -0.23 -5.14
C GLY B 855 2.78 1.20 -5.24
N ASN B 856 2.69 1.73 -6.44
CA ASN B 856 2.51 3.15 -6.69
C ASN B 856 1.06 3.43 -7.09
N LYS B 857 0.81 4.66 -7.54
CA LYS B 857 -0.50 5.09 -8.02
C LYS B 857 -0.38 5.69 -9.41
N PRO B 858 -1.41 5.56 -10.24
CA PRO B 858 -1.29 6.04 -11.63
C PRO B 858 -1.08 7.53 -11.74
N LYS B 859 -1.59 8.32 -10.79
CA LYS B 859 -1.42 9.77 -10.86
C LYS B 859 0.02 10.17 -10.65
N SER B 860 0.73 9.47 -9.77
CA SER B 860 2.13 9.80 -9.48
C SER B 860 3.00 9.63 -10.70
N THR B 861 2.74 8.59 -11.50
CA THR B 861 3.56 8.26 -12.66
C THR B 861 2.67 8.14 -13.89
N GLU B 862 2.49 9.24 -14.60
CA GLU B 862 1.70 9.25 -15.82
C GLU B 862 2.56 9.19 -17.07
N LYS B 863 3.72 9.84 -17.03
CA LYS B 863 4.65 9.76 -18.16
C LYS B 863 4.97 8.32 -18.48
N PHE B 864 5.17 7.49 -17.44
CA PHE B 864 5.52 6.11 -17.70
C PHE B 864 4.39 5.35 -18.37
N TYR B 865 3.14 5.58 -17.94
CA TYR B 865 2.04 4.85 -18.55
C TYR B 865 1.82 5.26 -19.99
N VAL B 866 2.00 6.55 -20.29
CA VAL B 866 1.93 6.97 -21.69
C VAL B 866 3.03 6.29 -22.50
N LEU B 867 4.24 6.23 -21.93
CA LEU B 867 5.34 5.58 -22.65
C LEU B 867 5.08 4.10 -22.85
N THR B 868 4.51 3.43 -21.85
CA THR B 868 4.16 2.02 -21.98
C THR B 868 3.15 1.80 -23.09
N CYS B 869 2.12 2.64 -23.16
CA CYS B 869 1.14 2.49 -24.22
C CYS B 869 1.77 2.71 -25.58
N VAL B 870 2.72 3.65 -25.68
CA VAL B 870 3.39 3.86 -26.97
C VAL B 870 4.24 2.65 -27.35
N ILE B 871 4.94 2.07 -26.37
CA ILE B 871 5.78 0.90 -26.64
C ILE B 871 4.92 -0.24 -27.17
N PHE B 872 3.79 -0.49 -26.52
CA PHE B 872 2.93 -1.59 -26.95
C PHE B 872 2.29 -1.30 -28.31
N ALA B 873 1.98 -0.04 -28.61
CA ALA B 873 1.49 0.29 -29.95
C ALA B 873 2.53 -0.05 -31.01
N VAL B 874 3.80 0.29 -30.76
CA VAL B 874 4.85 -0.03 -31.73
C VAL B 874 4.98 -1.54 -31.87
N MET B 875 4.91 -2.27 -30.76
CA MET B 875 4.95 -3.73 -30.84
C MET B 875 3.83 -4.27 -31.73
N MET B 876 2.62 -3.75 -31.57
CA MET B 876 1.51 -4.23 -32.37
C MET B 876 1.72 -3.92 -33.85
N ILE B 877 2.25 -2.74 -34.15
CA ILE B 877 2.57 -2.41 -35.54
C ILE B 877 3.56 -3.42 -36.11
N TYR B 878 4.57 -3.78 -35.32
CA TYR B 878 5.55 -4.75 -35.79
C TYR B 878 4.91 -6.11 -36.05
N MET B 879 3.88 -6.43 -35.25
CA MET B 879 3.20 -7.74 -35.36
C MET B 879 2.43 -7.76 -36.66
N ILE B 880 1.84 -6.64 -37.02
CA ILE B 880 1.06 -6.54 -38.25
C ILE B 880 1.99 -6.60 -39.45
N PHE B 881 3.12 -5.91 -39.38
CA PHE B 881 4.11 -6.00 -40.46
C PHE B 881 4.57 -7.43 -40.66
N CYS B 882 4.87 -8.13 -39.57
CA CYS B 882 5.36 -9.50 -39.69
C CYS B 882 4.33 -10.40 -40.35
N SER B 883 3.07 -10.29 -39.95
CA SER B 883 2.03 -11.12 -40.54
C SER B 883 1.85 -10.82 -42.02
N ILE B 884 1.81 -9.54 -42.39
CA ILE B 884 1.65 -9.20 -43.79
C ILE B 884 2.83 -9.70 -44.62
N PHE B 885 4.04 -9.53 -44.11
CA PHE B 885 5.23 -9.99 -44.82
C PHE B 885 5.19 -11.49 -45.03
N MET B 886 4.91 -12.24 -43.96
CA MET B 886 4.87 -13.70 -44.07
C MET B 886 3.81 -14.14 -45.06
N SER B 887 2.64 -13.52 -45.02
CA SER B 887 1.56 -13.93 -45.90
C SER B 887 1.87 -13.60 -47.35
N VAL B 888 2.44 -12.43 -47.62
CA VAL B 888 2.79 -12.07 -48.98
C VAL B 888 3.81 -13.05 -49.53
N LYS B 889 4.84 -13.35 -48.75
CA LYS B 889 5.86 -14.28 -49.23
C LYS B 889 5.27 -15.68 -49.41
N SER B 890 4.35 -16.09 -48.54
CA SER B 890 3.76 -17.41 -48.67
C SER B 890 2.89 -17.51 -49.92
N PHE B 891 2.13 -16.44 -50.22
CA PHE B 891 1.34 -16.45 -51.45
C PHE B 891 2.23 -16.48 -52.67
N GLN B 892 3.35 -15.76 -52.65
CA GLN B 892 4.27 -15.84 -53.78
C GLN B 892 4.89 -17.23 -53.90
N ASN B 893 5.19 -17.86 -52.77
CA ASN B 893 5.75 -19.21 -52.80
C ASN B 893 4.76 -20.21 -53.39
N ARG B 912 -0.76 -18.24 -43.91
CA ARG B 912 -1.80 -18.53 -44.93
C ARG B 912 -3.18 -18.58 -44.28
N ASP B 913 -3.31 -19.30 -43.16
CA ASP B 913 -4.58 -19.36 -42.41
C ASP B 913 -4.64 -18.12 -41.50
N ILE B 914 -3.54 -17.37 -41.41
CA ILE B 914 -3.49 -16.13 -40.58
C ILE B 914 -4.30 -15.05 -41.30
N VAL B 915 -4.75 -15.33 -42.52
CA VAL B 915 -5.51 -14.34 -43.33
C VAL B 915 -6.94 -14.83 -43.52
N ILE B 916 -7.16 -16.13 -43.39
CA ILE B 916 -8.52 -16.71 -43.61
C ILE B 916 -9.31 -16.60 -42.31
N SER B 917 -8.60 -16.45 -41.19
CA SER B 917 -9.25 -16.32 -39.87
C SER B 917 -9.32 -14.84 -39.49
N LEU B 918 -8.20 -14.12 -39.58
CA LEU B 918 -8.20 -12.71 -39.12
C LEU B 918 -8.99 -11.86 -40.10
N GLY B 919 -8.96 -12.22 -41.39
CA GLY B 919 -9.77 -11.48 -42.38
C GLY B 919 -11.25 -11.69 -42.12
N SER B 920 -11.65 -12.90 -41.72
CA SER B 920 -13.05 -13.16 -41.39
C SER B 920 -13.47 -12.28 -40.20
N THR B 921 -12.61 -12.15 -39.19
CA THR B 921 -12.99 -11.38 -37.98
C THR B 921 -13.26 -9.92 -38.37
N TYR B 922 -12.45 -9.37 -39.27
CA TYR B 922 -12.74 -7.99 -39.74
C TYR B 922 -13.93 -8.02 -40.68
N CYS B 923 -13.98 -8.98 -41.61
CA CYS B 923 -15.15 -8.94 -42.47
C CYS B 923 -16.44 -9.11 -41.69
N LEU B 924 -16.42 -9.96 -40.65
CA LEU B 924 -17.62 -10.12 -39.84
C LEU B 924 -17.91 -8.90 -38.97
N TYR B 925 -16.87 -8.26 -38.43
CA TYR B 925 -17.08 -6.98 -37.74
C TYR B 925 -17.74 -5.97 -38.66
N LEU B 926 -17.21 -5.86 -39.89
CA LEU B 926 -17.74 -4.88 -40.84
C LEU B 926 -19.18 -5.21 -41.23
N ILE B 927 -19.48 -6.48 -41.45
CA ILE B 927 -20.83 -6.85 -41.85
C ILE B 927 -21.82 -6.62 -40.72
N SER B 928 -21.42 -6.89 -39.47
CA SER B 928 -22.30 -6.60 -38.34
C SER B 928 -22.57 -5.10 -38.24
N SER B 929 -21.52 -4.29 -38.41
CA SER B 929 -21.74 -2.85 -38.40
C SER B 929 -22.70 -2.42 -39.50
N ILE B 930 -22.58 -3.02 -40.69
CA ILE B 930 -23.48 -2.66 -41.78
C ILE B 930 -24.92 -3.08 -41.46
N ILE B 931 -25.10 -4.27 -40.90
CA ILE B 931 -26.45 -4.70 -40.52
C ILE B 931 -27.05 -3.73 -39.51
N TYR B 932 -26.24 -3.26 -38.56
CA TYR B 932 -26.73 -2.36 -37.53
C TYR B 932 -27.03 -0.95 -38.05
N LEU B 933 -26.74 -0.67 -39.32
CA LEU B 933 -27.00 0.64 -39.92
C LEU B 933 -26.27 1.76 -39.18
N GLN B 934 -25.03 1.50 -38.75
CA GLN B 934 -24.23 2.51 -38.06
C GLN B 934 -22.75 2.15 -38.23
N PRO B 935 -22.22 2.29 -39.45
CA PRO B 935 -20.86 1.82 -39.75
C PRO B 935 -19.76 2.87 -39.69
N TRP B 936 -20.08 4.11 -39.36
CA TRP B 936 -19.12 5.19 -39.55
C TRP B 936 -17.94 5.13 -38.60
N HIS B 937 -18.01 4.29 -37.57
CA HIS B 937 -16.89 4.06 -36.68
C HIS B 937 -15.90 3.05 -37.22
N MET B 938 -16.25 2.35 -38.30
CA MET B 938 -15.39 1.25 -38.81
C MET B 938 -14.22 1.80 -39.63
N LEU B 939 -14.07 3.11 -39.72
CA LEU B 939 -12.93 3.72 -40.38
C LEU B 939 -12.36 4.89 -39.61
N THR B 940 -13.20 5.70 -38.96
CA THR B 940 -12.68 6.85 -38.24
C THR B 940 -11.86 6.44 -37.02
N SER B 941 -12.13 5.27 -36.47
CA SER B 941 -11.58 4.93 -35.16
C SER B 941 -11.10 3.49 -35.04
N PHE B 942 -10.96 2.76 -36.14
CA PHE B 942 -10.52 1.37 -36.05
C PHE B 942 -9.03 1.27 -35.75
N ILE B 943 -8.23 2.11 -36.40
CA ILE B 943 -6.78 2.04 -36.24
C ILE B 943 -6.38 2.32 -34.80
N GLN B 944 -7.00 3.32 -34.18
CA GLN B 944 -6.67 3.64 -32.80
C GLN B 944 -6.98 2.48 -31.88
N TYR B 945 -8.11 1.82 -32.09
CA TYR B 945 -8.42 0.66 -31.28
C TYR B 945 -7.41 -0.46 -31.48
N ILE B 946 -7.02 -0.71 -32.73
CA ILE B 946 -6.04 -1.76 -32.97
C ILE B 946 -4.73 -1.45 -32.27
N LEU B 947 -4.32 -0.19 -32.33
CA LEU B 947 -3.00 0.18 -31.76
C LEU B 947 -3.11 0.26 -30.24
N LEU B 948 -4.25 0.68 -29.70
CA LEU B 948 -4.32 0.85 -28.22
C LEU B 948 -4.90 -0.43 -27.63
N SER B 949 -4.79 -1.54 -28.34
CA SER B 949 -5.37 -2.82 -27.88
C SER B 949 -4.33 -3.68 -27.18
N PRO B 950 -3.05 -3.68 -27.55
CA PRO B 950 -2.06 -4.42 -26.81
C PRO B 950 -1.97 -3.86 -25.39
N SER B 951 -2.51 -2.66 -25.14
CA SER B 951 -2.44 -1.98 -23.83
C SER B 951 -3.68 -2.29 -23.00
N TYR B 952 -4.78 -2.64 -23.65
CA TYR B 952 -6.00 -3.04 -22.92
C TYR B 952 -5.79 -4.45 -22.41
N ILE B 953 -4.90 -5.21 -23.07
CA ILE B 953 -4.63 -6.56 -22.59
C ILE B 953 -3.59 -6.54 -21.48
N ASN B 954 -2.60 -5.66 -21.56
CA ASN B 954 -1.42 -5.76 -20.72
C ASN B 954 -1.30 -4.71 -19.64
N VAL B 955 -1.95 -3.57 -19.75
CA VAL B 955 -1.84 -2.52 -18.76
C VAL B 955 -3.08 -2.43 -17.89
N LEU B 956 -4.26 -2.49 -18.49
CA LEU B 956 -5.48 -2.41 -17.70
C LEU B 956 -5.73 -3.68 -16.92
N ASN B 957 -5.36 -4.83 -17.47
CA ASN B 957 -5.57 -6.09 -16.77
C ASN B 957 -4.62 -6.25 -15.60
N ILE B 958 -3.34 -5.92 -15.81
CA ILE B 958 -2.37 -6.01 -14.75
C ILE B 958 -2.75 -5.08 -13.61
N TYR B 959 -3.11 -3.84 -13.94
CA TYR B 959 -3.52 -2.90 -12.91
C TYR B 959 -4.81 -3.36 -12.24
N ALA B 960 -5.73 -3.96 -13.00
CA ALA B 960 -7.00 -4.37 -12.44
C ALA B 960 -6.81 -5.48 -11.41
N PHE B 961 -6.07 -6.53 -11.76
CA PHE B 961 -5.86 -7.60 -10.79
C PHE B 961 -4.88 -7.26 -9.69
N CYS B 962 -3.98 -6.31 -9.89
CA CYS B 962 -3.07 -5.96 -8.82
C CYS B 962 -3.67 -5.01 -7.81
N ASN B 963 -4.88 -4.52 -8.04
CA ASN B 963 -5.55 -3.56 -7.16
C ASN B 963 -6.99 -3.94 -6.91
N VAL B 964 -7.22 -5.19 -6.50
CA VAL B 964 -8.58 -5.70 -6.43
C VAL B 964 -9.41 -4.93 -5.43
N HIS B 965 -8.90 -4.73 -4.21
CA HIS B 965 -9.76 -4.33 -3.11
C HIS B 965 -9.57 -2.93 -2.56
N ASP B 966 -8.56 -2.18 -3.00
CA ASP B 966 -8.36 -0.81 -2.53
C ASP B 966 -8.14 -0.78 -1.01
N LEU B 967 -7.01 -1.34 -0.61
CA LEU B 967 -6.70 -1.53 0.80
C LEU B 967 -6.35 -0.22 1.47
N SER B 968 -6.50 -0.20 2.80
CA SER B 968 -6.11 0.95 3.62
C SER B 968 -5.71 0.40 4.98
N TRP B 969 -4.40 0.27 5.19
CA TRP B 969 -3.91 -0.42 6.38
C TRP B 969 -4.14 0.43 7.63
N ASN B 977 -5.26 9.82 29.74
CA ASN B 977 -6.27 10.82 30.09
C ASN B 977 -5.60 12.19 30.12
N PRO B 978 -6.36 13.27 29.91
CA PRO B 978 -5.86 14.60 30.30
C PRO B 978 -6.04 14.78 31.79
N LEU B 979 -4.94 14.76 32.53
CA LEU B 979 -4.99 14.60 33.98
C LEU B 979 -4.47 15.82 34.74
N GLY B 980 -4.45 16.99 34.12
CA GLY B 980 -4.02 18.18 34.82
C GLY B 980 -4.14 19.41 33.95
N LYS B 981 -3.88 20.56 34.57
CA LYS B 981 -3.80 21.86 33.92
C LYS B 981 -3.37 22.88 34.95
N ILE B 982 -2.62 23.91 34.55
CA ILE B 982 -2.23 24.96 35.49
C ILE B 982 -2.34 26.31 34.80
N ASN B 983 -3.21 27.18 35.35
CA ASN B 983 -3.33 28.56 34.92
C ASN B 983 -3.03 29.45 36.13
N THR B 984 -2.12 30.41 35.94
CA THR B 984 -1.74 31.31 37.01
C THR B 984 -1.75 32.75 36.49
N THR B 985 -1.59 33.69 37.42
CA THR B 985 -1.60 35.11 37.10
C THR B 985 -0.21 35.53 36.63
N GLU B 986 -0.02 36.83 36.43
CA GLU B 986 1.28 37.33 35.99
C GLU B 986 2.36 37.05 37.03
N ASP B 987 2.01 37.15 38.31
CA ASP B 987 2.95 36.79 39.37
C ASP B 987 3.28 35.30 39.31
N GLY B 988 2.28 34.45 39.06
CA GLY B 988 2.49 33.02 39.00
C GLY B 988 2.28 32.31 40.32
N THR B 989 1.12 32.54 40.94
CA THR B 989 0.77 31.90 42.20
C THR B 989 -0.60 31.26 42.08
N PHE B 990 -0.74 30.05 42.60
CA PHE B 990 -1.98 29.30 42.56
C PHE B 990 -1.81 28.12 43.49
N LYS B 991 -2.88 27.36 43.69
CA LYS B 991 -2.80 26.16 44.52
C LYS B 991 -3.92 25.21 44.14
N MET B 992 -3.63 23.91 44.24
CA MET B 992 -4.65 22.88 44.17
C MET B 992 -4.39 21.83 45.25
N GLU B 993 -5.19 20.77 45.27
CA GLU B 993 -5.03 19.73 46.27
C GLU B 993 -3.80 18.89 45.99
N VAL B 994 -3.04 18.60 47.04
CA VAL B 994 -1.83 17.80 46.97
C VAL B 994 -1.97 16.62 47.91
N LEU B 995 -1.53 15.45 47.48
CA LEU B 995 -1.65 14.26 48.31
C LEU B 995 -0.62 14.35 49.43
N VAL B 996 -0.93 15.18 50.43
CA VAL B 996 0.01 15.44 51.52
C VAL B 996 0.15 14.21 52.43
N SER B 997 -0.97 13.55 52.72
CA SER B 997 -0.99 12.47 53.70
C SER B 997 -0.01 11.36 53.31
N SER B 998 1.00 11.17 54.15
CA SER B 998 2.03 10.17 53.87
C SER B 998 1.47 8.77 53.79
N SER B 999 0.34 8.51 54.45
CA SER B 999 -0.28 7.20 54.36
C SER B 999 -0.72 6.90 52.93
N GLU B 1000 -1.23 7.91 52.23
CA GLU B 1000 -1.62 7.71 50.83
C GLU B 1000 -0.41 7.57 49.92
N ILE B 1001 0.69 8.25 50.23
CA ILE B 1001 1.94 8.01 49.51
C ILE B 1001 2.36 6.56 49.64
N GLN B 1002 2.38 6.05 50.87
CA GLN B 1002 2.72 4.64 51.08
C GLN B 1002 1.72 3.73 50.39
N ALA B 1003 0.45 4.14 50.31
CA ALA B 1003 -0.55 3.33 49.63
C ALA B 1003 -0.23 3.21 48.13
N ASN B 1004 0.11 4.33 47.49
CA ASN B 1004 0.45 4.30 46.07
C ASN B 1004 1.72 3.48 45.84
N TYR B 1005 2.71 3.64 46.73
CA TYR B 1005 3.94 2.88 46.60
C TYR B 1005 3.68 1.38 46.72
N ASP B 1006 2.83 0.99 47.66
CA ASP B 1006 2.47 -0.42 47.78
C ASP B 1006 1.66 -0.89 46.57
N LYS B 1007 0.89 0.02 45.96
CA LYS B 1007 0.13 -0.34 44.77
C LYS B 1007 1.06 -0.73 43.63
N TYR B 1008 2.06 0.13 43.34
CA TYR B 1008 3.09 -0.27 42.38
C TYR B 1008 3.92 -1.47 42.81
N LEU B 1009 4.20 -1.63 44.10
CA LEU B 1009 4.93 -2.83 44.52
C LEU B 1009 4.13 -4.09 44.17
N LYS B 1010 2.82 -4.07 44.42
CA LYS B 1010 1.99 -5.21 44.05
C LYS B 1010 1.84 -5.34 42.54
N VAL B 1011 1.84 -4.22 41.82
CA VAL B 1011 1.80 -4.27 40.35
C VAL B 1011 3.04 -5.00 39.84
N LEU B 1012 4.20 -4.71 40.41
CA LEU B 1012 5.39 -5.49 40.11
C LEU B 1012 5.24 -6.94 40.54
N ASN B 1013 4.55 -7.18 41.65
CA ASN B 1013 4.40 -8.53 42.19
C ASN B 1013 3.39 -9.38 41.42
N ASP B 1014 2.59 -8.81 40.51
CA ASP B 1014 1.53 -9.57 39.86
C ASP B 1014 1.99 -10.24 38.57
N PHE B 1015 3.28 -10.55 38.43
CA PHE B 1015 3.79 -11.15 37.21
C PHE B 1015 3.18 -12.52 36.96
N GLU B 1025 -7.32 -10.14 19.28
CA GLU B 1025 -7.06 -9.59 17.96
C GLU B 1025 -7.52 -8.14 17.87
N PRO B 1026 -6.79 -7.31 17.15
CA PRO B 1026 -7.17 -5.90 17.01
C PRO B 1026 -8.42 -5.69 16.19
N SER B 1027 -8.68 -4.42 15.86
CA SER B 1027 -9.94 -3.96 15.30
C SER B 1027 -10.49 -4.87 14.20
N TYR B 1028 -11.81 -5.02 14.16
CA TYR B 1028 -12.44 -5.72 13.05
C TYR B 1028 -12.05 -5.09 11.72
N ASP B 1029 -11.80 -3.79 11.70
CA ASP B 1029 -11.33 -3.15 10.46
C ASP B 1029 -9.98 -3.68 10.04
N GLU B 1030 -9.07 -3.88 10.98
CA GLU B 1030 -7.75 -4.39 10.62
C GLU B 1030 -7.81 -5.84 10.19
N LYS B 1031 -8.65 -6.64 10.84
CA LYS B 1031 -8.82 -8.03 10.40
C LYS B 1031 -9.44 -8.10 9.01
N LYS B 1032 -10.41 -7.23 8.74
CA LYS B 1032 -11.02 -7.19 7.42
C LYS B 1032 -10.01 -6.75 6.36
N THR B 1033 -9.17 -5.76 6.68
CA THR B 1033 -8.10 -5.37 5.75
C THR B 1033 -7.12 -6.49 5.52
N GLY B 1034 -6.80 -7.26 6.57
CA GLY B 1034 -5.94 -8.40 6.38
C GLY B 1034 -6.53 -9.41 5.41
N TYR B 1035 -7.80 -9.74 5.58
CA TYR B 1035 -8.44 -10.68 4.66
C TYR B 1035 -8.48 -10.14 3.24
N TYR B 1036 -8.80 -8.87 3.09
CA TYR B 1036 -8.88 -8.28 1.75
C TYR B 1036 -7.54 -8.31 1.07
N ALA B 1037 -6.47 -7.98 1.78
CA ALA B 1037 -5.15 -8.00 1.17
C ALA B 1037 -4.62 -9.41 0.98
N ASN B 1038 -5.16 -10.43 1.63
CA ASN B 1038 -4.65 -11.80 1.33
C ASN B 1038 -5.37 -12.37 0.11
N VAL B 1039 -6.54 -11.82 -0.24
CA VAL B 1039 -7.31 -12.29 -1.43
C VAL B 1039 -6.81 -11.54 -2.66
N ARG B 1040 -6.34 -10.30 -2.54
CA ARG B 1040 -5.74 -9.61 -3.70
C ARG B 1040 -4.39 -10.25 -4.04
N SER B 1041 -3.74 -10.90 -3.10
CA SER B 1041 -2.38 -11.43 -3.32
C SER B 1041 -2.46 -12.87 -3.78
N LEU B 1042 -3.62 -13.49 -3.68
CA LEU B 1042 -3.79 -14.88 -4.16
C LEU B 1042 -4.33 -14.85 -5.58
N VAL B 1043 -5.00 -13.76 -6.00
CA VAL B 1043 -5.48 -13.76 -7.37
C VAL B 1043 -4.34 -13.42 -8.34
N ILE B 1044 -3.42 -12.56 -7.95
CA ILE B 1044 -2.29 -12.22 -8.82
C ILE B 1044 -1.41 -13.45 -9.02
N ILE B 1045 -1.12 -14.16 -7.94
CA ILE B 1045 -0.22 -15.31 -8.05
C ILE B 1045 -0.83 -16.38 -8.93
N TRP B 1047 -3.17 -15.98 -11.25
CA TRP B 1047 -3.23 -15.46 -12.62
C TRP B 1047 -1.89 -15.64 -13.32
N VAL B 1048 -0.81 -15.17 -12.69
CA VAL B 1048 0.50 -15.21 -13.31
C VAL B 1048 0.95 -16.65 -13.53
N ILE B 1049 0.78 -17.50 -12.52
CA ILE B 1049 1.26 -18.87 -12.64
C ILE B 1049 0.48 -19.64 -13.69
N THR B 1050 -0.84 -19.50 -13.73
CA THR B 1050 -1.60 -20.27 -14.71
C THR B 1050 -1.43 -19.74 -16.12
N ASN B 1051 -1.04 -18.48 -16.31
CA ASN B 1051 -0.66 -18.07 -17.65
C ASN B 1051 0.73 -18.58 -18.03
N PHE B 1052 1.66 -18.54 -17.08
CA PHE B 1052 2.99 -19.03 -17.40
C PHE B 1052 2.98 -20.53 -17.66
N ILE B 1053 2.04 -21.27 -17.09
CA ILE B 1053 1.98 -22.69 -17.39
C ILE B 1053 1.73 -22.90 -18.88
N ILE B 1054 0.82 -22.12 -19.46
CA ILE B 1054 0.54 -22.21 -20.88
C ILE B 1054 1.77 -21.82 -21.70
N VAL B 1055 2.43 -20.72 -21.31
CA VAL B 1055 3.62 -20.30 -22.04
C VAL B 1055 4.70 -21.38 -22.01
N ALA B 1056 4.91 -21.99 -20.85
CA ALA B 1056 5.94 -23.02 -20.71
C ALA B 1056 5.60 -24.27 -21.50
N VAL B 1057 4.33 -24.67 -21.49
CA VAL B 1057 3.96 -25.86 -22.23
C VAL B 1057 4.14 -25.66 -23.72
N VAL B 1058 3.80 -24.47 -24.22
CA VAL B 1058 3.85 -24.26 -25.67
C VAL B 1058 5.27 -23.98 -26.15
N LEU B 1059 5.94 -23.01 -25.54
CA LEU B 1059 7.28 -22.62 -25.99
C LEU B 1059 8.39 -23.49 -25.44
N GLU B 1060 8.09 -24.35 -24.47
CA GLU B 1060 9.09 -25.20 -23.83
C GLU B 1060 10.11 -24.36 -23.05
N THR B 1061 9.61 -23.38 -22.32
CA THR B 1061 10.40 -22.59 -21.41
C THR B 1061 10.38 -23.32 -20.06
N GLY B 1062 10.86 -22.67 -19.00
CA GLY B 1062 10.79 -23.28 -17.69
C GLY B 1062 11.67 -24.49 -17.50
N GLY B 1063 12.64 -24.70 -18.39
CA GLY B 1063 13.51 -25.85 -18.27
C GLY B 1063 12.96 -27.13 -18.83
N ILE B 1064 11.80 -27.11 -19.46
CA ILE B 1064 11.21 -28.33 -19.99
C ILE B 1064 12.01 -28.82 -21.20
N ALA B 1065 12.43 -27.91 -22.07
CA ALA B 1065 13.21 -28.32 -23.23
C ALA B 1065 14.55 -28.90 -22.82
N ASP B 1066 15.17 -28.33 -21.78
CA ASP B 1066 16.39 -28.90 -21.23
C ASP B 1066 16.12 -30.29 -20.70
N TYR B 1067 14.99 -30.47 -20.01
CA TYR B 1067 14.64 -31.78 -19.47
C TYR B 1067 14.51 -32.82 -20.57
N ILE B 1068 13.85 -32.44 -21.67
CA ILE B 1068 13.70 -33.38 -22.79
C ILE B 1068 15.06 -33.69 -23.40
N ALA B 1069 15.92 -32.69 -23.53
CA ALA B 1069 17.25 -32.93 -24.09
C ALA B 1069 18.04 -33.89 -23.21
N MET B 1070 17.99 -33.69 -21.89
CA MET B 1070 18.75 -34.56 -21.01
C MET B 1070 18.20 -35.98 -21.04
N LYS B 1071 16.88 -36.13 -21.16
CA LYS B 1071 16.32 -37.47 -21.33
C LYS B 1071 16.83 -38.12 -22.59
N SER B 1072 16.87 -37.37 -23.70
CA SER B 1072 17.38 -37.93 -24.95
C SER B 1072 18.83 -38.36 -24.81
N ILE B 1073 19.63 -37.59 -24.08
CA ILE B 1073 21.02 -38.00 -23.84
C ILE B 1073 21.08 -39.26 -22.98
N SER B 1074 20.15 -39.40 -22.03
CA SER B 1074 20.23 -40.50 -21.07
C SER B 1074 20.18 -41.86 -21.74
N THR B 1075 19.49 -41.97 -22.88
CA THR B 1075 19.37 -43.23 -23.59
C THR B 1075 20.71 -43.67 -24.17
N ALA B 1085 23.04 -34.11 -26.80
CA ALA B 1085 21.94 -33.69 -27.66
C ALA B 1085 21.70 -32.19 -27.52
N GLU B 1086 20.83 -31.66 -28.37
CA GLU B 1086 20.67 -30.24 -28.53
C GLU B 1086 19.19 -29.87 -28.53
N ILE B 1087 18.92 -28.63 -28.14
CA ILE B 1087 17.57 -28.10 -28.01
C ILE B 1087 17.12 -27.55 -29.37
N PRO B 1088 15.86 -27.71 -29.76
CA PRO B 1088 15.39 -27.12 -31.00
C PRO B 1088 14.92 -25.69 -30.81
N LEU B 1089 15.06 -24.91 -31.89
CA LEU B 1089 14.70 -23.50 -31.86
C LEU B 1089 13.19 -23.32 -31.71
N MET B 1090 12.42 -23.80 -32.68
CA MET B 1090 10.97 -23.68 -32.68
C MET B 1090 10.38 -25.05 -32.98
N THR B 1091 9.35 -25.38 -32.19
CA THR B 1091 8.74 -26.74 -32.26
C THR B 1091 7.39 -26.73 -32.98
N SER B 1092 6.69 -27.86 -32.92
CA SER B 1092 5.40 -27.97 -33.56
C SER B 1092 4.23 -27.60 -32.67
N LYS B 1093 4.42 -27.62 -31.35
CA LYS B 1093 3.40 -27.11 -30.44
C LYS B 1093 3.08 -25.65 -30.74
N ALA B 1094 4.08 -24.88 -31.17
CA ALA B 1094 3.85 -23.49 -31.50
C ALA B 1094 2.88 -23.36 -32.66
N SER B 1095 3.10 -24.15 -33.71
CA SER B 1095 2.17 -24.11 -34.84
C SER B 1095 0.77 -24.53 -34.43
N ILE B 1096 0.65 -25.61 -33.67
CA ILE B 1096 -0.68 -26.08 -33.29
C ILE B 1096 -1.41 -25.04 -32.46
N TYR B 1097 -0.72 -24.46 -31.47
CA TYR B 1097 -1.33 -23.43 -30.64
C TYR B 1097 -1.70 -22.20 -31.44
N PHE B 1098 -0.84 -21.79 -32.35
CA PHE B 1098 -1.05 -20.53 -33.03
C PHE B 1098 -2.16 -20.67 -34.05
N ASN B 1099 -2.47 -21.91 -34.45
CA ASN B 1099 -3.72 -22.15 -35.17
C ASN B 1099 -4.92 -22.12 -34.25
N VAL B 1100 -4.81 -22.74 -33.07
CA VAL B 1100 -5.94 -22.81 -32.14
C VAL B 1100 -6.42 -21.41 -31.77
N ILE B 1101 -5.50 -20.49 -31.48
CA ILE B 1101 -5.92 -19.14 -31.08
C ILE B 1101 -6.64 -18.42 -32.21
N LEU B 1102 -6.09 -18.46 -33.41
CA LEU B 1102 -6.73 -17.74 -34.51
C LEU B 1102 -8.13 -18.28 -34.78
N TRP B 1103 -8.29 -19.60 -34.78
CA TRP B 1103 -9.64 -20.11 -35.02
C TRP B 1103 -10.57 -19.92 -33.83
N LEU B 1104 -10.05 -19.92 -32.62
CA LEU B 1104 -10.88 -19.68 -31.46
C LEU B 1104 -11.28 -18.22 -31.32
N VAL B 1105 -10.56 -17.30 -31.96
CA VAL B 1105 -11.01 -15.90 -31.99
C VAL B 1105 -11.87 -15.63 -33.21
N ALA B 1106 -11.78 -16.44 -34.26
CA ALA B 1106 -12.75 -16.33 -35.33
C ALA B 1106 -14.11 -16.88 -34.92
N LEU B 1107 -14.13 -17.92 -34.09
CA LEU B 1107 -15.38 -18.54 -33.69
C LEU B 1107 -16.26 -17.57 -32.89
N SER B 1108 -15.67 -16.81 -31.98
CA SER B 1108 -16.48 -15.90 -31.18
C SER B 1108 -17.08 -14.80 -32.04
N ALA B 1109 -16.30 -14.30 -33.00
CA ALA B 1109 -16.84 -13.32 -33.93
C ALA B 1109 -17.98 -13.90 -34.74
N LEU B 1110 -17.88 -15.17 -35.13
CA LEU B 1110 -18.97 -15.80 -35.86
C LEU B 1110 -20.23 -15.87 -35.00
N ILE B 1111 -20.08 -16.32 -33.75
CA ILE B 1111 -21.24 -16.46 -32.86
C ILE B 1111 -21.90 -15.11 -32.65
N ARG B 1112 -21.11 -14.07 -32.41
CA ARG B 1112 -21.70 -12.77 -32.14
C ARG B 1112 -22.30 -12.15 -33.38
N PHE B 1113 -21.76 -12.44 -34.56
CA PHE B 1113 -22.40 -11.98 -35.79
C PHE B 1113 -23.76 -12.63 -35.96
N ILE B 1114 -23.85 -13.93 -35.69
CA ILE B 1114 -25.14 -14.60 -35.80
C ILE B 1114 -26.13 -14.01 -34.79
N GLY B 1115 -25.66 -13.72 -33.58
CA GLY B 1115 -26.54 -13.13 -32.58
C GLY B 1115 -27.06 -11.76 -32.97
N CYS B 1116 -26.19 -10.90 -33.48
CA CYS B 1116 -26.62 -9.59 -33.92
C CYS B 1116 -27.60 -9.68 -35.07
N SER B 1117 -27.36 -10.62 -36.00
CA SER B 1117 -28.30 -10.80 -37.11
C SER B 1117 -29.66 -11.25 -36.62
N ILE B 1118 -29.70 -12.19 -35.69
CA ILE B 1118 -30.99 -12.63 -35.16
C ILE B 1118 -31.71 -11.46 -34.50
N TYR B 1119 -30.99 -10.67 -33.73
CA TYR B 1119 -31.61 -9.53 -33.05
C TYR B 1119 -32.25 -8.58 -34.06
N MET B 1120 -31.49 -8.18 -35.07
CA MET B 1120 -32.02 -7.23 -36.05
C MET B 1120 -33.21 -7.81 -36.79
N ILE B 1121 -33.14 -9.09 -37.15
CA ILE B 1121 -34.22 -9.70 -37.93
C ILE B 1121 -35.51 -9.78 -37.11
N VAL B 1122 -35.40 -10.22 -35.86
CA VAL B 1122 -36.58 -10.32 -35.00
C VAL B 1122 -37.18 -8.94 -34.77
N ARG B 1123 -36.34 -7.94 -34.51
CA ARG B 1123 -36.84 -6.59 -34.32
C ARG B 1123 -37.56 -6.11 -35.57
N PHE B 1124 -37.03 -6.44 -36.74
CA PHE B 1124 -37.66 -6.01 -37.98
C PHE B 1124 -39.02 -6.65 -38.19
N PHE B 1125 -39.15 -7.97 -37.94
CA PHE B 1125 -40.47 -8.58 -38.06
C PHE B 1125 -41.46 -8.01 -37.06
N LYS B 1126 -41.05 -7.82 -35.81
CA LYS B 1126 -41.99 -7.27 -34.84
C LYS B 1126 -42.39 -5.85 -35.21
N LYS B 1127 -41.47 -5.06 -35.75
CA LYS B 1127 -41.80 -3.71 -36.19
C LYS B 1127 -42.74 -3.74 -37.39
N VAL B 1128 -42.50 -4.66 -38.34
CA VAL B 1128 -43.37 -4.77 -39.51
C VAL B 1128 -44.78 -5.12 -39.08
C13 BGI C . 16.12 -2.89 20.13
C17 BGI C . 15.21 0.42 20.62
C20 BGI C . 13.48 1.85 21.10
C24 BGI C . 10.19 2.12 19.15
C28 BGI C . 12.11 3.94 20.57
C01 BGI C . 17.64 -3.49 17.98
C02 BGI C . 18.32 -3.75 19.30
C03 BGI C . 19.14 -5.03 19.20
C04 BGI C . 20.38 -4.85 18.30
C06 BGI C . 22.26 -5.80 17.37
C07 BGI C . 22.57 -4.63 16.70
C08 BGI C . 21.75 -3.52 16.84
C09 BGI C . 20.63 -3.64 17.65
C12 BGI C . 17.26 -3.88 20.40
C16 BGI C . 15.26 -0.52 19.57
C18 BGI C . 14.46 -0.23 21.85
C19 BGI C . 13.10 0.37 21.75
C23 BGI C . 11.37 1.57 19.79
C25 BGI C . 9.94 3.55 19.20
C32 BGI C . 15.51 0.18 18.21
N05 BGI C . 21.18 -5.88 18.15
N15 BGI C . 16.41 -1.48 19.83
N22 BGI C . 12.32 2.44 20.48
N27 BGI C . 10.85 4.44 19.88
N35 BGI C . 16.75 -5.23 20.39
O10 BGI C . 23.72 -4.57 15.90
O11 BGI C . 19.56 -5.40 20.47
O14 BGI C . 15.00 -3.26 20.17
O21 BGI C . 14.37 1.63 20.22
O26 BGI C . 8.98 3.99 18.68
O29 BGI C . 12.86 4.65 21.12
O30 BGI C . 12.50 0.50 23.08
O31 BGI C . 15.11 0.19 23.14
O33 BGI C . 16.53 -0.09 17.53
O34 BGI C . 14.66 1.01 17.76
C13 BGI D . -19.84 8.27 -14.57
C17 BGI D . -21.36 8.35 -11.45
C20 BGI D . -21.34 9.31 -9.37
C24 BGI D . -18.35 9.38 -6.98
C28 BGI D . -21.33 9.10 -6.83
C01 BGI D . -19.26 5.85 -15.64
C02 BGI D . -20.28 6.63 -16.42
C03 BGI D . -20.04 6.44 -17.92
C04 BGI D . -20.40 5.00 -18.36
C06 BGI D . -20.53 3.48 -20.08
C07 BGI D . -20.99 2.49 -19.23
C08 BGI D . -21.16 2.77 -17.88
C09 BGI D . -20.85 4.05 -17.45
C12 BGI D . -20.16 8.12 -16.07
C16 BGI D . -20.29 7.69 -12.10
C18 BGI D . -21.23 9.90 -11.72
C19 BGI D . -20.65 10.39 -10.42
C23 BGI D . -19.14 9.42 -8.19
C25 BGI D . -19.00 9.22 -5.70
C32 BGI D . -20.06 6.28 -11.48
N05 BGI D . -20.25 4.69 -19.63
N15 BGI D . -20.62 7.54 -13.56
N22 BGI D . -20.59 9.28 -8.14
N27 BGI D . -20.43 9.08 -5.61
N35 BGI D . -19.11 8.70 -16.85
O10 BGI D . -21.29 1.22 -19.74
O11 BGI D . -20.81 7.33 -18.63
O14 BGI D . -18.96 8.97 -14.23
O21 BGI D . -21.27 8.17 -9.94
O26 BGI D . -18.34 9.20 -4.71
O29 BGI D . -22.49 8.99 -6.77
O30 BGI D . -21.10 11.77 -10.16
O31 BGI D . -22.59 10.52 -11.94
O33 BGI D . -20.18 5.26 -12.20
O34 BGI D . -19.75 6.16 -10.27
#